data_8VT8
# 
_entry.id   8VT8 
# 
_audit_conform.dict_name       mmcif_pdbx.dic 
_audit_conform.dict_version    5.395 
_audit_conform.dict_location   http://mmcif.pdb.org/dictionaries/ascii/mmcif_pdbx.dic 
# 
loop_
_database_2.database_id 
_database_2.database_code 
_database_2.pdbx_database_accession 
_database_2.pdbx_DOI 
PDB   8VT8         pdb_00008vt8 10.2210/pdb8vt8/pdb 
WWPDB D_1000281152 ?            ?                   
# 
loop_
_pdbx_audit_revision_history.ordinal 
_pdbx_audit_revision_history.data_content_type 
_pdbx_audit_revision_history.major_revision 
_pdbx_audit_revision_history.minor_revision 
_pdbx_audit_revision_history.revision_date 
1 'Structure model' 1 0 2024-08-07 
2 'Structure model' 1 1 2024-08-14 
3 'Structure model' 1 2 2024-09-04 
# 
_pdbx_audit_revision_details.ordinal             1 
_pdbx_audit_revision_details.revision_ordinal    1 
_pdbx_audit_revision_details.data_content_type   'Structure model' 
_pdbx_audit_revision_details.provider            repository 
_pdbx_audit_revision_details.type                'Initial release' 
_pdbx_audit_revision_details.description         ? 
_pdbx_audit_revision_details.details             ? 
# 
loop_
_pdbx_audit_revision_group.ordinal 
_pdbx_audit_revision_group.revision_ordinal 
_pdbx_audit_revision_group.data_content_type 
_pdbx_audit_revision_group.group 
1 2 'Structure model' 'Database references' 
2 3 'Structure model' 'Database references' 
# 
loop_
_pdbx_audit_revision_category.ordinal 
_pdbx_audit_revision_category.revision_ordinal 
_pdbx_audit_revision_category.data_content_type 
_pdbx_audit_revision_category.category 
1 2 'Structure model' citation        
2 2 'Structure model' citation_author 
3 3 'Structure model' citation        
4 3 'Structure model' citation_author 
# 
loop_
_pdbx_audit_revision_item.ordinal 
_pdbx_audit_revision_item.revision_ordinal 
_pdbx_audit_revision_item.data_content_type 
_pdbx_audit_revision_item.item 
1  2 'Structure model' '_citation.country'                 
2  2 'Structure model' '_citation.journal_abbrev'          
3  2 'Structure model' '_citation.journal_id_ASTM'         
4  2 'Structure model' '_citation.journal_id_CSD'          
5  2 'Structure model' '_citation.journal_id_ISSN'         
6  2 'Structure model' '_citation.pdbx_database_id_DOI'    
7  2 'Structure model' '_citation.pdbx_database_id_PubMed' 
8  2 'Structure model' '_citation.title'                   
9  2 'Structure model' '_citation.year'                    
10 2 'Structure model' '_citation_author.identifier_ORCID' 
11 2 'Structure model' '_citation_author.name'             
12 3 'Structure model' '_citation.journal_volume'          
13 3 'Structure model' '_citation.page_first'              
14 3 'Structure model' '_citation.page_last'               
15 3 'Structure model' '_citation_author.identifier_ORCID' 
# 
_pdbx_database_status.status_code                     REL 
_pdbx_database_status.status_code_sf                  REL 
_pdbx_database_status.status_code_mr                  ? 
_pdbx_database_status.entry_id                        8VT8 
_pdbx_database_status.recvd_initial_deposition_date   2024-01-26 
_pdbx_database_status.SG_entry                        N 
_pdbx_database_status.deposit_site                    RCSB 
_pdbx_database_status.process_site                    RCSB 
_pdbx_database_status.status_code_cs                  ? 
_pdbx_database_status.status_code_nmr_data            ? 
_pdbx_database_status.methods_development_category    ? 
_pdbx_database_status.pdb_format_compatible           Y 
# 
_pdbx_contact_author.id                 2 
_pdbx_contact_author.email              andyn@uic.edu 
_pdbx_contact_author.name_first         Andy 
_pdbx_contact_author.name_last          Nguyen 
_pdbx_contact_author.name_mi            I 
_pdbx_contact_author.role               'principal investigator/group leader' 
_pdbx_contact_author.identifier_ORCID   0000-0003-4137-6453 
# 
_audit_author.name               'Ganatra, P.' 
_audit_author.pdbx_ordinal       1 
_audit_author.identifier_ORCID   0000-0002-5836-6772 
# 
_citation.abstract                  ? 
_citation.abstract_id_CAS           ? 
_citation.book_id_ISBN              ? 
_citation.book_publisher            ? 
_citation.book_publisher_city       ? 
_citation.book_title                ? 
_citation.coordinate_linkage        ? 
_citation.country                   US 
_citation.database_id_Medline       ? 
_citation.details                   ? 
_citation.id                        primary 
_citation.journal_abbrev            J.Am.Chem.Soc. 
_citation.journal_id_ASTM           JACSAT 
_citation.journal_id_CSD            ? 
_citation.journal_id_ISSN           1520-5126 
_citation.journal_full              ? 
_citation.journal_issue             ? 
_citation.journal_volume            146 
_citation.language                  ? 
_citation.page_first                22236 
_citation.page_last                 22246 
_citation.title                     'Diverse Proteomimetic Frameworks via Rational Design of pi-Stacking Peptide Tectons.' 
_citation.year                      2024 
_citation.database_id_CSD           ? 
_citation.pdbx_database_id_DOI      10.1021/jacs.4c03094 
_citation.pdbx_database_id_PubMed   39096501 
_citation.pdbx_database_id_patent   ? 
_citation.unpublished_flag          ? 
# 
loop_
_citation_author.citation_id 
_citation_author.name 
_citation_author.ordinal 
_citation_author.identifier_ORCID 
primary 'Ganatra, P.'  1 ? 
primary 'Wang, D.F.'   2 ? 
primary 'Ganatra, V.'  3 ? 
primary 'Dang, V.T.'   4 ? 
primary 'Nguyen, A.I.' 5 ? 
# 
loop_
_entity.id 
_entity.type 
_entity.src_method 
_entity.pdbx_description 
_entity.formula_weight 
_entity.pdbx_number_of_molecules 
_entity.pdbx_ec 
_entity.pdbx_mutation 
_entity.pdbx_fragment 
_entity.details 
1 polymer     syn UIC-13-BIF-A4Dab-NBD-Cl      1657.955 4 ? ? ? ? 
2 non-polymer syn 4-chloro-7-nitrobenzofurazan 199.551  2 ? ? ? ? 
3 non-polymer syn ACETONITRILE                 41.052   2 ? ? ? ? 
4 water       nat water                        18.015   9 ? ? ? ? 
# 
_entity_poly.entity_id                      1 
_entity_poly.type                           'polypeptide(L)' 
_entity_poly.nstd_linkage                   no 
_entity_poly.nstd_monomer                   yes 
_entity_poly.pdbx_seq_one_letter_code       '(Z7Z)A(AIB)(DAB)(AIB)L(AIB)A(AIB)L(AIB)Q(AIB)L(I77)' 
_entity_poly.pdbx_seq_one_letter_code_can   XAAAALAAALAQALX 
_entity_poly.pdbx_strand_id                 A,B,C,D 
_entity_poly.pdbx_target_identifier         ? 
# 
loop_
_pdbx_entity_nonpoly.entity_id 
_pdbx_entity_nonpoly.name 
_pdbx_entity_nonpoly.comp_id 
2 4-chloro-7-nitrobenzofurazan 5Z8 
3 ACETONITRILE                 CCN 
4 water                        HOH 
# 
loop_
_entity_poly_seq.entity_id 
_entity_poly_seq.num 
_entity_poly_seq.mon_id 
_entity_poly_seq.hetero 
1 1  Z7Z n 
1 2  ALA n 
1 3  AIB n 
1 4  DAB n 
1 5  AIB n 
1 6  LEU n 
1 7  AIB n 
1 8  ALA n 
1 9  AIB n 
1 10 LEU n 
1 11 AIB n 
1 12 GLN n 
1 13 AIB n 
1 14 LEU n 
1 15 I77 n 
# 
_pdbx_entity_src_syn.entity_id              1 
_pdbx_entity_src_syn.pdbx_src_id            1 
_pdbx_entity_src_syn.pdbx_alt_source_flag   sample 
_pdbx_entity_src_syn.pdbx_beg_seq_num       1 
_pdbx_entity_src_syn.pdbx_end_seq_num       15 
_pdbx_entity_src_syn.organism_scientific    'synthetic construct' 
_pdbx_entity_src_syn.organism_common_name   ? 
_pdbx_entity_src_syn.ncbi_taxonomy_id       32630 
_pdbx_entity_src_syn.details                ? 
# 
loop_
_chem_comp.id 
_chem_comp.type 
_chem_comp.mon_nstd_flag 
_chem_comp.name 
_chem_comp.pdbx_synonyms 
_chem_comp.formula 
_chem_comp.formula_weight 
5Z8 non-polymer         . 4-chloro-7-nitrobenzofurazan                            
'4-chloranyl-7-nitro-2,1,3-benzoxadiazole; NBD-Cl; 4-nitro-2,1,3-benzoxadiazole (post-reaction)' 'C6 H2 Cl N3 O3' 199.551 
AIB 'L-peptide linking' n 'ALPHA-AMINOISOBUTYRIC ACID'                            ? 'C4 H9 N O2'     103.120 
ALA 'L-peptide linking' y ALANINE                                                 ? 'C3 H7 N O2'     89.093  
CCN non-polymer         . ACETONITRILE                                            ? 'C2 H3 N'        41.052  
DAB 'L-peptide linking' n '2,4-DIAMINOBUTYRIC ACID'                               ? 'C4 H10 N2 O2'   118.134 
GLN 'L-peptide linking' y GLUTAMINE                                               ? 'C5 H10 N2 O3'   146.144 
HOH non-polymer         . WATER                                                   ? 'H2 O'           18.015  
I77 non-polymer         . "5'-(hydrazinecarbonyl)[2,2'-bipyridine]-5-carboxamide" ? 'C12 H11 N5 O2'  257.248 
LEU 'L-peptide linking' y LEUCINE                                                 ? 'C6 H13 N O2'    131.173 
Z7Z non-polymer         . 'biphenyl-4-carboxylic acid'                            ? 'C13 H10 O2'     198.217 
# 
loop_
_pdbx_poly_seq_scheme.asym_id 
_pdbx_poly_seq_scheme.entity_id 
_pdbx_poly_seq_scheme.seq_id 
_pdbx_poly_seq_scheme.mon_id 
_pdbx_poly_seq_scheme.ndb_seq_num 
_pdbx_poly_seq_scheme.pdb_seq_num 
_pdbx_poly_seq_scheme.auth_seq_num 
_pdbx_poly_seq_scheme.pdb_mon_id 
_pdbx_poly_seq_scheme.auth_mon_id 
_pdbx_poly_seq_scheme.pdb_strand_id 
_pdbx_poly_seq_scheme.pdb_ins_code 
_pdbx_poly_seq_scheme.hetero 
A 1 1  Z7Z 1  1  1  Z7Z BIF A . n 
A 1 2  ALA 2  2  2  ALA ALA A . n 
A 1 3  AIB 3  3  3  AIB AIB A . n 
A 1 4  DAB 4  4  4  DAB DAB A . n 
A 1 5  AIB 5  5  5  AIB AIB A . n 
A 1 6  LEU 6  6  6  LEU LEU A . n 
A 1 7  AIB 7  7  7  AIB AIB A . n 
A 1 8  ALA 8  8  8  ALA ALA A . n 
A 1 9  AIB 9  9  9  AIB AIB A . n 
A 1 10 LEU 10 10 10 LEU LEU A . n 
A 1 11 AIB 11 11 11 AIB AIB A . n 
A 1 12 GLN 12 12 12 GLN GLN A . n 
A 1 13 AIB 13 13 13 AIB AIB A . n 
A 1 14 LEU 14 14 14 LEU LEU A . n 
A 1 15 I77 15 15 15 I77 BPH A . n 
B 1 1  Z7Z 1  1  1  Z7Z BIF B . n 
B 1 2  ALA 2  2  2  ALA ALA B . n 
B 1 3  AIB 3  3  3  AIB AIB B . n 
B 1 4  DAB 4  4  4  DAB DAB B . n 
B 1 5  AIB 5  5  5  AIB AIB B . n 
B 1 6  LEU 6  6  6  LEU LEU B . n 
B 1 7  AIB 7  7  7  AIB AIB B . n 
B 1 8  ALA 8  8  8  ALA ALA B . n 
B 1 9  AIB 9  9  9  AIB AIB B . n 
B 1 10 LEU 10 10 10 LEU LEU B . n 
B 1 11 AIB 11 11 11 AIB AIB B . n 
B 1 12 GLN 12 12 12 GLN GLN B . n 
B 1 13 AIB 13 13 13 AIB AIB B . n 
B 1 14 LEU 14 14 14 LEU LEU B . n 
B 1 15 I77 15 15 15 I77 BPH B . n 
C 1 1  Z7Z 1  1  1  Z7Z BIF C . n 
C 1 2  ALA 2  2  2  ALA ALA C . n 
C 1 3  AIB 3  3  3  AIB AIB C . n 
C 1 4  DAB 4  4  4  DAB DAB C . n 
C 1 5  AIB 5  5  5  AIB AIB C . n 
C 1 6  LEU 6  6  6  LEU LEU C . n 
C 1 7  AIB 7  7  7  AIB AIB C . n 
C 1 8  ALA 8  8  8  ALA ALA C . n 
C 1 9  AIB 9  9  9  AIB AIB C . n 
C 1 10 LEU 10 10 10 LEU LEU C . n 
C 1 11 AIB 11 11 11 AIB AIB C . n 
C 1 12 GLN 12 12 12 GLN GLN C . n 
C 1 13 AIB 13 13 13 AIB AIB C . n 
C 1 14 LEU 14 14 14 LEU LEU C . n 
C 1 15 I77 15 15 15 I77 BPH C . n 
D 1 1  Z7Z 1  1  1  Z7Z BIF D . n 
D 1 2  ALA 2  2  2  ALA ALA D . n 
D 1 3  AIB 3  3  3  AIB AIB D . n 
D 1 4  DAB 4  4  4  DAB DAB D . n 
D 1 5  AIB 5  5  5  AIB AIB D . n 
D 1 6  LEU 6  6  6  LEU LEU D . n 
D 1 7  AIB 7  7  7  AIB AIB D . n 
D 1 8  ALA 8  8  8  ALA ALA D . n 
D 1 9  AIB 9  9  9  AIB AIB D . n 
D 1 10 LEU 10 10 10 LEU LEU D . n 
D 1 11 AIB 11 11 11 AIB AIB D . n 
D 1 12 GLN 12 12 12 GLN GLN D . n 
D 1 13 AIB 13 13 13 AIB AIB D . n 
D 1 14 LEU 14 14 14 LEU LEU D . n 
D 1 15 I77 15 15 15 I77 BPH D . n 
# 
loop_
_pdbx_entity_instance_feature.ordinal 
_pdbx_entity_instance_feature.comp_id 
_pdbx_entity_instance_feature.asym_id 
_pdbx_entity_instance_feature.seq_num 
_pdbx_entity_instance_feature.auth_comp_id 
_pdbx_entity_instance_feature.auth_asym_id 
_pdbx_entity_instance_feature.auth_seq_num 
_pdbx_entity_instance_feature.feature_type 
_pdbx_entity_instance_feature.details 
1 Z7Z ? ? Z7Z ? ? 'SUBJECT OF INVESTIGATION' ? 
2 I77 ? ? I77 ? ? 'SUBJECT OF INVESTIGATION' ? 
3 5Z8 ? ? 5Z8 ? ? 'SUBJECT OF INVESTIGATION' ? 
# 
loop_
_pdbx_nonpoly_scheme.asym_id 
_pdbx_nonpoly_scheme.entity_id 
_pdbx_nonpoly_scheme.mon_id 
_pdbx_nonpoly_scheme.ndb_seq_num 
_pdbx_nonpoly_scheme.pdb_seq_num 
_pdbx_nonpoly_scheme.auth_seq_num 
_pdbx_nonpoly_scheme.pdb_mon_id 
_pdbx_nonpoly_scheme.auth_mon_id 
_pdbx_nonpoly_scheme.pdb_strand_id 
_pdbx_nonpoly_scheme.pdb_ins_code 
E 2 5Z8 1 101 2  5Z8 5Z8 A . 
F 2 5Z8 1 101 1  5Z8 5Z8 B . 
G 3 CCN 1 102 11 CCN CCN B . 
H 3 CCN 1 101 10 CCN CCN D . 
I 4 HOH 1 201 4  HOH HOH A . 
I 4 HOH 2 202 1  HOH HOH A . 
J 4 HOH 1 201 5  HOH HOH B . 
J 4 HOH 2 202 2  HOH HOH B . 
J 4 HOH 3 203 6  HOH HOH B . 
K 4 HOH 1 101 9  HOH HOH C . 
K 4 HOH 2 102 3  HOH HOH C . 
K 4 HOH 3 103 8  HOH HOH C . 
L 4 HOH 1 201 7  HOH HOH D . 
# 
loop_
_software.citation_id 
_software.classification 
_software.compiler_name 
_software.compiler_version 
_software.contact_author 
_software.contact_author_email 
_software.date 
_software.description 
_software.dependencies 
_software.hardware 
_software.language 
_software.location 
_software.mods 
_software.name 
_software.os 
_software.os_version 
_software.type 
_software.version 
_software.pdbx_ordinal 
? refinement       ? ? ? ? ? ? ? ? ? ? ? PHENIX ? ? ? 1.20.1_4487 1 
? 'data reduction' ? ? ? ? ? ? ? ? ? ? ? XDS    ? ? ? .           2 
? 'data scaling'   ? ? ? ? ? ? ? ? ? ? ? XDS    ? ? ? .           3 
? phasing          ? ? ? ? ? ? ? ? ? ? ? PHASER ? ? ? .           4 
# 
_cell.angle_alpha                  90.000 
_cell.angle_alpha_esd              ? 
_cell.angle_beta                   98.880 
_cell.angle_beta_esd               ? 
_cell.angle_gamma                  90.000 
_cell.angle_gamma_esd              ? 
_cell.entry_id                     8VT8 
_cell.details                      ? 
_cell.formula_units_Z              ? 
_cell.length_a                     23.753 
_cell.length_a_esd                 ? 
_cell.length_b                     18.836 
_cell.length_b_esd                 ? 
_cell.length_c                     47.762 
_cell.length_c_esd                 ? 
_cell.volume                       21113.132 
_cell.volume_esd                   ? 
_cell.Z_PDB                        8 
_cell.reciprocal_angle_alpha       ? 
_cell.reciprocal_angle_beta        ? 
_cell.reciprocal_angle_gamma       ? 
_cell.reciprocal_angle_alpha_esd   ? 
_cell.reciprocal_angle_beta_esd    ? 
_cell.reciprocal_angle_gamma_esd   ? 
_cell.reciprocal_length_a          ? 
_cell.reciprocal_length_b          ? 
_cell.reciprocal_length_c          ? 
_cell.reciprocal_length_a_esd      ? 
_cell.reciprocal_length_b_esd      ? 
_cell.reciprocal_length_c_esd      ? 
_cell.pdbx_unique_axis             ? 
_cell.pdbx_esd_method              ? 
# 
_symmetry.entry_id                         8VT8 
_symmetry.cell_setting                     ? 
_symmetry.Int_Tables_number                4 
_symmetry.space_group_name_Hall            'P 2yb' 
_symmetry.space_group_name_H-M             'P 1 21 1' 
_symmetry.pdbx_full_space_group_name_H-M   ? 
# 
_exptl.absorpt_coefficient_mu     ? 
_exptl.absorpt_correction_T_max   ? 
_exptl.absorpt_correction_T_min   ? 
_exptl.absorpt_correction_type    ? 
_exptl.absorpt_process_details    ? 
_exptl.entry_id                   8VT8 
_exptl.crystals_number            1 
_exptl.details                    ? 
_exptl.method                     'X-RAY DIFFRACTION' 
_exptl.method_details             ? 
# 
_exptl_crystal.colour                       ? 
_exptl_crystal.density_diffrn               ? 
_exptl_crystal.density_Matthews             1.81 
_exptl_crystal.density_method               ? 
_exptl_crystal.density_percent_sol          31.87 
_exptl_crystal.description                  ? 
_exptl_crystal.F_000                        ? 
_exptl_crystal.id                           1 
_exptl_crystal.preparation                  ? 
_exptl_crystal.size_max                     ? 
_exptl_crystal.size_mid                     ? 
_exptl_crystal.size_min                     ? 
_exptl_crystal.size_rad                     ? 
_exptl_crystal.colour_lustre                ? 
_exptl_crystal.colour_modifier              ? 
_exptl_crystal.colour_primary               ? 
_exptl_crystal.density_meas                 ? 
_exptl_crystal.density_meas_esd             ? 
_exptl_crystal.density_meas_gt              ? 
_exptl_crystal.density_meas_lt              ? 
_exptl_crystal.density_meas_temp            ? 
_exptl_crystal.density_meas_temp_esd        ? 
_exptl_crystal.density_meas_temp_gt         ? 
_exptl_crystal.density_meas_temp_lt         ? 
_exptl_crystal.pdbx_crystal_image_url       ? 
_exptl_crystal.pdbx_crystal_image_format    ? 
_exptl_crystal.pdbx_mosaicity               ? 
_exptl_crystal.pdbx_mosaicity_esd           ? 
_exptl_crystal.pdbx_mosaic_method           ? 
_exptl_crystal.pdbx_mosaic_block_size       ? 
_exptl_crystal.pdbx_mosaic_block_size_esd   ? 
# 
_exptl_crystal_grow.apparatus       ? 
_exptl_crystal_grow.atmosphere      ? 
_exptl_crystal_grow.crystal_id      1 
_exptl_crystal_grow.details         ? 
_exptl_crystal_grow.method          'SLOW COOLING' 
_exptl_crystal_grow.method_ref      ? 
_exptl_crystal_grow.pH              ? 
_exptl_crystal_grow.pressure        ? 
_exptl_crystal_grow.pressure_esd    ? 
_exptl_crystal_grow.seeding         ? 
_exptl_crystal_grow.seeding_ref     ? 
_exptl_crystal_grow.temp_details    ? 
_exptl_crystal_grow.temp_esd        ? 
_exptl_crystal_grow.time            ? 
_exptl_crystal_grow.pdbx_details    'Acetonitrile, water' 
_exptl_crystal_grow.pdbx_pH_range   ? 
_exptl_crystal_grow.temp            298 
# 
_diffrn.ambient_environment              ? 
_diffrn.ambient_temp                     100 
_diffrn.ambient_temp_details             ? 
_diffrn.ambient_temp_esd                 ? 
_diffrn.crystal_id                       1 
_diffrn.crystal_support                  ? 
_diffrn.crystal_treatment                ? 
_diffrn.details                          ? 
_diffrn.id                               1 
_diffrn.ambient_pressure                 ? 
_diffrn.ambient_pressure_esd             ? 
_diffrn.ambient_pressure_gt              ? 
_diffrn.ambient_pressure_lt              ? 
_diffrn.ambient_temp_gt                  ? 
_diffrn.ambient_temp_lt                  ? 
_diffrn.pdbx_serial_crystal_experiment   N 
# 
_diffrn_detector.details                      ? 
_diffrn_detector.detector                     PIXEL 
_diffrn_detector.diffrn_id                    1 
_diffrn_detector.type                         'DECTRIS EIGER X 9M' 
_diffrn_detector.area_resol_mean              ? 
_diffrn_detector.dtime                        ? 
_diffrn_detector.pdbx_frames_total            ? 
_diffrn_detector.pdbx_collection_time_total   ? 
_diffrn_detector.pdbx_collection_date         2023-02-15 
_diffrn_detector.pdbx_frequency               ? 
_diffrn_detector.id                           ? 
_diffrn_detector.number_of_axes               ? 
# 
_diffrn_radiation.collimation                      ? 
_diffrn_radiation.diffrn_id                        1 
_diffrn_radiation.filter_edge                      ? 
_diffrn_radiation.inhomogeneity                    ? 
_diffrn_radiation.monochromator                    ? 
_diffrn_radiation.polarisn_norm                    ? 
_diffrn_radiation.polarisn_ratio                   ? 
_diffrn_radiation.probe                            ? 
_diffrn_radiation.type                             ? 
_diffrn_radiation.xray_symbol                      ? 
_diffrn_radiation.wavelength_id                    1 
_diffrn_radiation.pdbx_monochromatic_or_laue_m_l   M 
_diffrn_radiation.pdbx_wavelength_list             ? 
_diffrn_radiation.pdbx_wavelength                  ? 
_diffrn_radiation.pdbx_diffrn_protocol             'SINGLE WAVELENGTH' 
_diffrn_radiation.pdbx_analyzer                    ? 
_diffrn_radiation.pdbx_scattering_type             x-ray 
# 
_diffrn_radiation_wavelength.id           1 
_diffrn_radiation_wavelength.wavelength   0.729260 
_diffrn_radiation_wavelength.wt           1.0 
# 
_diffrn_source.current                     ? 
_diffrn_source.details                     ? 
_diffrn_source.diffrn_id                   1 
_diffrn_source.power                       ? 
_diffrn_source.size                        ? 
_diffrn_source.source                      SYNCHROTRON 
_diffrn_source.target                      ? 
_diffrn_source.type                        'APS BEAMLINE 21-ID-D' 
_diffrn_source.voltage                     ? 
_diffrn_source.take-off_angle              ? 
_diffrn_source.pdbx_wavelength_list        0.729260 
_diffrn_source.pdbx_wavelength             ? 
_diffrn_source.pdbx_synchrotron_beamline   21-ID-D 
_diffrn_source.pdbx_synchrotron_site       APS 
# 
_reflns.B_iso_Wilson_estimate                          23.65 
_reflns.entry_id                                       8VT8 
_reflns.data_reduction_details                         ? 
_reflns.data_reduction_method                          ? 
_reflns.d_resolution_high                              1.53 
_reflns.d_resolution_low                               22.44 
_reflns.details                                        ? 
_reflns.limit_h_max                                    ? 
_reflns.limit_h_min                                    ? 
_reflns.limit_k_max                                    ? 
_reflns.limit_k_min                                    ? 
_reflns.limit_l_max                                    ? 
_reflns.limit_l_min                                    ? 
_reflns.number_all                                     ? 
_reflns.number_obs                                     6463 
_reflns.observed_criterion                             ? 
_reflns.observed_criterion_F_max                       ? 
_reflns.observed_criterion_F_min                       ? 
_reflns.observed_criterion_I_max                       ? 
_reflns.observed_criterion_I_min                       ? 
_reflns.observed_criterion_sigma_F                     ? 
_reflns.observed_criterion_sigma_I                     ? 
_reflns.percent_possible_obs                           98.20 
_reflns.R_free_details                                 ? 
_reflns.Rmerge_F_all                                   ? 
_reflns.Rmerge_F_obs                                   ? 
_reflns.Friedel_coverage                               ? 
_reflns.number_gt                                      ? 
_reflns.threshold_expression                           ? 
_reflns.pdbx_redundancy                                5.6 
_reflns.pdbx_netI_over_av_sigmaI                       ? 
_reflns.pdbx_netI_over_sigmaI                          6.04 
_reflns.pdbx_res_netI_over_av_sigmaI_2                 ? 
_reflns.pdbx_res_netI_over_sigmaI_2                    ? 
_reflns.pdbx_chi_squared                               ? 
_reflns.pdbx_scaling_rejects                           ? 
_reflns.pdbx_d_res_high_opt                            ? 
_reflns.pdbx_d_res_low_opt                             ? 
_reflns.pdbx_d_res_opt_method                          ? 
_reflns.phase_calculation_details                      ? 
_reflns.pdbx_Rrim_I_all                                ? 
_reflns.pdbx_Rpim_I_all                                ? 
_reflns.pdbx_d_opt                                     ? 
_reflns.pdbx_number_measured_all                       ? 
_reflns.pdbx_diffrn_id                                 1 
_reflns.pdbx_ordinal                                   1 
_reflns.pdbx_CC_half                                   0.999 
_reflns.pdbx_CC_star                                   ? 
_reflns.pdbx_R_split                                   ? 
_reflns.pdbx_Rmerge_I_obs                              ? 
_reflns.pdbx_Rmerge_I_all                              ? 
_reflns.pdbx_Rsym_value                                ? 
_reflns.pdbx_CC_split_method                           ? 
_reflns.pdbx_aniso_diffraction_limit_axis_1_ortho[1]   ? 
_reflns.pdbx_aniso_diffraction_limit_axis_1_ortho[2]   ? 
_reflns.pdbx_aniso_diffraction_limit_axis_1_ortho[3]   ? 
_reflns.pdbx_aniso_diffraction_limit_axis_2_ortho[1]   ? 
_reflns.pdbx_aniso_diffraction_limit_axis_2_ortho[2]   ? 
_reflns.pdbx_aniso_diffraction_limit_axis_2_ortho[3]   ? 
_reflns.pdbx_aniso_diffraction_limit_axis_3_ortho[1]   ? 
_reflns.pdbx_aniso_diffraction_limit_axis_3_ortho[2]   ? 
_reflns.pdbx_aniso_diffraction_limit_axis_3_ortho[3]   ? 
_reflns.pdbx_aniso_diffraction_limit_1                 ? 
_reflns.pdbx_aniso_diffraction_limit_2                 ? 
_reflns.pdbx_aniso_diffraction_limit_3                 ? 
_reflns.pdbx_aniso_B_tensor_eigenvector_1_ortho[1]     ? 
_reflns.pdbx_aniso_B_tensor_eigenvector_1_ortho[2]     ? 
_reflns.pdbx_aniso_B_tensor_eigenvector_1_ortho[3]     ? 
_reflns.pdbx_aniso_B_tensor_eigenvector_2_ortho[1]     ? 
_reflns.pdbx_aniso_B_tensor_eigenvector_2_ortho[2]     ? 
_reflns.pdbx_aniso_B_tensor_eigenvector_2_ortho[3]     ? 
_reflns.pdbx_aniso_B_tensor_eigenvector_3_ortho[1]     ? 
_reflns.pdbx_aniso_B_tensor_eigenvector_3_ortho[2]     ? 
_reflns.pdbx_aniso_B_tensor_eigenvector_3_ortho[3]     ? 
_reflns.pdbx_aniso_B_tensor_eigenvalue_1               ? 
_reflns.pdbx_aniso_B_tensor_eigenvalue_2               ? 
_reflns.pdbx_aniso_B_tensor_eigenvalue_3               ? 
_reflns.pdbx_orthogonalization_convention              ? 
_reflns.pdbx_percent_possible_ellipsoidal              ? 
_reflns.pdbx_percent_possible_spherical                ? 
_reflns.pdbx_percent_possible_ellipsoidal_anomalous    ? 
_reflns.pdbx_percent_possible_spherical_anomalous      ? 
_reflns.pdbx_redundancy_anomalous                      ? 
_reflns.pdbx_CC_half_anomalous                         ? 
_reflns.pdbx_absDiff_over_sigma_anomalous              ? 
_reflns.pdbx_percent_possible_anomalous                ? 
_reflns.pdbx_observed_signal_threshold                 ? 
_reflns.pdbx_signal_type                               ? 
_reflns.pdbx_signal_details                            ? 
_reflns.pdbx_signal_software_id                        ? 
# 
_reflns_shell.d_res_high                                    1.53 
_reflns_shell.d_res_low                                     1.585 
_reflns_shell.meanI_over_sigI_all                           ? 
_reflns_shell.meanI_over_sigI_obs                           ? 
_reflns_shell.number_measured_all                           ? 
_reflns_shell.number_measured_obs                           ? 
_reflns_shell.number_possible                               ? 
_reflns_shell.number_unique_all                             ? 
_reflns_shell.number_unique_obs                             597 
_reflns_shell.percent_possible_obs                          ? 
_reflns_shell.Rmerge_F_all                                  ? 
_reflns_shell.Rmerge_F_obs                                  ? 
_reflns_shell.meanI_over_sigI_gt                            ? 
_reflns_shell.meanI_over_uI_all                             ? 
_reflns_shell.meanI_over_uI_gt                              ? 
_reflns_shell.number_measured_gt                            ? 
_reflns_shell.number_unique_gt                              ? 
_reflns_shell.percent_possible_gt                           ? 
_reflns_shell.Rmerge_F_gt                                   ? 
_reflns_shell.Rmerge_I_gt                                   ? 
_reflns_shell.pdbx_redundancy                               ? 
_reflns_shell.pdbx_chi_squared                              ? 
_reflns_shell.pdbx_netI_over_sigmaI_all                     ? 
_reflns_shell.pdbx_netI_over_sigmaI_obs                     ? 
_reflns_shell.pdbx_Rrim_I_all                               ? 
_reflns_shell.pdbx_Rpim_I_all                               ? 
_reflns_shell.pdbx_rejects                                  ? 
_reflns_shell.pdbx_ordinal                                  1 
_reflns_shell.pdbx_diffrn_id                                1 
_reflns_shell.pdbx_CC_half                                  0.288 
_reflns_shell.pdbx_CC_star                                  ? 
_reflns_shell.pdbx_R_split                                  ? 
_reflns_shell.percent_possible_all                          ? 
_reflns_shell.Rmerge_I_all                                  ? 
_reflns_shell.Rmerge_I_obs                                  ? 
_reflns_shell.pdbx_Rsym_value                               ? 
_reflns_shell.pdbx_percent_possible_ellipsoidal             ? 
_reflns_shell.pdbx_percent_possible_spherical               ? 
_reflns_shell.pdbx_percent_possible_ellipsoidal_anomalous   ? 
_reflns_shell.pdbx_percent_possible_spherical_anomalous     ? 
_reflns_shell.pdbx_redundancy_anomalous                     ? 
_reflns_shell.pdbx_CC_half_anomalous                        ? 
_reflns_shell.pdbx_absDiff_over_sigma_anomalous             ? 
_reflns_shell.pdbx_percent_possible_anomalous               ? 
# 
_refine.aniso_B[1][1]                            ? 
_refine.aniso_B[1][2]                            ? 
_refine.aniso_B[1][3]                            ? 
_refine.aniso_B[2][2]                            ? 
_refine.aniso_B[2][3]                            ? 
_refine.aniso_B[3][3]                            ? 
_refine.B_iso_max                                ? 
_refine.B_iso_mean                               32.81 
_refine.B_iso_min                                ? 
_refine.correlation_coeff_Fo_to_Fc               ? 
_refine.correlation_coeff_Fo_to_Fc_free          ? 
_refine.details                                  ? 
_refine.diff_density_max                         ? 
_refine.diff_density_max_esd                     ? 
_refine.diff_density_min                         ? 
_refine.diff_density_min_esd                     ? 
_refine.diff_density_rms                         ? 
_refine.diff_density_rms_esd                     ? 
_refine.entry_id                                 8VT8 
_refine.pdbx_refine_id                           'X-RAY DIFFRACTION' 
_refine.ls_abs_structure_details                 ? 
_refine.ls_abs_structure_Flack                   ? 
_refine.ls_abs_structure_Flack_esd               ? 
_refine.ls_abs_structure_Rogers                  ? 
_refine.ls_abs_structure_Rogers_esd              ? 
_refine.ls_d_res_high                            1.53 
_refine.ls_d_res_low                             22.44 
_refine.ls_extinction_coef                       ? 
_refine.ls_extinction_coef_esd                   ? 
_refine.ls_extinction_expression                 ? 
_refine.ls_extinction_method                     ? 
_refine.ls_goodness_of_fit_all                   ? 
_refine.ls_goodness_of_fit_all_esd               ? 
_refine.ls_goodness_of_fit_obs                   ? 
_refine.ls_goodness_of_fit_obs_esd               ? 
_refine.ls_hydrogen_treatment                    ? 
_refine.ls_matrix_type                           ? 
_refine.ls_number_constraints                    ? 
_refine.ls_number_parameters                     ? 
_refine.ls_number_reflns_all                     ? 
_refine.ls_number_reflns_obs                     6463 
_refine.ls_number_reflns_R_free                  1207 
_refine.ls_number_reflns_R_work                  10793 
_refine.ls_number_restraints                     ? 
_refine.ls_percent_reflns_obs                    97.15 
_refine.ls_percent_reflns_R_free                 10.06 
_refine.ls_R_factor_all                          ? 
_refine.ls_R_factor_obs                          0.1853 
_refine.ls_R_factor_R_free                       0.2235 
_refine.ls_R_factor_R_free_error                 ? 
_refine.ls_R_factor_R_free_error_details         ? 
_refine.ls_R_factor_R_work                       0.1815 
_refine.ls_R_Fsqd_factor_obs                     ? 
_refine.ls_R_I_factor_obs                        ? 
_refine.ls_redundancy_reflns_all                 ? 
_refine.ls_redundancy_reflns_obs                 ? 
_refine.ls_restrained_S_all                      ? 
_refine.ls_restrained_S_obs                      ? 
_refine.ls_shift_over_esd_max                    ? 
_refine.ls_shift_over_esd_mean                   ? 
_refine.ls_structure_factor_coef                 ? 
_refine.ls_weighting_details                     ? 
_refine.ls_weighting_scheme                      ? 
_refine.ls_wR_factor_all                         ? 
_refine.ls_wR_factor_obs                         ? 
_refine.ls_wR_factor_R_free                      ? 
_refine.ls_wR_factor_R_work                      ? 
_refine.occupancy_max                            ? 
_refine.occupancy_min                            ? 
_refine.solvent_model_details                    'FLAT BULK SOLVENT MODEL' 
_refine.solvent_model_param_bsol                 ? 
_refine.solvent_model_param_ksol                 ? 
_refine.pdbx_R_complete                          ? 
_refine.ls_R_factor_gt                           ? 
_refine.ls_goodness_of_fit_gt                    ? 
_refine.ls_goodness_of_fit_ref                   ? 
_refine.ls_shift_over_su_max                     ? 
_refine.ls_shift_over_su_max_lt                  ? 
_refine.ls_shift_over_su_mean                    ? 
_refine.ls_shift_over_su_mean_lt                 ? 
_refine.pdbx_ls_sigma_I                          ? 
_refine.pdbx_ls_sigma_F                          1.34 
_refine.pdbx_ls_sigma_Fsqd                       ? 
_refine.pdbx_data_cutoff_high_absF               ? 
_refine.pdbx_data_cutoff_high_rms_absF           ? 
_refine.pdbx_data_cutoff_low_absF                ? 
_refine.pdbx_isotropic_thermal_model             ? 
_refine.pdbx_ls_cross_valid_method               'FREE R-VALUE' 
_refine.pdbx_method_to_determine_struct          'MOLECULAR REPLACEMENT' 
_refine.pdbx_starting_model                      ? 
_refine.pdbx_stereochemistry_target_values       'GeoStd + Monomer Library + CDL v1.2' 
_refine.pdbx_R_Free_selection_details            ? 
_refine.pdbx_stereochem_target_val_spec_case     ? 
_refine.pdbx_overall_ESU_R                       ? 
_refine.pdbx_overall_ESU_R_Free                  ? 
_refine.pdbx_solvent_vdw_probe_radii             1.1000 
_refine.pdbx_solvent_ion_probe_radii             ? 
_refine.pdbx_solvent_shrinkage_radii             0.9000 
_refine.pdbx_real_space_R                        ? 
_refine.pdbx_density_correlation                 ? 
_refine.pdbx_pd_number_of_powder_patterns        ? 
_refine.pdbx_pd_number_of_points                 ? 
_refine.pdbx_pd_meas_number_of_points            ? 
_refine.pdbx_pd_proc_ls_prof_R_factor            ? 
_refine.pdbx_pd_proc_ls_prof_wR_factor           ? 
_refine.pdbx_pd_Marquardt_correlation_coeff      ? 
_refine.pdbx_pd_Fsqrd_R_factor                   ? 
_refine.pdbx_pd_ls_matrix_band_width             ? 
_refine.pdbx_overall_phase_error                 34.9376 
_refine.pdbx_overall_SU_R_free_Cruickshank_DPI   ? 
_refine.pdbx_overall_SU_R_free_Blow_DPI          ? 
_refine.pdbx_overall_SU_R_Blow_DPI               ? 
_refine.pdbx_TLS_residual_ADP_flag               ? 
_refine.pdbx_diffrn_id                           1 
_refine.overall_SU_B                             ? 
_refine.overall_SU_ML                            0.3090 
_refine.overall_SU_R_Cruickshank_DPI             ? 
_refine.overall_SU_R_free                        ? 
_refine.overall_FOM_free_R_set                   ? 
_refine.overall_FOM_work_R_set                   ? 
_refine.pdbx_average_fsc_overall                 ? 
_refine.pdbx_average_fsc_work                    ? 
_refine.pdbx_average_fsc_free                    ? 
# 
_refine_hist.pdbx_refine_id                   'X-RAY DIFFRACTION' 
_refine_hist.cycle_id                         LAST 
_refine_hist.details                          ? 
_refine_hist.d_res_high                       1.53 
_refine_hist.d_res_low                        22.44 
_refine_hist.number_atoms_solvent             9 
_refine_hist.number_atoms_total               515 
_refine_hist.number_reflns_all                ? 
_refine_hist.number_reflns_obs                ? 
_refine_hist.number_reflns_R_free             ? 
_refine_hist.number_reflns_R_work             ? 
_refine_hist.R_factor_all                     ? 
_refine_hist.R_factor_obs                     ? 
_refine_hist.R_factor_R_free                  ? 
_refine_hist.R_factor_R_work                  ? 
_refine_hist.pdbx_number_residues_total       ? 
_refine_hist.pdbx_B_iso_mean_ligand           ? 
_refine_hist.pdbx_B_iso_mean_solvent          ? 
_refine_hist.pdbx_number_atoms_protein        400 
_refine_hist.pdbx_number_atoms_nucleic_acid   0 
_refine_hist.pdbx_number_atoms_ligand         106 
_refine_hist.pdbx_number_atoms_lipid          ? 
_refine_hist.pdbx_number_atoms_carb           ? 
_refine_hist.pdbx_pseudo_atom_details         ? 
# 
loop_
_refine_ls_restr.pdbx_refine_id 
_refine_ls_restr.criterion 
_refine_ls_restr.dev_ideal 
_refine_ls_restr.dev_ideal_target 
_refine_ls_restr.number 
_refine_ls_restr.rejects 
_refine_ls_restr.type 
_refine_ls_restr.weight 
_refine_ls_restr.pdbx_restraint_function 
'X-RAY DIFFRACTION' ? 0.0120  ? 520 ? f_bond_d           ? ? 
'X-RAY DIFFRACTION' ? 1.6058  ? 737 ? f_angle_d          ? ? 
'X-RAY DIFFRACTION' ? 0.0464  ? 41  ? f_chiral_restr     ? ? 
'X-RAY DIFFRACTION' ? 0.0073  ? 83  ? f_plane_restr      ? ? 
'X-RAY DIFFRACTION' ? 32.4707 ? 98  ? f_dihedral_angle_d ? ? 
# 
loop_
_refine_ls_shell.pdbx_refine_id 
_refine_ls_shell.d_res_high 
_refine_ls_shell.d_res_low 
_refine_ls_shell.number_reflns_all 
_refine_ls_shell.number_reflns_obs 
_refine_ls_shell.number_reflns_R_free 
_refine_ls_shell.number_reflns_R_work 
_refine_ls_shell.percent_reflns_obs 
_refine_ls_shell.percent_reflns_R_free 
_refine_ls_shell.R_factor_all 
_refine_ls_shell.R_factor_obs 
_refine_ls_shell.R_factor_R_free_error 
_refine_ls_shell.R_factor_R_work 
_refine_ls_shell.redundancy_reflns_all 
_refine_ls_shell.redundancy_reflns_obs 
_refine_ls_shell.wR_factor_all 
_refine_ls_shell.wR_factor_obs 
_refine_ls_shell.wR_factor_R_free 
_refine_ls_shell.wR_factor_R_work 
_refine_ls_shell.pdbx_R_complete 
_refine_ls_shell.pdbx_total_number_of_bins_used 
_refine_ls_shell.pdbx_phase_error 
_refine_ls_shell.pdbx_fsc_work 
_refine_ls_shell.pdbx_fsc_free 
_refine_ls_shell.R_factor_R_free 
'X-RAY DIFFRACTION' 1.53 1.59  . . 123 1053 83.64 . . . . 0.4398 . . . . . . . . . . . 0.4539 
'X-RAY DIFFRACTION' 1.59 1.66  . . 131 1157 96.77 . . . . 0.4249 . . . . . . . . . . . 0.4659 
'X-RAY DIFFRACTION' 1.66 1.75  . . 136 1236 99.71 . . . . 0.3518 . . . . . . . . . . . 0.3601 
'X-RAY DIFFRACTION' 1.75 1.86  . . 137 1235 99.85 . . . . 0.2778 . . . . . . . . . . . 0.3156 
'X-RAY DIFFRACTION' 1.86 2.00  . . 134 1218 99.41 . . . . 0.2417 . . . . . . . . . . . 0.2419 
'X-RAY DIFFRACTION' 2.00 2.21  . . 139 1231 99.20 . . . . 0.1923 . . . . . . . . . . . 0.2324 
'X-RAY DIFFRACTION' 2.21 2.52  . . 138 1226 99.27 . . . . 0.1719 . . . . . . . . . . . 0.1823 
'X-RAY DIFFRACTION' 2.53 3.18  . . 134 1230 99.49 . . . . 0.1555 . . . . . . . . . . . 0.1860 
'X-RAY DIFFRACTION' 3.18 22.44 . . 135 1207 97.74 . . . . 0.1203 . . . . . . . . . . . 0.1874 
# 
_struct.entry_id                     8VT8 
_struct.title                        'UIC-13-BIF-A4Dab NBD-Cl binding' 
_struct.pdbx_model_details           ? 
_struct.pdbx_formula_weight          ? 
_struct.pdbx_formula_weight_method   ? 
_struct.pdbx_model_type_details      ? 
_struct.pdbx_CASP_flag               N 
# 
_struct_keywords.entry_id        8VT8 
_struct_keywords.text            'synthetic construct, DE NOVO PROTEIN' 
_struct_keywords.pdbx_keywords   'DE NOVO PROTEIN' 
# 
loop_
_struct_asym.id 
_struct_asym.pdbx_blank_PDB_chainid_flag 
_struct_asym.pdbx_modified 
_struct_asym.entity_id 
_struct_asym.details 
A N N 1 ? 
B N N 1 ? 
C N N 1 ? 
D N N 1 ? 
E N N 2 ? 
F N N 2 ? 
G N N 3 ? 
H N N 3 ? 
I N N 4 ? 
J N N 4 ? 
K N N 4 ? 
L N N 4 ? 
# 
_struct_ref.id                         1 
_struct_ref.db_name                    PDB 
_struct_ref.db_code                    8VT8 
_struct_ref.pdbx_db_accession          8VT8 
_struct_ref.pdbx_db_isoform            ? 
_struct_ref.entity_id                  1 
_struct_ref.pdbx_seq_one_letter_code   ? 
_struct_ref.pdbx_align_begin           1 
# 
loop_
_struct_ref_seq.align_id 
_struct_ref_seq.ref_id 
_struct_ref_seq.pdbx_PDB_id_code 
_struct_ref_seq.pdbx_strand_id 
_struct_ref_seq.seq_align_beg 
_struct_ref_seq.pdbx_seq_align_beg_ins_code 
_struct_ref_seq.seq_align_end 
_struct_ref_seq.pdbx_seq_align_end_ins_code 
_struct_ref_seq.pdbx_db_accession 
_struct_ref_seq.db_align_beg 
_struct_ref_seq.pdbx_db_align_beg_ins_code 
_struct_ref_seq.db_align_end 
_struct_ref_seq.pdbx_db_align_end_ins_code 
_struct_ref_seq.pdbx_auth_seq_align_beg 
_struct_ref_seq.pdbx_auth_seq_align_end 
1 1 8VT8 A 1 ? 15 ? 8VT8 1 ? 15 ? 1 15 
2 1 8VT8 B 1 ? 15 ? 8VT8 1 ? 15 ? 1 15 
3 1 8VT8 C 1 ? 15 ? 8VT8 1 ? 15 ? 1 15 
4 1 8VT8 D 1 ? 15 ? 8VT8 1 ? 15 ? 1 15 
# 
loop_
_pdbx_struct_assembly.id 
_pdbx_struct_assembly.details 
_pdbx_struct_assembly.method_details 
_pdbx_struct_assembly.oligomeric_details 
_pdbx_struct_assembly.oligomeric_count 
1 author_defined_assembly ? monomeric 1 
2 author_defined_assembly ? monomeric 1 
3 author_defined_assembly ? monomeric 1 
4 author_defined_assembly ? monomeric 1 
# 
loop_
_pdbx_struct_assembly_gen.assembly_id 
_pdbx_struct_assembly_gen.oper_expression 
_pdbx_struct_assembly_gen.asym_id_list 
1 1 A,E,I   
2 1 B,F,G,J 
3 1 C,K     
4 1 D,H,L   
# 
_pdbx_struct_oper_list.id                   1 
_pdbx_struct_oper_list.type                 'identity operation' 
_pdbx_struct_oper_list.name                 1_555 
_pdbx_struct_oper_list.symmetry_operation   x,y,z 
_pdbx_struct_oper_list.matrix[1][1]         1.0000000000 
_pdbx_struct_oper_list.matrix[1][2]         0.0000000000 
_pdbx_struct_oper_list.matrix[1][3]         0.0000000000 
_pdbx_struct_oper_list.vector[1]            0.0000000000 
_pdbx_struct_oper_list.matrix[2][1]         0.0000000000 
_pdbx_struct_oper_list.matrix[2][2]         1.0000000000 
_pdbx_struct_oper_list.matrix[2][3]         0.0000000000 
_pdbx_struct_oper_list.vector[2]            0.0000000000 
_pdbx_struct_oper_list.matrix[3][1]         0.0000000000 
_pdbx_struct_oper_list.matrix[3][2]         0.0000000000 
_pdbx_struct_oper_list.matrix[3][3]         1.0000000000 
_pdbx_struct_oper_list.vector[3]            0.0000000000 
# 
loop_
_struct_conf.conf_type_id 
_struct_conf.id 
_struct_conf.pdbx_PDB_helix_id 
_struct_conf.beg_label_comp_id 
_struct_conf.beg_label_asym_id 
_struct_conf.beg_label_seq_id 
_struct_conf.pdbx_beg_PDB_ins_code 
_struct_conf.end_label_comp_id 
_struct_conf.end_label_asym_id 
_struct_conf.end_label_seq_id 
_struct_conf.pdbx_end_PDB_ins_code 
_struct_conf.beg_auth_comp_id 
_struct_conf.beg_auth_asym_id 
_struct_conf.beg_auth_seq_id 
_struct_conf.end_auth_comp_id 
_struct_conf.end_auth_asym_id 
_struct_conf.end_auth_seq_id 
_struct_conf.pdbx_PDB_helix_class 
_struct_conf.details 
_struct_conf.pdbx_PDB_helix_length 
HELX_P HELX_P1 AA1 ALA A 2 ? LEU A 14 ? ALA A 2 LEU A 14 1 ? 13 
HELX_P HELX_P2 AA2 AIB B 3 ? LEU B 14 ? AIB B 3 LEU B 14 1 ? 12 
HELX_P HELX_P3 AA3 AIB C 3 ? LEU C 14 ? AIB C 3 LEU C 14 1 ? 12 
HELX_P HELX_P4 AA4 AIB D 3 ? LEU D 14 ? AIB D 3 LEU D 14 1 ? 12 
# 
_struct_conf_type.id          HELX_P 
_struct_conf_type.criteria    ? 
_struct_conf_type.reference   ? 
# 
loop_
_struct_conn.id 
_struct_conn.conn_type_id 
_struct_conn.pdbx_leaving_atom_flag 
_struct_conn.pdbx_PDB_id 
_struct_conn.ptnr1_label_asym_id 
_struct_conn.ptnr1_label_comp_id 
_struct_conn.ptnr1_label_seq_id 
_struct_conn.ptnr1_label_atom_id 
_struct_conn.pdbx_ptnr1_label_alt_id 
_struct_conn.pdbx_ptnr1_PDB_ins_code 
_struct_conn.pdbx_ptnr1_standard_comp_id 
_struct_conn.ptnr1_symmetry 
_struct_conn.ptnr2_label_asym_id 
_struct_conn.ptnr2_label_comp_id 
_struct_conn.ptnr2_label_seq_id 
_struct_conn.ptnr2_label_atom_id 
_struct_conn.pdbx_ptnr2_label_alt_id 
_struct_conn.pdbx_ptnr2_PDB_ins_code 
_struct_conn.ptnr1_auth_asym_id 
_struct_conn.ptnr1_auth_comp_id 
_struct_conn.ptnr1_auth_seq_id 
_struct_conn.ptnr2_auth_asym_id 
_struct_conn.ptnr2_auth_comp_id 
_struct_conn.ptnr2_auth_seq_id 
_struct_conn.ptnr2_symmetry 
_struct_conn.pdbx_ptnr3_label_atom_id 
_struct_conn.pdbx_ptnr3_label_seq_id 
_struct_conn.pdbx_ptnr3_label_comp_id 
_struct_conn.pdbx_ptnr3_label_asym_id 
_struct_conn.pdbx_ptnr3_label_alt_id 
_struct_conn.pdbx_ptnr3_PDB_ins_code 
_struct_conn.details 
_struct_conn.pdbx_dist_value 
_struct_conn.pdbx_value_order 
_struct_conn.pdbx_role 
covale1  covale both ? A Z7Z 1  C1 ? ? ? 1_555 A ALA 2  N   ? ? A Z7Z 1  A ALA 2   1_555 ? ? ? ? ? ? ? 1.427 ? ? 
covale2  covale both ? A ALA 2  C  ? ? ? 1_555 A AIB 3  N   ? ? A ALA 2  A AIB 3   1_555 ? ? ? ? ? ? ? 1.324 ? ? 
covale3  covale both ? A AIB 3  C  ? ? ? 1_555 A DAB 4  N   ? ? A AIB 3  A DAB 4   1_555 ? ? ? ? ? ? ? 1.329 ? ? 
covale4  covale both ? A DAB 4  C  ? ? ? 1_555 A AIB 5  N   ? ? A DAB 4  A AIB 5   1_555 ? ? ? ? ? ? ? 1.319 ? ? 
covale5  covale one  ? A DAB 4  ND ? ? ? 1_555 E 5Z8 .  C3  ? ? A DAB 4  A 5Z8 101 1_555 ? ? ? ? ? ? ? 1.431 ? ? 
covale6  covale both ? A AIB 5  C  ? ? ? 1_555 A LEU 6  N   ? ? A AIB 5  A LEU 6   1_555 ? ? ? ? ? ? ? 1.331 ? ? 
covale7  covale both ? A LEU 6  C  ? ? ? 1_555 A AIB 7  N   ? ? A LEU 6  A AIB 7   1_555 ? ? ? ? ? ? ? 1.321 ? ? 
covale8  covale both ? A AIB 7  C  ? ? ? 1_555 A ALA 8  N   ? ? A AIB 7  A ALA 8   1_555 ? ? ? ? ? ? ? 1.332 ? ? 
covale9  covale both ? A ALA 8  C  ? ? ? 1_555 A AIB 9  N   ? ? A ALA 8  A AIB 9   1_555 ? ? ? ? ? ? ? 1.329 ? ? 
covale10 covale both ? A AIB 9  C  ? ? ? 1_555 A LEU 10 N   ? ? A AIB 9  A LEU 10  1_555 ? ? ? ? ? ? ? 1.322 ? ? 
covale11 covale both ? A LEU 10 C  ? ? ? 1_555 A AIB 11 N   ? ? A LEU 10 A AIB 11  1_555 ? ? ? ? ? ? ? 1.325 ? ? 
covale12 covale both ? A AIB 11 C  ? ? ? 1_555 A GLN 12 N   A ? A AIB 11 A GLN 12  1_555 ? ? ? ? ? ? ? 1.329 ? ? 
covale13 covale both ? A AIB 11 C  ? ? ? 1_555 A GLN 12 N   B ? A AIB 11 A GLN 12  1_555 ? ? ? ? ? ? ? 1.326 ? ? 
covale14 covale both ? A GLN 12 C  A ? ? 1_555 A AIB 13 N   ? ? A GLN 12 A AIB 13  1_555 ? ? ? ? ? ? ? 1.329 ? ? 
covale15 covale both ? A GLN 12 C  B ? ? 1_555 A AIB 13 N   ? ? A GLN 12 A AIB 13  1_555 ? ? ? ? ? ? ? 1.327 ? ? 
covale16 covale both ? A AIB 13 C  ? ? ? 1_555 A LEU 14 N   ? ? A AIB 13 A LEU 14  1_555 ? ? ? ? ? ? ? 1.323 ? ? 
covale17 covale one  ? A LEU 14 C  ? ? ? 1_555 A I77 15 N15 ? ? A LEU 14 A I77 15  1_555 ? ? ? ? ? ? ? 1.426 ? ? 
covale18 covale both ? B Z7Z 1  C1 ? ? ? 1_555 B ALA 2  N   ? ? B Z7Z 1  B ALA 2   1_555 ? ? ? ? ? ? ? 1.424 ? ? 
covale19 covale both ? B ALA 2  C  ? ? ? 1_555 B AIB 3  N   ? ? B ALA 2  B AIB 3   1_555 ? ? ? ? ? ? ? 1.330 ? ? 
covale20 covale both ? B AIB 3  C  ? ? ? 1_555 B DAB 4  N   ? ? B AIB 3  B DAB 4   1_555 ? ? ? ? ? ? ? 1.328 ? ? 
covale21 covale both ? B DAB 4  C  ? ? ? 1_555 B AIB 5  N   ? ? B DAB 4  B AIB 5   1_555 ? ? ? ? ? ? ? 1.326 ? ? 
covale22 covale one  ? B DAB 4  ND ? ? ? 1_555 F 5Z8 .  C3  ? ? B DAB 4  B 5Z8 101 1_555 ? ? ? ? ? ? ? 1.430 ? ? 
covale23 covale both ? B AIB 5  C  ? ? ? 1_555 B LEU 6  N   ? ? B AIB 5  B LEU 6   1_555 ? ? ? ? ? ? ? 1.325 ? ? 
covale24 covale both ? B LEU 6  C  ? ? ? 1_555 B AIB 7  N   ? ? B LEU 6  B AIB 7   1_555 ? ? ? ? ? ? ? 1.328 ? ? 
covale25 covale both ? B AIB 7  C  ? ? ? 1_555 B ALA 8  N   ? ? B AIB 7  B ALA 8   1_555 ? ? ? ? ? ? ? 1.327 ? ? 
covale26 covale both ? B ALA 8  C  ? ? ? 1_555 B AIB 9  N   ? ? B ALA 8  B AIB 9   1_555 ? ? ? ? ? ? ? 1.327 ? ? 
covale27 covale both ? B AIB 9  C  ? ? ? 1_555 B LEU 10 N   ? ? B AIB 9  B LEU 10  1_555 ? ? ? ? ? ? ? 1.327 ? ? 
covale28 covale both ? B LEU 10 C  ? ? ? 1_555 B AIB 11 N   ? ? B LEU 10 B AIB 11  1_555 ? ? ? ? ? ? ? 1.328 ? ? 
covale29 covale both ? B AIB 11 C  ? ? ? 1_555 B GLN 12 N   ? ? B AIB 11 B GLN 12  1_555 ? ? ? ? ? ? ? 1.337 ? ? 
covale30 covale both ? B GLN 12 C  ? ? ? 1_555 B AIB 13 N   ? ? B GLN 12 B AIB 13  1_555 ? ? ? ? ? ? ? 1.327 ? ? 
covale31 covale both ? B AIB 13 C  ? ? ? 1_555 B LEU 14 N   ? ? B AIB 13 B LEU 14  1_555 ? ? ? ? ? ? ? 1.333 ? ? 
covale32 covale one  ? B LEU 14 C  ? ? ? 1_555 B I77 15 N15 ? ? B LEU 14 B I77 15  1_555 ? ? ? ? ? ? ? 1.423 ? ? 
covale33 covale both ? C Z7Z 1  C1 ? ? ? 1_555 C ALA 2  N   ? ? C Z7Z 1  C ALA 2   1_555 ? ? ? ? ? ? ? 1.429 ? ? 
covale34 covale both ? C ALA 2  C  ? ? ? 1_555 C AIB 3  N   ? ? C ALA 2  C AIB 3   1_555 ? ? ? ? ? ? ? 1.326 ? ? 
covale35 covale both ? C AIB 3  C  ? ? ? 1_555 C DAB 4  N   ? ? C AIB 3  C DAB 4   1_555 ? ? ? ? ? ? ? 1.323 ? ? 
covale36 covale both ? C DAB 4  C  ? ? ? 1_555 C AIB 5  N   ? ? C DAB 4  C AIB 5   1_555 ? ? ? ? ? ? ? 1.327 ? ? 
covale37 covale both ? C AIB 5  C  ? ? ? 1_555 C LEU 6  N   ? ? C AIB 5  C LEU 6   1_555 ? ? ? ? ? ? ? 1.326 ? ? 
covale38 covale both ? C LEU 6  C  ? ? ? 1_555 C AIB 7  N   ? ? C LEU 6  C AIB 7   1_555 ? ? ? ? ? ? ? 1.323 ? ? 
covale39 covale both ? C AIB 7  C  ? ? ? 1_555 C ALA 8  N   ? ? C AIB 7  C ALA 8   1_555 ? ? ? ? ? ? ? 1.330 ? ? 
covale40 covale both ? C ALA 8  C  ? ? ? 1_555 C AIB 9  N   ? ? C ALA 8  C AIB 9   1_555 ? ? ? ? ? ? ? 1.330 ? ? 
covale41 covale both ? C AIB 9  C  ? ? ? 1_555 C LEU 10 N   ? ? C AIB 9  C LEU 10  1_555 ? ? ? ? ? ? ? 1.327 ? ? 
covale42 covale both ? C LEU 10 C  ? ? ? 1_555 C AIB 11 N   ? ? C LEU 10 C AIB 11  1_555 ? ? ? ? ? ? ? 1.333 ? ? 
covale43 covale both ? C AIB 11 C  ? ? ? 1_555 C GLN 12 N   ? ? C AIB 11 C GLN 12  1_555 ? ? ? ? ? ? ? 1.317 ? ? 
covale44 covale both ? C GLN 12 C  ? ? ? 1_555 C AIB 13 N   ? ? C GLN 12 C AIB 13  1_555 ? ? ? ? ? ? ? 1.322 ? ? 
covale45 covale both ? C AIB 13 C  ? ? ? 1_555 C LEU 14 N   ? ? C AIB 13 C LEU 14  1_555 ? ? ? ? ? ? ? 1.339 ? ? 
covale46 covale one  ? C LEU 14 C  ? ? ? 1_555 C I77 15 N15 ? ? C LEU 14 C I77 15  1_555 ? ? ? ? ? ? ? 1.435 ? ? 
covale47 covale both ? D Z7Z 1  C1 ? ? ? 1_555 D ALA 2  N   ? ? D Z7Z 1  D ALA 2   1_555 ? ? ? ? ? ? ? 1.427 ? ? 
covale48 covale both ? D ALA 2  C  ? ? ? 1_555 D AIB 3  N   ? ? D ALA 2  D AIB 3   1_555 ? ? ? ? ? ? ? 1.323 ? ? 
covale49 covale both ? D AIB 3  C  ? ? ? 1_555 D DAB 4  N   ? ? D AIB 3  D DAB 4   1_555 ? ? ? ? ? ? ? 1.324 ? ? 
covale50 covale both ? D DAB 4  C  ? ? ? 1_555 D AIB 5  N   ? ? D DAB 4  D AIB 5   1_555 ? ? ? ? ? ? ? 1.322 ? ? 
covale51 covale both ? D AIB 5  C  ? ? ? 1_555 D LEU 6  N   ? ? D AIB 5  D LEU 6   1_555 ? ? ? ? ? ? ? 1.322 ? ? 
covale52 covale both ? D LEU 6  C  ? ? ? 1_555 D AIB 7  N   ? ? D LEU 6  D AIB 7   1_555 ? ? ? ? ? ? ? 1.329 ? ? 
covale53 covale both ? D AIB 7  C  ? ? ? 1_555 D ALA 8  N   ? ? D AIB 7  D ALA 8   1_555 ? ? ? ? ? ? ? 1.328 ? ? 
covale54 covale both ? D ALA 8  C  ? ? ? 1_555 D AIB 9  N   ? ? D ALA 8  D AIB 9   1_555 ? ? ? ? ? ? ? 1.321 ? ? 
covale55 covale both ? D AIB 9  C  ? ? ? 1_555 D LEU 10 N   ? ? D AIB 9  D LEU 10  1_555 ? ? ? ? ? ? ? 1.319 ? ? 
covale56 covale both ? D LEU 10 C  ? ? ? 1_555 D AIB 11 N   ? ? D LEU 10 D AIB 11  1_555 ? ? ? ? ? ? ? 1.329 ? ? 
covale57 covale both ? D AIB 11 C  ? ? ? 1_555 D GLN 12 N   ? ? D AIB 11 D GLN 12  1_555 ? ? ? ? ? ? ? 1.328 ? ? 
covale58 covale both ? D GLN 12 C  ? ? ? 1_555 D AIB 13 N   ? ? D GLN 12 D AIB 13  1_555 ? ? ? ? ? ? ? 1.326 ? ? 
covale59 covale both ? D AIB 13 C  ? ? ? 1_555 D LEU 14 N   ? ? D AIB 13 D LEU 14  1_555 ? ? ? ? ? ? ? 1.331 ? ? 
covale60 covale one  ? D LEU 14 C  ? ? ? 1_555 D I77 15 N15 ? ? D LEU 14 D I77 15  1_555 ? ? ? ? ? ? ? 1.423 ? ? 
# 
_struct_conn_type.id          covale 
_struct_conn_type.criteria    ? 
_struct_conn_type.reference   ? 
# 
_pdbx_entry_details.entry_id                   8VT8 
_pdbx_entry_details.has_ligand_of_interest     Y 
_pdbx_entry_details.compound_details           ? 
_pdbx_entry_details.source_details             ? 
_pdbx_entry_details.nonpolymer_details         ? 
_pdbx_entry_details.sequence_details           ? 
_pdbx_entry_details.has_protein_modification   ? 
# 
loop_
_space_group_symop.id 
_space_group_symop.operation_xyz 
1 x,y,z       
2 -x,y+1/2,-z 
# 
_pdbx_distant_solvent_atoms.id                                1 
_pdbx_distant_solvent_atoms.PDB_model_num                     1 
_pdbx_distant_solvent_atoms.auth_atom_id                      O 
_pdbx_distant_solvent_atoms.label_alt_id                      ? 
_pdbx_distant_solvent_atoms.auth_asym_id                      B 
_pdbx_distant_solvent_atoms.auth_comp_id                      HOH 
_pdbx_distant_solvent_atoms.auth_seq_id                       203 
_pdbx_distant_solvent_atoms.PDB_ins_code                      ? 
_pdbx_distant_solvent_atoms.neighbor_macromolecule_distance   5.81 
_pdbx_distant_solvent_atoms.neighbor_ligand_distance          . 
# 
loop_
_chem_comp_atom.comp_id 
_chem_comp_atom.atom_id 
_chem_comp_atom.type_symbol 
_chem_comp_atom.pdbx_aromatic_flag 
_chem_comp_atom.pdbx_stereo_config 
_chem_comp_atom.pdbx_ordinal 
5Z8 C1   C  Y N 1   
5Z8 C2   C  Y N 2   
5Z8 O3   O  N N 3   
5Z8 C4   C  Y N 4   
5Z8 C5   C  Y N 5   
5Z8 C6   C  Y N 6   
5Z8 N1   N  Y N 7   
5Z8 O1   O  Y N 8   
5Z8 N2   N  Y N 9   
5Z8 N3   N  N N 10  
5Z8 O2   O  N N 11  
5Z8 C3   C  Y N 12  
5Z8 H4   H  N N 13  
5Z8 H5   H  N N 14  
5Z8 CL1  CL N N 15  
AIB N    N  N N 16  
AIB CA   C  N N 17  
AIB C    C  N N 18  
AIB O    O  N N 19  
AIB OXT  O  N N 20  
AIB CB1  C  N N 21  
AIB CB2  C  N N 22  
AIB H    H  N N 23  
AIB H2   H  N N 24  
AIB HXT  H  N N 25  
AIB HB11 H  N N 26  
AIB HB12 H  N N 27  
AIB HB13 H  N N 28  
AIB HB21 H  N N 29  
AIB HB22 H  N N 30  
AIB HB23 H  N N 31  
ALA N    N  N N 32  
ALA CA   C  N S 33  
ALA C    C  N N 34  
ALA O    O  N N 35  
ALA CB   C  N N 36  
ALA OXT  O  N N 37  
ALA H    H  N N 38  
ALA H2   H  N N 39  
ALA HA   H  N N 40  
ALA HB1  H  N N 41  
ALA HB2  H  N N 42  
ALA HB3  H  N N 43  
ALA HXT  H  N N 44  
CCN N    N  N N 45  
CCN C1   C  N N 46  
CCN C2   C  N N 47  
CCN H21  H  N N 48  
CCN H22  H  N N 49  
CCN H23  H  N N 50  
DAB N    N  N N 51  
DAB CA   C  N S 52  
DAB C    C  N N 53  
DAB O    O  N N 54  
DAB CB   C  N N 55  
DAB CG   C  N N 56  
DAB ND   N  N N 57  
DAB OXT  O  N N 58  
DAB H    H  N N 59  
DAB H2   H  N N 60  
DAB HA   H  N N 61  
DAB HB2  H  N N 62  
DAB HB3  H  N N 63  
DAB HG2  H  N N 64  
DAB HG3  H  N N 65  
DAB HD1  H  N N 66  
DAB HD2  H  N N 67  
DAB HXT  H  N N 68  
GLN N    N  N N 69  
GLN CA   C  N S 70  
GLN C    C  N N 71  
GLN O    O  N N 72  
GLN CB   C  N N 73  
GLN CG   C  N N 74  
GLN CD   C  N N 75  
GLN OE1  O  N N 76  
GLN NE2  N  N N 77  
GLN OXT  O  N N 78  
GLN H    H  N N 79  
GLN H2   H  N N 80  
GLN HA   H  N N 81  
GLN HB2  H  N N 82  
GLN HB3  H  N N 83  
GLN HG2  H  N N 84  
GLN HG3  H  N N 85  
GLN HE21 H  N N 86  
GLN HE22 H  N N 87  
GLN HXT  H  N N 88  
HOH O    O  N N 89  
HOH H1   H  N N 90  
HOH H2   H  N N 91  
I77 C11  C  Y N 92  
I77 C12  C  Y N 93  
I77 C13  C  N N 94  
I77 C17  C  Y N 95  
I77 C18  C  Y N 96  
I77 C02  C  N N 97  
I77 C03  C  Y N 98  
I77 C04  C  Y N 99  
I77 C05  C  Y N 100 
I77 C06  C  Y N 101 
I77 C08  C  Y N 102 
I77 C09  C  Y N 103 
I77 N01  N  N N 104 
I77 N07  N  Y N 105 
I77 N10  N  Y N 106 
I77 N14  N  N N 107 
I77 N15  N  N N 108 
I77 O16  O  N N 109 
I77 O19  O  N N 110 
I77 H111 H  N N 111 
I77 H171 H  N N 112 
I77 H181 H  N N 113 
I77 H041 H  N N 114 
I77 H051 H  N N 115 
I77 H061 H  N N 116 
I77 H011 H  N N 117 
I77 H012 H  N N 118 
I77 H141 H  N N 119 
I77 H1   H  N N 120 
I77 H2   H  N N 121 
LEU N    N  N N 122 
LEU CA   C  N S 123 
LEU C    C  N N 124 
LEU O    O  N N 125 
LEU CB   C  N N 126 
LEU CG   C  N N 127 
LEU CD1  C  N N 128 
LEU CD2  C  N N 129 
LEU OXT  O  N N 130 
LEU H    H  N N 131 
LEU H2   H  N N 132 
LEU HA   H  N N 133 
LEU HB2  H  N N 134 
LEU HB3  H  N N 135 
LEU HG   H  N N 136 
LEU HD11 H  N N 137 
LEU HD12 H  N N 138 
LEU HD13 H  N N 139 
LEU HD21 H  N N 140 
LEU HD22 H  N N 141 
LEU HD23 H  N N 142 
LEU HXT  H  N N 143 
Z7Z O1   O  N N 144 
Z7Z C1   C  N N 145 
Z7Z O2   O  N N 146 
Z7Z C2   C  Y N 147 
Z7Z C3   C  Y N 148 
Z7Z C4   C  Y N 149 
Z7Z C5   C  Y N 150 
Z7Z C6   C  Y N 151 
Z7Z C7   C  Y N 152 
Z7Z C8   C  Y N 153 
Z7Z C9   C  Y N 154 
Z7Z C10  C  Y N 155 
Z7Z C11  C  Y N 156 
Z7Z C12  C  Y N 157 
Z7Z C13  C  Y N 158 
Z7Z H1O  H  N N 159 
Z7Z H31  H  N N 160 
Z7Z H41  H  N N 161 
Z7Z H51  H  N N 162 
Z7Z H61  H  N N 163 
Z7Z H91  H  N N 164 
Z7Z H101 H  N N 165 
Z7Z H111 H  N N 166 
Z7Z H121 H  N N 167 
Z7Z H131 H  N N 168 
# 
loop_
_chem_comp_bond.comp_id 
_chem_comp_bond.atom_id_1 
_chem_comp_bond.atom_id_2 
_chem_comp_bond.value_order 
_chem_comp_bond.pdbx_aromatic_flag 
_chem_comp_bond.pdbx_stereo_config 
_chem_comp_bond.pdbx_ordinal 
5Z8 O3  N3   doub N N 1   
5Z8 N3  O2   sing N N 2   
5Z8 N3  C6   sing N N 3   
5Z8 C5  C6   doub Y N 4   
5Z8 C5  C4   sing Y N 5   
5Z8 C6  C1   sing Y N 6   
5Z8 C4  C3   doub Y N 7   
5Z8 C1  C2   sing Y N 8   
5Z8 C1  N2   doub Y N 9   
5Z8 C3  C2   sing Y N 10  
5Z8 C2  N1   doub Y N 11  
5Z8 N2  O1   sing Y N 12  
5Z8 N1  O1   sing Y N 13  
5Z8 C4  H4   sing N N 14  
5Z8 C5  H5   sing N N 15  
5Z8 C3  CL1  sing N N 16  
AIB N   CA   sing N N 17  
AIB N   H    sing N N 18  
AIB N   H2   sing N N 19  
AIB CA  C    sing N N 20  
AIB CA  CB1  sing N N 21  
AIB CA  CB2  sing N N 22  
AIB C   O    doub N N 23  
AIB C   OXT  sing N N 24  
AIB OXT HXT  sing N N 25  
AIB CB1 HB11 sing N N 26  
AIB CB1 HB12 sing N N 27  
AIB CB1 HB13 sing N N 28  
AIB CB2 HB21 sing N N 29  
AIB CB2 HB22 sing N N 30  
AIB CB2 HB23 sing N N 31  
ALA N   CA   sing N N 32  
ALA N   H    sing N N 33  
ALA N   H2   sing N N 34  
ALA CA  C    sing N N 35  
ALA CA  CB   sing N N 36  
ALA CA  HA   sing N N 37  
ALA C   O    doub N N 38  
ALA C   OXT  sing N N 39  
ALA CB  HB1  sing N N 40  
ALA CB  HB2  sing N N 41  
ALA CB  HB3  sing N N 42  
ALA OXT HXT  sing N N 43  
CCN N   C1   trip N N 44  
CCN C1  C2   sing N N 45  
CCN C2  H21  sing N N 46  
CCN C2  H22  sing N N 47  
CCN C2  H23  sing N N 48  
DAB N   CA   sing N N 49  
DAB N   H    sing N N 50  
DAB N   H2   sing N N 51  
DAB CA  C    sing N N 52  
DAB CA  CB   sing N N 53  
DAB CA  HA   sing N N 54  
DAB C   O    doub N N 55  
DAB C   OXT  sing N N 56  
DAB CB  CG   sing N N 57  
DAB CB  HB2  sing N N 58  
DAB CB  HB3  sing N N 59  
DAB CG  ND   sing N N 60  
DAB CG  HG2  sing N N 61  
DAB CG  HG3  sing N N 62  
DAB ND  HD1  sing N N 63  
DAB ND  HD2  sing N N 64  
DAB OXT HXT  sing N N 65  
GLN N   CA   sing N N 66  
GLN N   H    sing N N 67  
GLN N   H2   sing N N 68  
GLN CA  C    sing N N 69  
GLN CA  CB   sing N N 70  
GLN CA  HA   sing N N 71  
GLN C   O    doub N N 72  
GLN C   OXT  sing N N 73  
GLN CB  CG   sing N N 74  
GLN CB  HB2  sing N N 75  
GLN CB  HB3  sing N N 76  
GLN CG  CD   sing N N 77  
GLN CG  HG2  sing N N 78  
GLN CG  HG3  sing N N 79  
GLN CD  OE1  doub N N 80  
GLN CD  NE2  sing N N 81  
GLN NE2 HE21 sing N N 82  
GLN NE2 HE22 sing N N 83  
GLN OXT HXT  sing N N 84  
HOH O   H1   sing N N 85  
HOH O   H2   sing N N 86  
I77 N15 N14  sing N N 87  
I77 O16 C13  doub N N 88  
I77 N14 C13  sing N N 89  
I77 C13 C12  sing N N 90  
I77 C12 C17  doub Y N 91  
I77 C12 C11  sing Y N 92  
I77 C17 C18  sing Y N 93  
I77 C11 N10  doub Y N 94  
I77 C18 C09  doub Y N 95  
I77 N10 C09  sing Y N 96  
I77 C09 C08  sing N N 97  
I77 C08 N07  doub Y N 98  
I77 C08 C05  sing Y N 99  
I77 N07 C06  sing Y N 100 
I77 C05 C04  doub Y N 101 
I77 C06 C03  doub Y N 102 
I77 C04 C03  sing Y N 103 
I77 C03 C02  sing N N 104 
I77 C02 N01  sing N N 105 
I77 C02 O19  doub N N 106 
I77 C11 H111 sing N N 107 
I77 C17 H171 sing N N 108 
I77 C18 H181 sing N N 109 
I77 C04 H041 sing N N 110 
I77 C05 H051 sing N N 111 
I77 C06 H061 sing N N 112 
I77 N01 H011 sing N N 113 
I77 N01 H012 sing N N 114 
I77 N14 H141 sing N N 115 
I77 N15 H1   sing N N 116 
I77 N15 H2   sing N N 117 
LEU N   CA   sing N N 118 
LEU N   H    sing N N 119 
LEU N   H2   sing N N 120 
LEU CA  C    sing N N 121 
LEU CA  CB   sing N N 122 
LEU CA  HA   sing N N 123 
LEU C   O    doub N N 124 
LEU C   OXT  sing N N 125 
LEU CB  CG   sing N N 126 
LEU CB  HB2  sing N N 127 
LEU CB  HB3  sing N N 128 
LEU CG  CD1  sing N N 129 
LEU CG  CD2  sing N N 130 
LEU CG  HG   sing N N 131 
LEU CD1 HD11 sing N N 132 
LEU CD1 HD12 sing N N 133 
LEU CD1 HD13 sing N N 134 
LEU CD2 HD21 sing N N 135 
LEU CD2 HD22 sing N N 136 
LEU CD2 HD23 sing N N 137 
LEU OXT HXT  sing N N 138 
Z7Z O1  C1   sing N N 139 
Z7Z O1  H1O  sing N N 140 
Z7Z C1  O2   doub N N 141 
Z7Z C1  C2   sing N N 142 
Z7Z C2  C3   doub Y N 143 
Z7Z C2  C5   sing Y N 144 
Z7Z C3  C4   sing Y N 145 
Z7Z C3  H31  sing N N 146 
Z7Z C4  C7   doub Y N 147 
Z7Z C4  H41  sing N N 148 
Z7Z C5  C6   doub Y N 149 
Z7Z C5  H51  sing N N 150 
Z7Z C6  C7   sing Y N 151 
Z7Z C6  H61  sing N N 152 
Z7Z C7  C8   sing N N 153 
Z7Z C8  C9   doub Y N 154 
Z7Z C8  C10  sing Y N 155 
Z7Z C9  C11  sing Y N 156 
Z7Z C9  H91  sing N N 157 
Z7Z C10 C12  doub Y N 158 
Z7Z C10 H101 sing N N 159 
Z7Z C11 C13  doub Y N 160 
Z7Z C11 H111 sing N N 161 
Z7Z C12 C13  sing Y N 162 
Z7Z C12 H121 sing N N 163 
Z7Z C13 H131 sing N N 164 
# 
_pdbx_audit_support.funding_organization   'Department of Energy (DOE, United States)' 
_pdbx_audit_support.country                'United States' 
_pdbx_audit_support.grant_number           DE-AC02-06CH11357 
_pdbx_audit_support.ordinal                1 
# 
_pdbx_initial_refinement_model.id               1 
_pdbx_initial_refinement_model.entity_id_list   ? 
_pdbx_initial_refinement_model.type             'experimental model' 
_pdbx_initial_refinement_model.source_name      PDB 
_pdbx_initial_refinement_model.accession_code   8GK9 
_pdbx_initial_refinement_model.details          ? 
# 
_space_group.name_H-M_alt     'P 1 21 1' 
_space_group.name_Hall        'P 2yb' 
_space_group.IT_number        4 
_space_group.crystal_system   monoclinic 
_space_group.id               1 
# 
_atom_sites.entry_id                    8VT8 
_atom_sites.Cartn_transf_matrix[1][1]   ? 
_atom_sites.Cartn_transf_matrix[1][2]   ? 
_atom_sites.Cartn_transf_matrix[1][3]   ? 
_atom_sites.Cartn_transf_matrix[2][1]   ? 
_atom_sites.Cartn_transf_matrix[2][2]   ? 
_atom_sites.Cartn_transf_matrix[2][3]   ? 
_atom_sites.Cartn_transf_matrix[3][1]   ? 
_atom_sites.Cartn_transf_matrix[3][2]   ? 
_atom_sites.Cartn_transf_matrix[3][3]   ? 
_atom_sites.Cartn_transf_vector[1]      ? 
_atom_sites.Cartn_transf_vector[2]      ? 
_atom_sites.Cartn_transf_vector[3]      ? 
_atom_sites.Cartn_transform_axes        ? 
_atom_sites.fract_transf_matrix[1][1]   0.00160343 
_atom_sites.fract_transf_matrix[1][2]   -0.00910493 
_atom_sites.fract_transf_matrix[1][3]   -0.04159579 
_atom_sites.fract_transf_matrix[2][1]   -0.04697647 
_atom_sites.fract_transf_matrix[2][2]   0.02372158 
_atom_sites.fract_transf_matrix[2][3]   -0.00700328 
_atom_sites.fract_transf_matrix[3][1]   0.00984543 
_atom_sites.fract_transf_matrix[3][2]   0.01748961 
_atom_sites.fract_transf_matrix[3][3]   -0.00679996 
_atom_sites.fract_transf_vector[1]      0.503810 
_atom_sites.fract_transf_vector[2]      -0.115812 
_atom_sites.fract_transf_vector[3]      0.248452 
_atom_sites.solution_primary            ? 
_atom_sites.solution_secondary          ? 
_atom_sites.solution_hydrogens          ? 
_atom_sites.special_details             ? 
# 
loop_
_atom_type.symbol 
_atom_type.scat_dispersion_real 
_atom_type.scat_dispersion_imag 
_atom_type.scat_Cromer_Mann_a1 
_atom_type.scat_Cromer_Mann_a2 
_atom_type.scat_Cromer_Mann_a3 
_atom_type.scat_Cromer_Mann_a4 
_atom_type.scat_Cromer_Mann_b1 
_atom_type.scat_Cromer_Mann_b2 
_atom_type.scat_Cromer_Mann_b3 
_atom_type.scat_Cromer_Mann_b4 
_atom_type.scat_Cromer_Mann_c 
_atom_type.scat_source 
_atom_type.scat_dispersion_source 
C ? ? 3.54356 2.42580 ? ? 25.62398 1.50364 ? ? 0.0 
;2-Gaussian fit: Grosse-Kunstleve RW, Sauter NK, Adams PD: Newsletter of the IUCr Commission on Crystallographic Computing 2004, 3, 22-31.
;
? 
H ? ? 0.51345 0.48472 ? ? 24.73122 6.32584 ? ? 0.0 
;2-Gaussian fit: Grosse-Kunstleve RW, Sauter NK, Adams PD: Newsletter of the IUCr Commission on Crystallographic Computing 2004, 3, 22-31.
;
? 
N ? ? 4.01032 2.96436 ? ? 19.97189 1.75589 ? ? 0.0 
;2-Gaussian fit: Grosse-Kunstleve RW, Sauter NK, Adams PD: Newsletter of the IUCr Commission on Crystallographic Computing 2004, 3, 22-31.
;
? 
O ? ? 4.49882 3.47563 ? ? 15.80542 1.70748 ? ? 0.0 
;2-Gaussian fit: Grosse-Kunstleve RW, Sauter NK, Adams PD: Newsletter of the IUCr Commission on Crystallographic Computing 2004, 3, 22-31.
;
? 
# 
loop_
_atom_site.group_PDB 
_atom_site.id 
_atom_site.type_symbol 
_atom_site.label_atom_id 
_atom_site.label_alt_id 
_atom_site.label_comp_id 
_atom_site.label_asym_id 
_atom_site.label_entity_id 
_atom_site.label_seq_id 
_atom_site.pdbx_PDB_ins_code 
_atom_site.Cartn_x 
_atom_site.Cartn_y 
_atom_site.Cartn_z 
_atom_site.occupancy 
_atom_site.B_iso_or_equiv 
_atom_site.pdbx_formal_charge 
_atom_site.auth_seq_id 
_atom_site.auth_comp_id 
_atom_site.auth_asym_id 
_atom_site.auth_atom_id 
_atom_site.pdbx_PDB_model_num 
HETATM 1    O O1   . Z7Z A 1 1  ? -9.53448  -3.97706  -7.15620  1.000 37.45967 ? 1   Z7Z A O1   1 
HETATM 2    C C1   . Z7Z A 1 1  ? -9.86616  -4.64851  -8.15507  1.000 32.56703 ? 1   Z7Z A C1   1 
HETATM 3    C C2   . Z7Z A 1 1  ? -9.11617  -4.41287  -9.44709  1.000 28.72216 ? 1   Z7Z A C2   1 
HETATM 4    C C3   . Z7Z A 1 1  ? -8.21758  -3.36346  -9.50368  1.000 33.08272 ? 1   Z7Z A C3   1 
HETATM 5    C C4   . Z7Z A 1 1  ? -7.50375  -3.10320  -10.66551 1.000 32.82758 ? 1   Z7Z A C4   1 
HETATM 6    C C5   . Z7Z A 1 1  ? -9.30291  -5.20697  -10.55982 1.000 32.04326 ? 1   Z7Z A C5   1 
HETATM 7    C C6   . Z7Z A 1 1  ? -8.57791  -4.94446  -11.71782 1.000 32.35380 ? 1   Z7Z A C6   1 
HETATM 8    C C7   . Z7Z A 1 1  ? -7.69191  -3.88561  -11.78193 1.000 32.28560 ? 1   Z7Z A C7   1 
HETATM 9    C C8   . Z7Z A 1 1  ? -6.89423  -3.57971  -13.05663 1.000 38.34127 ? 1   Z7Z A C8   1 
HETATM 10   C C9   . Z7Z A 1 1  ? -6.55582  -2.27162  -13.36328 1.000 38.37300 ? 1   Z7Z A C9   1 
HETATM 11   C C10  . Z7Z A 1 1  ? -6.48226  -4.59131  -13.90098 1.000 38.03875 ? 1   Z7Z A C10  1 
HETATM 12   C C11  . Z7Z A 1 1  ? -5.82396  -1.96335  -14.49953 1.000 38.98092 ? 1   Z7Z A C11  1 
HETATM 13   C C12  . Z7Z A 1 1  ? -5.74204  -4.29360  -15.04395 1.000 38.14137 ? 1   Z7Z A C12  1 
HETATM 14   C C13  . Z7Z A 1 1  ? -5.41081  -2.97993  -15.34570 1.000 36.99129 ? 1   Z7Z A C13  1 
HETATM 15   H H31  . Z7Z A 1 1  ? -8.06904  -2.73785  -8.63222  1.000 39.70710 ? 1   Z7Z A H31  1 
HETATM 16   H H41  . Z7Z A 1 1  ? -6.79735  -2.28276  -10.69341 1.000 39.40094 ? 1   Z7Z A H41  1 
HETATM 17   H H51  . Z7Z A 1 1  ? -10.00835 -6.02824  -10.53201 1.000 38.45975 ? 1   Z7Z A H51  1 
HETATM 18   H H61  . Z7Z A 1 1  ? -8.71009  -5.58085  -12.58410 1.000 38.83239 ? 1   Z7Z A H61  1 
HETATM 19   H H91  . Z7Z A 1 1  ? -6.86949  -1.47360  -12.70172 1.000 46.05544 ? 1   Z7Z A H91  1 
HETATM 20   H H101 . Z7Z A 1 1  ? -6.73510  -5.61974  -13.67451 1.000 45.65433 ? 1   Z7Z A H101 1 
HETATM 21   H H111 . Z7Z A 1 1  ? -5.57639  -0.93335  -14.72471 1.000 46.78494 ? 1   Z7Z A H111 1 
HETATM 22   H H121 . Z7Z A 1 1  ? -5.42308  -5.09302  -15.70127 1.000 45.77748 ? 1   Z7Z A H121 1 
HETATM 23   H H131 . Z7Z A 1 1  ? -4.83495  -2.75160  -16.23402 1.000 44.39739 ? 1   Z7Z A H131 1 
ATOM   24   N N    . ALA A 1 2  ? -10.85495 -5.65598  -8.36351  1.000 31.68010 ? 2   ALA A N    1 
ATOM   25   C CA   . ALA A 1 2  ? -11.61392 -5.88522  -7.14115  1.000 34.13564 ? 2   ALA A CA   1 
ATOM   26   C C    . ALA A 1 2  ? -10.70082 -6.30427  -5.99703  1.000 31.87491 ? 2   ALA A C    1 
ATOM   27   O O    . ALA A 1 2  ? -10.90265 -5.92650  -4.83299  1.000 34.30665 ? 2   ALA A O    1 
ATOM   28   C CB   . ALA A 1 2  ? -12.67110 -6.94385  -7.37965  1.000 38.51244 ? 2   ALA A CB   1 
ATOM   29   H H    . ALA A 1 2  ? -11.20768 -6.00657  -9.06528  1.000 38.02396 ? 2   ALA A H    1 
ATOM   30   H HA   . ALA A 1 2  ? -12.05487 -5.06021  -6.88458  1.000 40.97060 ? 2   ALA A HA   1 
ATOM   31   H HB1  . ALA A 1 2  ? -13.12697 -7.12888  -6.54367  1.000 46.22277 ? 2   ALA A HB1  1 
ATOM   32   H HB2  . ALA A 1 2  ? -13.30485 -6.61498  -8.03626  1.000 46.22277 ? 2   ALA A HB2  1 
ATOM   33   H HB3  . ALA A 1 2  ? -12.24261 -7.74969  -7.70816  1.000 46.22277 ? 2   ALA A HB3  1 
HETATM 34   N N    . AIB A 1 3  ? -9.69298  -7.09272  -6.33550  1.000 29.27201 ? 3   AIB A N    1 
HETATM 35   C CA   . AIB A 1 3  ? -8.75664  -7.59555  -5.36273  1.000 30.40360 ? 3   AIB A CA   1 
HETATM 36   C C    . AIB A 1 3  ? -8.10610  -6.45991  -4.57390  1.000 29.43242 ? 3   AIB A C    1 
HETATM 37   O O    . AIB A 1 3  ? -7.91312  -6.49229  -3.36271  1.000 28.62443 ? 3   AIB A O    1 
HETATM 38   C CB1  . AIB A 1 3  ? -9.39910  -8.55040  -4.35475  1.000 29.40871 ? 3   AIB A CB1  1 
HETATM 39   C CB2  . AIB A 1 3  ? -7.62410  -8.38117  -6.04538  1.000 30.72998 ? 3   AIB A CB2  1 
HETATM 40   H H    . AIB A 1 3  ? -9.28948  -7.12807  -7.25090  1.000 35.13424 ? 3   AIB A H    1 
HETATM 41   H HB11 . AIB A 1 3  ? -8.65015  -8.83872  -3.57925  1.000 35.29829 ? 3   AIB A HB11 1 
HETATM 42   H HB12 . AIB A 1 3  ? -10.26533 -8.04923  -3.86086  1.000 35.29829 ? 3   AIB A HB12 1 
HETATM 43   H HB13 . AIB A 1 3  ? -9.75599  -9.46799  -4.88021  1.000 35.29829 ? 3   AIB A HB13 1 
HETATM 44   H HB21 . AIB A 1 3  ? -7.00129  -8.87786  -5.26238  1.000 36.88382 ? 3   AIB A HB21 1 
HETATM 45   H HB22 . AIB A 1 3  ? -8.06989  -9.15095  -6.72095  1.000 36.88382 ? 3   AIB A HB22 1 
HETATM 46   H HB23 . AIB A 1 3  ? -6.99538  -7.67361  -6.63849  1.000 36.88382 ? 3   AIB A HB23 1 
HETATM 47   N N    . DAB A 1 4  ? -7.71273  -5.44008  -5.33048  1.000 24.90830 ? 4   DAB A N    1 
HETATM 48   C CA   . DAB A 1 4  ? -7.06346  -4.26486  -4.78231  1.000 25.18745 ? 4   DAB A CA   1 
HETATM 49   C C    . DAB A 1 4  ? -8.03783  -3.42703  -3.92601  1.000 28.79816 ? 4   DAB A C    1 
HETATM 50   O O    . DAB A 1 4  ? -7.65845  -2.93066  -2.83959  1.000 28.70865 ? 4   DAB A O    1 
HETATM 51   C CB   . DAB A 1 4  ? -6.50658  -3.33598  -5.84354  1.000 28.86109 ? 4   DAB A CB   1 
HETATM 52   C CG   . DAB A 1 4  ? -5.89261  -2.06103  -5.29257  1.000 28.75898 ? 4   DAB A CG   1 
HETATM 53   N ND   . DAB A 1 4  ? -5.24879  -2.18795  -4.00160  1.000 34.44614 ? 4   DAB A ND   1 
HETATM 54   H H    . DAB A 1 4  ? -7.46756  -5.51733  -6.15116  1.000 29.89780 ? 4   DAB A H    1 
HETATM 55   H HB2  . DAB A 1 4  ? -7.23692  -3.13059  -6.44794  1.000 34.64114 ? 4   DAB A HB2  1 
HETATM 56   H HB3  . DAB A 1 4  ? -5.84895  -3.84392  -6.34397  1.000 34.64114 ? 4   DAB A HB3  1 
HETATM 57   H HG2  . DAB A 1 4  ? -6.58187  -1.38333  -5.21177  1.000 34.51861 ? 4   DAB A HG2  1 
HETATM 58   H HG3  . DAB A 1 4  ? -5.23131  -1.72799  -5.91920  1.000 34.51861 ? 4   DAB A HG3  1 
HETATM 59   H HD1  . DAB A 1 4  ? -5.85522  -2.37958  -3.37900  1.000 41.34321 ? 4   DAB A HD1  1 
HETATM 60   N N    . AIB A 1 5  ? -9.24300  -3.24692  -4.43156  1.000 29.66672 ? 5   AIB A N    1 
HETATM 61   C CA   . AIB A 1 5  ? -10.25130 -2.53247  -3.70436  1.000 30.53257 ? 5   AIB A CA   1 
HETATM 62   C C    . AIB A 1 5  ? -10.40652 -3.06453  -2.28515  1.000 31.02468 ? 5   AIB A C    1 
HETATM 63   O O    . AIB A 1 5  ? -10.37334 -2.37748  -1.24723  1.000 34.63829 ? 5   AIB A O    1 
HETATM 64   C CB1  . AIB A 1 5  ? -9.93532  -1.03851  -3.71266  1.000 35.05417 ? 5   AIB A CB1  1 
HETATM 65   C CB2  . AIB A 1 5  ? -11.63933 -2.69602  -4.32475  1.000 29.90621 ? 5   AIB A CB2  1 
HETATM 66   H H    . AIB A 1 5  ? -9.45639  -3.26209  -5.40944  1.000 35.60790 ? 5   AIB A H    1 
HETATM 67   H HB11 . AIB A 1 5  ? -9.03150  -0.84149  -3.08836  1.000 42.07284 ? 5   AIB A HB11 1 
HETATM 68   H HB12 . AIB A 1 5  ? -10.80029 -0.46855  -3.29740  1.000 42.07284 ? 5   AIB A HB12 1 
HETATM 69   H HB13 . AIB A 1 5  ? -9.74054  -0.70079  -4.75835  1.000 42.07284 ? 5   AIB A HB13 1 
HETATM 70   H HB21 . AIB A 1 5  ? -11.83320 -3.78137  -4.50393  1.000 35.89529 ? 5   AIB A HB21 1 
HETATM 71   H HB22 . AIB A 1 5  ? -11.67430 -2.13913  -5.29239  1.000 35.89529 ? 5   AIB A HB22 1 
HETATM 72   H HB23 . AIB A 1 5  ? -12.40380 -2.28460  -3.62189  1.000 35.89529 ? 5   AIB A HB23 1 
ATOM   73   N N    . LEU A 1 6  ? -10.60493 -4.37995  -2.25900  1.000 27.91918 ? 6   LEU A N    1 
ATOM   74   C CA   . LEU A 1 6  ? -10.80874 -5.07461  -1.00109  1.000 28.14821 ? 6   LEU A CA   1 
ATOM   75   C C    . LEU A 1 6  ? -9.56675  -5.08311  -0.12950  1.000 27.12968 ? 6   LEU A C    1 
ATOM   76   O O    . LEU A 1 6  ? -9.63054  -4.81104  1.05851   1.000 31.75902 ? 6   LEU A O    1 
ATOM   77   C CB   . LEU A 1 6  ? -11.23605 -6.50839  -1.24175  1.000 31.88001 ? 6   LEU A CB   1 
ATOM   78   C CG   . LEU A 1 6  ? -12.69651 -6.73059  -1.56421  1.000 32.89876 ? 6   LEU A CG   1 
ATOM   79   C CD1  . LEU A 1 6  ? -12.94021 -8.18703  -1.81166  1.000 37.62544 ? 6   LEU A CD1  1 
ATOM   80   C CD2  . LEU A 1 6  ? -13.55646 -6.22534  -0.41573  1.000 38.57294 ? 6   LEU A CD2  1 
ATOM   81   H H    . LEU A 1 6  ? -10.62508 -4.88570  -2.95427  1.000 33.51085 ? 6   LEU A H    1 
ATOM   82   H HA   . LEU A 1 6  ? -11.50881 -4.60191  -0.52426  1.000 33.78569 ? 6   LEU A HA   1 
ATOM   83   H HB2  . LEU A 1 6  ? -10.72314 -6.85355  -1.98921  1.000 38.26385 ? 6   LEU A HB2  1 
ATOM   84   H HB3  . LEU A 1 6  ? -11.03985 -7.01908  -0.44076  1.000 38.26385 ? 6   LEU A HB3  1 
ATOM   85   H HG   . LEU A 1 6  ? -12.94269 -6.24130  -2.36476  1.000 39.48635 ? 6   LEU A HG   1 
ATOM   86   H HD11 . LEU A 1 6  ? -13.87036 -8.31462  -2.05547  1.000 45.15836 ? 6   LEU A HD11 1 
ATOM   87   H HD12 . LEU A 1 6  ? -12.36511 -8.48525  -2.53363  1.000 45.15836 ? 6   LEU A HD12 1 
ATOM   88   H HD13 . LEU A 1 6  ? -12.73935 -8.68277  -1.00247  1.000 45.15836 ? 6   LEU A HD13 1 
ATOM   89   H HD21 . LEU A 1 6  ? -14.27954 -6.85350  -0.26255  1.000 46.29537 ? 6   LEU A HD21 1 
ATOM   90   H HD22 . LEU A 1 6  ? -13.00793 -6.15171  0.38087   1.000 46.29537 ? 6   LEU A HD22 1 
ATOM   91   H HD23 . LEU A 1 6  ? -13.91753 -5.35612  -0.65023  1.000 46.29537 ? 6   LEU A HD23 1 
HETATM 92   N N    . AIB A 1 7  ? -8.44005  -5.44738  -0.71526  1.000 29.20342 ? 7   AIB A N    1 
HETATM 93   C CA   . AIB A 1 7  ? -7.18542  -5.40752  -0.02424  1.000 27.09267 ? 7   AIB A CA   1 
HETATM 94   C C    . AIB A 1 7  ? -6.99204  -4.12173  0.76072   1.000 30.60871 ? 7   AIB A C    1 
HETATM 95   O O    . AIB A 1 7  ? -6.57085  -4.08434  1.91899   1.000 31.10901 ? 7   AIB A O    1 
HETATM 96   C CB1  . AIB A 1 7  ? -7.08163  -6.55547  0.97637   1.000 27.25333 ? 7   AIB A CB1  1 
HETATM 97   C CB2  . AIB A 1 7  ? -6.00476  -5.48116  -0.99628  1.000 25.42410 ? 7   AIB A CB2  1 
HETATM 98   H H    . AIB A 1 7  ? -8.38628  -6.07109  -1.49634  1.000 35.05194 ? 7   AIB A H    1 
HETATM 99   H HB11 . AIB A 1 7  ? -6.17688  -6.41746  1.61499   1.000 32.71183 ? 7   AIB A HB11 1 
HETATM 100  H HB12 . AIB A 1 7  ? -7.98991  -6.57303  1.62458   1.000 32.71183 ? 7   AIB A HB12 1 
HETATM 101  H HB13 . AIB A 1 7  ? -7.00131  -7.52512  0.42976   1.000 32.71183 ? 7   AIB A HB13 1 
HETATM 102  H HB21 . AIB A 1 7  ? -6.22424  -4.84220  -1.88581  1.000 30.51676 ? 7   AIB A HB21 1 
HETATM 103  H HB22 . AIB A 1 7  ? -5.08476  -5.11224  -0.48132  1.000 30.51676 ? 7   AIB A HB22 1 
HETATM 104  H HB23 . AIB A 1 7  ? -5.86147  -6.54165  -1.31644  1.000 30.51676 ? 7   AIB A HB23 1 
ATOM   105  N N    . ALA A 1 8  ? -7.36599  -3.03184  0.09218   1.000 28.10083 ? 8   ALA A N    1 
ATOM   106  C CA   . ALA A 1 8  ? -7.19250  -1.68998  0.62763   1.000 29.82449 ? 8   ALA A CA   1 
ATOM   107  C C    . ALA A 1 8  ? -8.19815  -1.42298  1.74819   1.000 25.60062 ? 8   ALA A C    1 
ATOM   108  O O    . ALA A 1 8  ? -7.83262  -0.94171  2.81533   1.000 31.64058 ? 8   ALA A O    1 
ATOM   109  C CB   . ALA A 1 8  ? -7.34091  -0.64903  -0.49932  1.000 31.58529 ? 8   ALA A CB   1 
ATOM   110  H H    . ALA A 1 8  ? -7.72888  -3.04654  -0.68738  1.000 33.72883 ? 8   ALA A H    1 
ATOM   111  H HA   . ALA A 1 8  ? -6.30098  -1.60222  0.99963   1.000 35.79722 ? 8   ALA A HA   1 
ATOM   112  H HB1  . ALA A 1 8  ? -6.68440  -0.83440  -1.18892  1.000 37.91019 ? 8   ALA A HB1  1 
ATOM   113  H HB2  . ALA A 1 8  ? -8.23548  -0.70963  -0.86941  1.000 37.91019 ? 8   ALA A HB2  1 
ATOM   114  H HB3  . ALA A 1 8  ? -7.19407  0.23679   -0.13236  1.000 37.91019 ? 8   ALA A HB3  1 
HETATM 115  N N    . AIB A 1 9  ? -9.46934  -1.70935  1.48915   1.000 27.19530 ? 9   AIB A N    1 
HETATM 116  C CA   . AIB A 1 9  ? -10.46829 -1.75420  2.54441   1.000 29.82723 ? 9   AIB A CA   1 
HETATM 117  C C    . AIB A 1 9  ? -10.03467 -2.40891  3.86909   1.000 28.75877 ? 9   AIB A C    1 
HETATM 118  O O    . AIB A 1 9  ? -10.08752 -1.85906  4.97101   1.000 33.16968 ? 9   AIB A O    1 
HETATM 119  C CB1  . AIB A 1 9  ? -10.96537 -0.33929  2.86169   1.000 30.55101 ? 9   AIB A CB1  1 
HETATM 120  C CB2  . AIB A 1 9  ? -11.71635 -2.53476  2.14728   1.000 31.11680 ? 9   AIB A CB2  1 
HETATM 121  H H    . AIB A 1 9  ? -9.90799  -1.57889  0.59889   1.000 32.64219 ? 9   AIB A H    1 
HETATM 122  H HB11 . AIB A 1 9  ? -11.59972 0.03375   2.02271   1.000 36.66905 ? 9   AIB A HB11 1 
HETATM 123  H HB12 . AIB A 1 9  ? -11.56882 -0.35402  3.80036   1.000 36.66905 ? 9   AIB A HB12 1 
HETATM 124  H HB13 . AIB A 1 9  ? -10.09375 0.34464   2.99573   1.000 36.66905 ? 9   AIB A HB13 1 
HETATM 125  H HB21 . AIB A 1 9  ? -11.42728 -3.58610  1.90481   1.000 37.34799 ? 9   AIB A HB21 1 
HETATM 126  H HB22 . AIB A 1 9  ? -12.43842 -2.52628  2.99946   1.000 37.34799 ? 9   AIB A HB22 1 
HETATM 127  H HB23 . AIB A 1 9  ? -12.17910 -2.05209  1.25252   1.000 37.34799 ? 9   AIB A HB23 1 
ATOM   128  N N    . LEU A 1 10 ? -9.60197  -3.65379  3.76073   1.000 27.64024 ? 10  LEU A N    1 
ATOM   129  C CA   . LEU A 1 10 ? -9.10139  -4.37716  4.93614   1.000 31.26147 ? 10  LEU A CA   1 
ATOM   130  C C    . LEU A 1 10 ? -7.92624  -3.66802  5.57332   1.000 26.98223 ? 10  LEU A C    1 
ATOM   131  O O    . LEU A 1 10 ? -7.86653  -3.51127  6.79660   1.000 27.26643 ? 10  LEU A O    1 
ATOM   132  C CB   . LEU A 1 10 ? -8.69095  -5.78050  4.53219   1.000 29.61938 ? 10  LEU A CB   1 
ATOM   133  C CG   . LEU A 1 10 ? -8.19370  -6.79107  5.54495   1.000 33.61192 ? 10  LEU A CG   1 
ATOM   134  C CD1  . LEU A 1 10 ? -9.30831  -7.08442  6.46062   1.000 35.18050 ? 10  LEU A CD1  1 
ATOM   135  C CD2  . LEU A 1 10 ? -7.81410  -8.05820  4.80627   1.000 41.33116 ? 10  LEU A CD2  1 
ATOM   136  H H    . LEU A 1 10 ? -9.58480  -4.10435  3.02840   1.000 33.17612 ? 10  LEU A H    1 
ATOM   137  H HA   . LEU A 1 10 ? -9.80744  -4.42731  5.59938   1.000 37.52160 ? 10  LEU A HA   1 
ATOM   138  H HB2  . LEU A 1 10 ? -9.46556  -6.18843  4.11447   1.000 35.55109 ? 10  LEU A HB2  1 
ATOM   139  H HB3  . LEU A 1 10 ? -7.97554  -5.68629  3.88395   1.000 35.55109 ? 10  LEU A HB3  1 
ATOM   140  H HG   . LEU A 1 10 ? -7.42746  -6.46050  6.03942   1.000 40.34214 ? 10  LEU A HG   1 
ATOM   141  H HD11 . LEU A 1 10 ? -9.00365  -7.70615  7.13998   1.000 42.22444 ? 10  LEU A HD11 1 
ATOM   142  H HD12 . LEU A 1 10 ? -9.60163  -6.25833  6.87589   1.000 42.22444 ? 10  LEU A HD12 1 
ATOM   143  H HD13 . LEU A 1 10 ? -10.03702 -7.47755  5.95533   1.000 42.22444 ? 10  LEU A HD13 1 
ATOM   144  H HD21 . LEU A 1 10 ? -7.51565  -8.72087  5.44867   1.000 49.60522 ? 10  LEU A HD21 1 
ATOM   145  H HD22 . LEU A 1 10 ? -8.58975  -8.38847  4.32649   1.000 49.60522 ? 10  LEU A HD22 1 
ATOM   146  H HD23 . LEU A 1 10 ? -7.09952  -7.85764  4.18173   1.000 49.60522 ? 10  LEU A HD23 1 
HETATM 147  N N    . AIB A 1 11 ? -6.99265  -3.21215  4.75023   1.000 25.48200 ? 11  AIB A N    1 
HETATM 148  C CA   . AIB A 1 11 ? -5.83599  -2.48567  5.24614   1.000 25.67162 ? 11  AIB A CA   1 
HETATM 149  C C    . AIB A 1 11 ? -6.26064  -1.31345  6.13998   1.000 30.24041 ? 11  AIB A C    1 
HETATM 150  O O    . AIB A 1 11 ? -5.76543  -1.08030  7.24497   1.000 32.33013 ? 11  AIB A O    1 
HETATM 151  C CB1  . AIB A 1 11 ? -4.92911  -3.40257  6.07918   1.000 30.42192 ? 11  AIB A CB1  1 
HETATM 152  C CB2  . AIB A 1 11 ? -4.99478  -1.85000  4.12494   1.000 24.19239 ? 11  AIB A CB2  1 
HETATM 153  H H    . AIB A 1 11 ? -7.14102  -3.01430  3.78026   1.000 30.58623 ? 11  AIB A H    1 
HETATM 154  H HB11 . AIB A 1 11 ? -3.96828  -2.88031  6.30167   1.000 36.51414 ? 11  AIB A HB11 1 
HETATM 155  H HB12 . AIB A 1 11 ? -5.43652  -3.66319  7.03838   1.000 36.51414 ? 11  AIB A HB12 1 
HETATM 156  H HB13 . AIB A 1 11 ? -4.71555  -4.33855  5.51015   1.000 36.51414 ? 11  AIB A HB13 1 
HETATM 157  H HB21 . AIB A 1 11 ? -4.26644  -2.60553  3.74233   1.000 29.03870 ? 11  AIB A HB21 1 
HETATM 158  H HB22 . AIB A 1 11 ? -5.67339  -1.52465  3.29953   1.000 29.03870 ? 11  AIB A HB22 1 
HETATM 159  H HB23 . AIB A 1 11 ? -4.44639  -0.96787  4.53579   1.000 29.03870 ? 11  AIB A HB23 1 
ATOM   160  N N    A GLN A 1 12 ? -7.22289  -0.55785  5.62072   0.299 29.87989 ? 12  GLN A N    1 
ATOM   161  N N    B GLN A 1 12 ? -7.22410  -0.56108  5.62742   0.701 30.32996 ? 12  GLN A N    1 
ATOM   162  C CA   A GLN A 1 12 ? -7.75197  0.60633   6.31527   0.299 29.59830 ? 12  GLN A CA   1 
ATOM   163  C CA   B GLN A 1 12 ? -7.72655  0.58800   6.34718   0.701 30.13261 ? 12  GLN A CA   1 
ATOM   164  C C    A GLN A 1 12 ? -8.43446  0.19512   7.61810   0.299 30.78787 ? 12  GLN A C    1 
ATOM   165  C C    B GLN A 1 12 ? -8.41020  0.17087   7.63925   0.701 30.31938 ? 12  GLN A C    1 
ATOM   166  O O    A GLN A 1 12 ? -8.19087  0.78576   8.67344   0.299 30.81683 ? 12  GLN A O    1 
ATOM   167  O O    B GLN A 1 12 ? -8.14475  0.73373   8.70978   0.701 29.28510 ? 12  GLN A O    1 
ATOM   168  C CB   A GLN A 1 12 ? -8.73325  1.34759   5.40833   0.299 30.64841 ? 12  GLN A CB   1 
ATOM   169  C CB   B GLN A 1 12 ? -8.68540  1.36138   5.46813   0.701 34.09622 ? 12  GLN A CB   1 
ATOM   170  C CG   A GLN A 1 12 ? -9.24705  2.66967   5.96584   0.299 33.06177 ? 12  GLN A CG   1 
ATOM   171  C CG   B GLN A 1 12 ? -9.14497  2.64275   6.08009   0.701 42.27862 ? 12  GLN A CG   1 
ATOM   172  C CD   A GLN A 1 12 ? -8.52521  3.88117   5.39517   0.299 32.11969 ? 12  GLN A CD   1 
ATOM   173  C CD   B GLN A 1 12 ? -10.00777 3.43259   5.13216   0.701 44.11057 ? 12  GLN A CD   1 
ATOM   174  O OE1  A GLN A 1 12 ? -8.02337  4.72578   6.13434   0.299 36.77273 ? 12  GLN A OE1  1 
ATOM   175  O OE1  B GLN A 1 12 ? -9.51923  3.95537   4.13780   0.701 45.41594 ? 12  GLN A OE1  1 
ATOM   176  N NE2  A GLN A 1 12 ? -8.48179  3.97520   4.07694   0.299 29.93780 ? 12  GLN A NE2  1 
ATOM   177  N NE2  B GLN A 1 12 ? -11.29712 3.51703   5.42554   0.701 48.97420 ? 12  GLN A NE2  1 
ATOM   178  H H    A GLN A 1 12 ? -7.59020  -0.70184  4.85655   0.299 35.86370 ? 12  GLN A H    1 
ATOM   179  H H    B GLN A 1 12 ? -7.59956  -0.69848  4.86602   0.701 36.40379 ? 12  GLN A H    1 
ATOM   180  H HA   A GLN A 1 12 ? -7.02853  1.21245   6.53918   0.299 35.52579 ? 12  GLN A HA   1 
ATOM   181  H HA   B GLN A 1 12 ? -6.98832  1.17100   6.58385   0.701 36.16696 ? 12  GLN A HA   1 
ATOM   182  H HB2  A GLN A 1 12 ? -8.29016  1.53864   4.56687   0.299 36.78593 ? 12  GLN A HB2  1 
ATOM   183  H HB2  B GLN A 1 12 ? -8.24268  1.57263   4.63132   0.701 40.92330 ? 12  GLN A HB2  1 
ATOM   184  H HB3  A GLN A 1 12 ? -9.50262  0.77681   5.25605   0.299 36.78593 ? 12  GLN A HB3  1 
ATOM   185  H HB3  B GLN A 1 12 ? -9.46816  0.81363   5.30029   0.701 40.92330 ? 12  GLN A HB3  1 
ATOM   186  H HG2  A GLN A 1 12 ? -10.18929 2.75608   5.75223   0.299 39.68197 ? 12  GLN A HG2  1 
ATOM   187  H HG2  B GLN A 1 12 ? -9.66466  2.44946   6.87599   0.701 50.74218 ? 12  GLN A HG2  1 
ATOM   188  H HG3  A GLN A 1 12 ? -9.12317  2.67464   6.92788   0.299 39.68197 ? 12  GLN A HG3  1 
ATOM   189  H HG3  B GLN A 1 12 ? -8.37285  3.18257   6.31103   0.701 50.74218 ? 12  GLN A HG3  1 
ATOM   190  H HE21 A GLN A 1 12 ? -8.85034  3.36946   3.59027   0.299 35.93319 ? 12  GLN A HE21 1 
ATOM   191  H HE21 B GLN A 1 12 ? -11.60407 3.13053   6.12981   0.701 58.77687 ? 12  GLN A HE21 1 
ATOM   192  H HE22 A GLN A 1 12 ? -8.08499  4.64209   3.70625   0.299 35.93319 ? 12  GLN A HE22 1 
ATOM   193  H HE22 B GLN A 1 12 ? -11.82703 3.95832   4.91168   0.701 58.77687 ? 12  GLN A HE22 1 
HETATM 194  N N    . AIB A 1 13 ? -9.27550  -0.83032  7.53616   1.000 31.47742 ? 13  AIB A N    1 
HETATM 195  C CA   . AIB A 1 13 ? -10.08200 -1.28424  8.66308   1.000 30.66423 ? 13  AIB A CA   1 
HETATM 196  C C    . AIB A 1 13 ? -9.23737  -1.63330  9.88832   1.000 29.37975 ? 13  AIB A C    1 
HETATM 197  O O    . AIB A 1 13 ? -9.55052  -1.43074  11.08006  1.000 30.68256 ? 13  AIB A O    1 
HETATM 198  C CB1  . AIB A 1 13 ? -11.08761 -0.21381  9.12160   1.000 33.64346 ? 13  AIB A CB1  1 
HETATM 199  C CB2  . AIB A 1 13 ? -10.85443 -2.56971  8.31410   1.000 32.03802 ? 13  AIB A CB2  1 
HETATM 200  H H    . AIB A 1 13 ? -9.21480  -1.55490  6.84818   1.000 37.78074 ? 13  AIB A H    1 
HETATM 201  H HB11 . AIB A 1 13 ? -11.73676 0.08458   8.26428   1.000 40.37999 ? 13  AIB A HB11 1 
HETATM 202  H HB12 . AIB A 1 13 ? -11.72558 -0.62305  9.94074   1.000 40.37999 ? 13  AIB A HB12 1 
HETATM 203  H HB13 . AIB A 1 13 ? -10.53848 0.68256   9.49631   1.000 40.37999 ? 13  AIB A HB13 1 
HETATM 204  H HB21 . AIB A 1 13 ? -10.77448 -2.75649  7.21574   1.000 38.45346 ? 13  AIB A HB21 1 
HETATM 205  H HB22 . AIB A 1 13 ? -10.41142 -3.42598  8.87823   1.000 38.45346 ? 13  AIB A HB22 1 
HETATM 206  H HB23 . AIB A 1 13 ? -11.92634 -2.44023  8.60033   1.000 38.45346 ? 13  AIB A HB23 1 
ATOM   207  N N    . LEU A 1 14 ? -8.08080  -2.18497  9.55842   1.000 26.85596 ? 14  LEU A N    1 
ATOM   208  C CA   . LEU A 1 14 ? -7.18397  -2.64275  10.58648  1.000 27.93241 ? 14  LEU A CA   1 
ATOM   209  C C    . LEU A 1 14 ? -6.14660  -1.59220  10.90831  1.000 29.60610 ? 14  LEU A C    1 
ATOM   210  O O    . LEU A 1 14 ? -5.05810  -1.92612  11.34874  1.000 29.69302 ? 14  LEU A O    1 
ATOM   211  C CB   . LEU A 1 14 ? -6.49085  -3.91892  10.15109  1.000 34.48292 ? 14  LEU A CB   1 
ATOM   212  C CG   . LEU A 1 14 ? -7.44450  -5.05078  9.82421   1.000 34.59634 ? 14  LEU A CG   1 
ATOM   213  C CD1  . LEU A 1 14 ? -6.65520  -6.22221  9.35151   1.000 36.43061 ? 14  LEU A CD1  1 
ATOM   214  C CD2  . LEU A 1 14 ? -8.27592  -5.39342  11.02888  1.000 40.78897 ? 14  LEU A CD2  1 
ATOM   215  H H    . LEU A 1 14 ? -7.80160  -2.30119  8.75336   1.000 32.23498 ? 14  LEU A H    1 
ATOM   216  H HA   . LEU A 1 14 ? -7.69535  -2.82584  11.39014  1.000 33.52673 ? 14  LEU A HA   1 
ATOM   217  H HB2  . LEU A 1 14 ? -5.96731  -3.73296  9.35596   1.000 41.38734 ? 14  LEU A HB2  1 
ATOM   218  H HB3  . LEU A 1 14 ? -5.91016  -4.21787  10.86825  1.000 41.38734 ? 14  LEU A HB3  1 
ATOM   219  H HG   . LEU A 1 14 ? -8.05876  -4.78998  9.12024   1.000 41.52345 ? 14  LEU A HG   1 
ATOM   220  H HD11 . LEU A 1 14 ? -7.26561  -6.91795  9.06129   1.000 43.72457 ? 14  LEU A HD11 1 
ATOM   221  H HD12 . LEU A 1 14 ? -6.09252  -5.94592  8.61127   1.000 43.72457 ? 14  LEU A HD12 1 
ATOM   222  H HD13 . LEU A 1 14 ? -6.10542  -6.54782  10.08132  1.000 43.72457 ? 14  LEU A HD13 1 
ATOM   223  H HD21 . LEU A 1 14 ? -8.71232  -6.24667  10.87910  1.000 48.95460 ? 14  LEU A HD21 1 
ATOM   224  H HD22 . LEU A 1 14 ? -7.69800  -5.44937  11.80591  1.000 48.95460 ? 14  LEU A HD22 1 
ATOM   225  H HD23 . LEU A 1 14 ? -8.94142  -4.70017  11.16084  1.000 48.95460 ? 14  LEU A HD23 1 
HETATM 226  C C11  . I77 A 1 15 ? -3.97758  2.96478   11.77554  1.000 28.47705 ? 15  I77 A C11  1 
HETATM 227  C C12  . I77 A 1 15 ? -4.55234  2.18366   12.74657  1.000 26.50849 ? 15  I77 A C12  1 
HETATM 228  C C13  . I77 A 1 15 ? -5.50853  1.07842   12.34490  1.000 26.16100 ? 15  I77 A C13  1 
HETATM 229  C C17  . I77 A 1 15 ? -4.26780  2.43658   14.07024  1.000 26.23746 ? 15  I77 A C17  1 
HETATM 230  C C18  . I77 A 1 15 ? -3.39479  3.44798   14.37498  1.000 31.44053 ? 15  I77 A C18  1 
HETATM 231  C C02  . I77 A 1 15 ? 0.83543   8.50914   14.19609  1.000 51.35871 ? 15  I77 A C02  1 
HETATM 232  C C03  . I77 A 1 15 ? -0.16166  7.35338   13.99660  1.000 44.84752 ? 15  I77 A C03  1 
HETATM 233  C C04  . I77 A 1 15 ? -0.24367  6.79197   12.74459  1.000 43.65256 ? 15  I77 A C04  1 
HETATM 234  C C05  . I77 A 1 15 ? -1.14013  5.76342   12.58107  1.000 45.31590 ? 15  I77 A C05  1 
HETATM 235  C C06  . I77 A 1 15 ? -0.95664  6.89294   15.04145  1.000 43.71844 ? 15  I77 A C06  1 
HETATM 236  C C08  . I77 A 1 15 ? -1.90032  5.33121   13.64225  1.000 41.21281 ? 15  I77 A C08  1 
HETATM 237  C C09  . I77 A 1 15 ? -2.85362  4.19539   13.35687  1.000 33.95934 ? 15  I77 A C09  1 
HETATM 238  N N01  . I77 A 1 15 ? 0.97979   9.02633   15.54707  1.000 50.66920 ? 15  I77 A N01  1 
HETATM 239  N N07  . I77 A 1 15 ? -1.80094  5.89001   14.82862  1.000 43.77619 ? 15  I77 A N07  1 
HETATM 240  N N10  . I77 A 1 15 ? -3.16298  3.93340   12.10841  1.000 32.27748 ? 15  I77 A N10  1 
HETATM 241  N N14  . I77 A 1 15 ? -5.56279  0.72761   10.91297  1.000 25.20319 ? 15  I77 A N14  1 
HETATM 242  N N15  . I77 A 1 15 ? -6.43449  -0.27413  10.44560  1.000 32.28002 ? 15  I77 A N15  1 
HETATM 243  O O16  . I77 A 1 15 ? -6.19050  0.56353   13.17052  1.000 29.17714 ? 15  I77 A O16  1 
HETATM 244  O O19  . I77 A 1 15 ? 1.45035   8.95840   13.27557  1.000 53.76426 ? 15  I77 A O19  1 
HETATM 245  H H111 . I77 A 1 15 ? -4.19772  2.78000   10.73552  1.000 34.18030 ? 15  I77 A H111 1 
HETATM 246  H H171 . I77 A 1 15 ? -4.72829  1.84352   14.86039  1.000 31.49278 ? 15  I77 A H171 1 
HETATM 247  H H181 . I77 A 1 15 ? -3.13333  3.65665   15.41028  1.000 37.73648 ? 15  I77 A H181 1 
HETATM 248  H H041 . I77 A 1 15 ? 0.36499   7.14122   11.93154  1.000 52.39091 ? 15  I77 A H041 1 
HETATM 249  H H051 . I77 A 1 15 ? -1.24850  5.29116   11.61252  1.000 54.38691 ? 15  I77 A H051 1 
HETATM 250  H H061 . I77 A 1 15 ? -0.88763  7.34821   16.01946  1.000 52.46996 ? 15  I77 A H061 1 
HETATM 251  H H011 . I77 A 1 15 ? 0.45167   8.63583   16.29978  1.000 60.81088 ? 15  I77 A H011 1 
HETATM 252  H H012 . I77 A 1 15 ? 1.61756   9.78392   15.72219  1.000 60.81088 ? 15  I77 A H012 1 
HETATM 253  H H141 . I77 A 1 15 ? -4.96844  1.21103   10.26097  1.000 30.25166 ? 15  I77 A H141 1 
HETATM 254  H H1   . I77 A 1 15 ? -6.14103  -0.55105  9.52241   1.000 38.74386 ? 15  I77 A H1   1 
HETATM 255  O O1   . Z7Z B 1 1  ? -0.44602  10.21246  4.65065   1.000 28.14262 ? 1   Z7Z B O1   1 
HETATM 256  C C1   . Z7Z B 1 1  ? -0.26722  10.92841  5.65681   1.000 22.77413 ? 1   Z7Z B C1   1 
HETATM 257  C C2   . Z7Z B 1 1  ? -0.90415  10.60876  7.00354   1.000 24.92649 ? 1   Z7Z B C2   1 
HETATM 258  C C3   . Z7Z B 1 1  ? -1.89835  9.64745   7.07059   1.000 31.17191 ? 1   Z7Z B C3   1 
HETATM 259  C C4   . Z7Z B 1 1  ? -2.51239  9.34959   8.27327   1.000 26.78750 ? 1   Z7Z B C4   1 
HETATM 260  C C5   . Z7Z B 1 1  ? -0.50084  11.27458  8.13795   1.000 20.61322 ? 1   Z7Z B C5   1 
HETATM 261  C C6   . Z7Z B 1 1  ? -1.10847  10.96913  9.34516   1.000 24.45803 ? 1   Z7Z B C6   1 
HETATM 262  C C7   . Z7Z B 1 1  ? -2.10722  10.02160  9.39950   1.000 23.81610 ? 1   Z7Z B C7   1 
HETATM 263  C C8   . Z7Z B 1 1  ? -2.71810  9.70303   10.74393  1.000 25.78212 ? 1   Z7Z B C8   1 
HETATM 264  C C9   . Z7Z B 1 1  ? -3.13181  8.41134   11.00112  1.000 27.14009 ? 1   Z7Z B C9   1 
HETATM 265  C C10  . Z7Z B 1 1  ? -2.84339  10.69475  11.68878  1.000 30.81675 ? 1   Z7Z B C10  1 
HETATM 266  C C11  . Z7Z B 1 1  ? -3.69154  8.09332   12.22072  1.000 27.11895 ? 1   Z7Z B C11  1 
HETATM 267  C C12  . Z7Z B 1 1  ? -3.41380  10.38479  12.90132  1.000 30.52977 ? 1   Z7Z B C12  1 
HETATM 268  C C13  . Z7Z B 1 1  ? -3.83285  9.08519   13.16618  1.000 25.61379 ? 1   Z7Z B C13  1 
HETATM 269  H H31  . Z7Z B 1 1  ? -2.19828  9.12325   6.17162   1.000 37.41413 ? 1   Z7Z B H31  1 
HETATM 270  H H41  . Z7Z B 1 1  ? -3.29522  8.60304   8.32542   1.000 32.15283 ? 1   Z7Z B H41  1 
HETATM 271  H H51  . Z7Z B 1 1  ? 0.27853   12.02490  8.08820   1.000 24.74370 ? 1   Z7Z B H51  1 
HETATM 272  H H61  . Z7Z B 1 1  ? -0.79712  11.47715  10.24952  1.000 29.35747 ? 1   Z7Z B H61  1 
HETATM 273  H H91  . Z7Z B 1 1  ? -3.01656  7.64610   10.24349  1.000 32.57595 ? 1   Z7Z B H91  1 
HETATM 274  H H101 . Z7Z B 1 1  ? -2.49939  11.70061  11.48188  1.000 36.98793 ? 1   Z7Z B H101 1 
HETATM 275  H H111 . Z7Z B 1 1  ? -4.01441  7.08129   12.43153  1.000 32.55057 ? 1   Z7Z B H111 1 
HETATM 276  H H121 . Z7Z B 1 1  ? -3.53708  11.15521  13.65242  1.000 36.64356 ? 1   Z7Z B H121 1 
HETATM 277  H H131 . Z7Z B 1 1  ? -4.27519  8.85046   14.12645  1.000 30.74438 ? 1   Z7Z B H131 1 
ATOM   278  N N    . ALA B 1 2  ? 0.13352   12.27307  5.41463   1.000 28.09257 ? 2   ALA B N    1 
ATOM   279  C CA   . ALA B 1 2  ? 0.44100   12.76194  4.08807   1.000 25.30309 ? 2   ALA B CA   1 
ATOM   280  C C    . ALA B 1 2  ? 1.45934   11.87637  3.40727   1.000 25.01353 ? 2   ALA B C    1 
ATOM   281  O O    . ALA B 1 2  ? 1.31036   11.52015  2.22678   1.000 27.13484 ? 2   ALA B O    1 
ATOM   282  C CB   . ALA B 1 2  ? 0.95982   14.14498  4.17343   1.000 28.92970 ? 2   ALA B CB   1 
ATOM   283  H H    . ALA B 1 2  ? 0.17670   12.87426  6.02420   1.000 33.71892 ? 2   ALA B H    1 
ATOM   284  H HA   . ALA B 1 2  ? -0.36868  12.76106  3.55391   1.000 30.37154 ? 2   ALA B HA   1 
ATOM   285  H HB1  . ALA B 1 2  ? 1.03721   14.50909  3.27769   1.000 34.72348 ? 2   ALA B HB1  1 
ATOM   286  H HB2  . ALA B 1 2  ? 0.34394   14.68159  4.69655   1.000 34.72348 ? 2   ALA B HB2  1 
ATOM   287  H HB3  . ALA B 1 2  ? 1.83052   14.12984  4.60070   1.000 34.72348 ? 2   ALA B HB3  1 
HETATM 288  N N    . AIB B 1 3  ? 2.51057   11.54262  4.15052   1.000 25.24239 ? 3   AIB B N    1 
HETATM 289  C CA   . AIB B 1 3  ? 3.55129   10.68608  3.63732   1.000 23.63705 ? 3   AIB B CA   1 
HETATM 290  C C    . AIB B 1 3  ? 3.02461   9.42225   2.96830   1.000 23.13451 ? 3   AIB B C    1 
HETATM 291  O O    . AIB B 1 3  ? 3.44588   8.94559   1.92290   1.000 25.59512 ? 3   AIB B O    1 
HETATM 292  C CB1  . AIB B 1 3  ? 4.39744   11.42846  2.60954   1.000 25.08454 ? 3   AIB B CB1  1 
HETATM 293  C CB2  . AIB B 1 3  ? 4.49129   10.23292  4.75937   1.000 23.28962 ? 3   AIB B CB2  1 
HETATM 294  H H    . AIB B 1 3  ? 2.84806   12.07781  4.92620   1.000 30.29871 ? 3   AIB B H    1 
HETATM 295  H HB11 . AIB B 1 3  ? 5.08864   10.71307  2.10366   1.000 30.10928 ? 3   AIB B HB11 1 
HETATM 296  H HB12 . AIB B 1 3  ? 3.73412   11.90071  1.84635   1.000 30.10928 ? 3   AIB B HB12 1 
HETATM 297  H HB13 . AIB B 1 3  ? 4.99636   12.22154  3.11726   1.000 30.10928 ? 3   AIB B HB13 1 
HETATM 298  H HB21 . AIB B 1 3  ? 5.19787   9.46738   4.35639   1.000 27.95538 ? 3   AIB B HB21 1 
HETATM 299  H HB22 . AIB B 1 3  ? 5.06235   11.11605  5.13576   1.000 27.95538 ? 3   AIB B HB22 1 
HETATM 300  H HB23 . AIB B 1 3  ? 3.88498   9.79171   5.58726   1.000 27.95538 ? 3   AIB B HB23 1 
HETATM 301  N N    . DAB B 1 4  ? 2.03090   8.85183   3.63962   1.000 25.72414 ? 4   DAB B N    1 
HETATM 302  C CA   . DAB B 1 4  ? 1.30993   7.69077   3.12311   1.000 30.46403 ? 4   DAB B CA   1 
HETATM 303  C C    . DAB B 1 4  ? 0.37074   8.03431   1.92396   1.000 29.23231 ? 4   DAB B C    1 
HETATM 304  O O    . DAB B 1 4  ? 0.45449   7.34109   0.88277   1.000 23.61605 ? 4   DAB B O    1 
HETATM 305  C CB   . DAB B 1 4  ? 0.46028   7.00271   4.17857   1.000 29.41134 ? 4   DAB B CB   1 
HETATM 306  C CG   . DAB B 1 4  ? -0.33033  5.78760   3.68946   1.000 28.57197 ? 4   DAB B CG   1 
HETATM 307  N ND   . DAB B 1 4  ? 0.40467   4.80244   2.91888   1.000 32.93538 ? 4   DAB B ND   1 
HETATM 308  H H    . DAB B 1 4  ? 1.51003   9.27166   4.18003   1.000 30.87680 ? 4   DAB B H    1 
HETATM 309  H HB2  . DAB B 1 4  ? -0.14057  7.67775   4.53096   1.000 35.30144 ? 4   DAB B HB2  1 
HETATM 310  H HB3  . DAB B 1 4  ? 1.06354   6.74809   4.89422   1.000 35.30144 ? 4   DAB B HB3  1 
HETATM 311  H HG2  . DAB B 1 4  ? -1.06840  6.09257   3.13890   1.000 34.29419 ? 4   DAB B HG2  1 
HETATM 312  H HG3  . DAB B 1 4  ? -0.71051  5.32978   4.45546   1.000 34.29419 ? 4   DAB B HG3  1 
HETATM 313  H HD1  . DAB B 1 4  ? 0.49743   5.08322   2.07944   1.000 39.53029 ? 4   DAB B HD1  1 
HETATM 314  N N    . AIB B 1 5  ? -0.50818  9.01683   2.06359   1.000 26.85064 ? 5   AIB B N    1 
HETATM 315  C CA   . AIB B 1 5  ? -1.28264  9.44911   0.93567   1.000 26.25836 ? 5   AIB B CA   1 
HETATM 316  C C    . AIB B 1 5  ? -0.48627  9.61049   -0.35700  1.000 23.68181 ? 5   AIB B C    1 
HETATM 317  O O    . AIB B 1 5  ? -0.78271  9.09855   -1.43392  1.000 23.45016 ? 5   AIB B O    1 
HETATM 318  C CB1  . AIB B 1 5  ? -2.42527  8.46105   0.65083   1.000 27.92172 ? 5   AIB B CB1  1 
HETATM 319  C CB2  . AIB B 1 5  ? -1.82651  10.85851  1.20030   1.000 27.86380 ? 5   AIB B CB2  1 
HETATM 320  H H    . AIB B 1 5  ? -0.93904  9.28333   2.92692   1.000 32.22860 ? 5   AIB B H    1 
HETATM 321  H HB11 . AIB B 1 5  ? -2.01556  7.42659   0.56440   1.000 33.51390 ? 5   AIB B HB11 1 
HETATM 322  H HB12 . AIB B 1 5  ? -2.93189  8.73679   -0.30455  1.000 33.51390 ? 5   AIB B HB12 1 
HETATM 323  H HB13 . AIB B 1 5  ? -3.16767  8.49402   1.48342   1.000 33.51390 ? 5   AIB B HB13 1 
HETATM 324  H HB21 . AIB B 1 5  ? -0.97791  11.53172  1.47299   1.000 33.44440 ? 5   AIB B HB21 1 
HETATM 325  H HB22 . AIB B 1 5  ? -2.56125  10.81416  2.04047   1.000 33.44440 ? 5   AIB B HB22 1 
HETATM 326  H HB23 . AIB B 1 5  ? -2.32843  11.23526  0.27627   1.000 33.44440 ? 5   AIB B HB23 1 
ATOM   327  N N    . LEU B 1 6  ? 0.59662   10.36129  -0.21982  1.000 25.80833 ? 6   LEU B N    1 
ATOM   328  C CA   . LEU B 1 6  ? 1.44220   10.71588  -1.34455  1.000 26.58482 ? 6   LEU B CA   1 
ATOM   329  C C    . LEU B 1 6  ? 2.30753   9.55572   -1.83220  1.000 26.52681 ? 6   LEU B C    1 
ATOM   330  O O    . LEU B 1 6  ? 2.48882   9.35333   -3.04025  1.000 23.18703 ? 6   LEU B O    1 
ATOM   331  C CB   . LEU B 1 6  ? 2.32193   11.89013  -0.94156  1.000 27.90325 ? 6   LEU B CB   1 
ATOM   332  C CG   . LEU B 1 6  ? 1.53164   13.16789  -0.66548  1.000 26.14785 ? 6   LEU B CG   1 
ATOM   333  C CD1  . LEU B 1 6  ? 2.42900   14.28553  -0.16291  1.000 29.77984 ? 6   LEU B CD1  1 
ATOM   334  C CD2  . LEU B 1 6  ? 0.75260   13.61070  -1.90516  1.000 26.80323 ? 6   LEU B CD2  1 
ATOM   335  H H    . LEU B 1 6  ? 0.86740   10.68360  0.53011   1.000 30.97783 ? 6   LEU B H    1 
ATOM   336  H HA   . LEU B 1 6  ? 0.87881   10.96293  -2.09452  1.000 31.90962 ? 6   LEU B HA   1 
ATOM   337  H HB2  . LEU B 1 6  ? 2.80498   11.65678  -0.13341  1.000 33.49174 ? 6   LEU B HB2  1 
ATOM   338  H HB3  . LEU B 1 6  ? 2.94691   12.07441  -1.66012  1.000 33.49174 ? 6   LEU B HB3  1 
ATOM   339  H HG   . LEU B 1 6  ? 0.89068   12.97657  0.03699   1.000 31.38525 ? 6   LEU B HG   1 
ATOM   340  H HD11 . LEU B 1 6  ? 1.87801   15.04075  0.09582   1.000 35.74364 ? 6   LEU B HD11 1 
ATOM   341  H HD12 . LEU B 1 6  ? 2.93283   13.96621  0.60202   1.000 35.74364 ? 6   LEU B HD12 1 
ATOM   342  H HD13 . LEU B 1 6  ? 3.03591   14.54676  -0.87306  1.000 35.74364 ? 6   LEU B HD13 1 
ATOM   343  H HD21 . LEU B 1 6  ? 0.36978   14.48678  -1.74133  1.000 32.17171 ? 6   LEU B HD21 1 
ATOM   344  H HD22 . LEU B 1 6  ? 1.35870   13.65073  -2.66143  1.000 32.17171 ? 6   LEU B HD22 1 
ATOM   345  H HD23 . LEU B 1 6  ? 0.04679   12.96885  -2.08055  1.000 32.17171 ? 6   LEU B HD23 1 
HETATM 346  N N    . AIB B 1 7  ? 2.89616   8.81591   -0.89914  1.000 27.17167 ? 7   AIB B N    1 
HETATM 347  C CA   . AIB B 1 7  ? 3.48619   7.53517   -1.26496  1.000 27.44255 ? 7   AIB B CA   1 
HETATM 348  C C    . AIB B 1 7  ? 2.64092   6.69311   -2.24024  1.000 25.41628 ? 7   AIB B C    1 
HETATM 349  O O    . AIB B 1 7  ? 3.06269   6.21008   -3.29149  1.000 28.22172 ? 7   AIB B O    1 
HETATM 350  C CB1  . AIB B 1 7  ? 4.81874   7.73078   -1.99686  1.000 22.67127 ? 7   AIB B CB1  1 
HETATM 351  C CB2  . AIB B 1 7  ? 3.69146   6.67872   -0.01215  1.000 24.92664 ? 7   AIB B CB2  1 
HETATM 352  H H    . AIB B 1 7  ? 3.27370   9.16499   -0.04029  1.000 32.61384 ? 7   AIB B H    1 
HETATM 353  H HB11 . AIB B 1 7  ? 5.24723   6.73732   -2.27050  1.000 27.21336 ? 7   AIB B HB11 1 
HETATM 354  H HB12 . AIB B 1 7  ? 4.65424   8.32838   -2.92491  1.000 27.21336 ? 7   AIB B HB12 1 
HETATM 355  H HB13 . AIB B 1 7  ? 5.53633   8.27074   -1.33433  1.000 27.21336 ? 7   AIB B HB13 1 
HETATM 356  H HB21 . AIB B 1 7  ? 2.72523   6.60816   0.54382   1.000 29.91980 ? 7   AIB B HB21 1 
HETATM 357  H HB22 . AIB B 1 7  ? 4.02865   5.65890   -0.31868  1.000 29.91980 ? 7   AIB B HB22 1 
HETATM 358  H HB23 . AIB B 1 7  ? 4.46720   7.15711   0.63367   1.000 29.91980 ? 7   AIB B HB23 1 
ATOM   359  N N    . ALA B 1 8  ? 1.37849   6.52817   -1.86472  1.000 28.27173 ? 8   ALA B N    1 
ATOM   360  C CA   . ALA B 1 8  ? 0.45416   5.71484   -2.64065  1.000 28.61914 ? 8   ALA B CA   1 
ATOM   361  C C    . ALA B 1 8  ? 0.14129   6.35209   -3.98036  1.000 24.17402 ? 8   ALA B C    1 
ATOM   362  O O    . ALA B 1 8  ? 0.07376   5.68234   -5.02174  1.000 27.83754 ? 8   ALA B O    1 
ATOM   363  C CB   . ALA B 1 8  ? -0.79866  5.51227   -1.87463  1.000 31.14841 ? 8   ALA B CB   1 
ATOM   364  H H    . ALA B 1 8  ? 1.03163   6.87908   -1.16034  1.000 33.93392 ? 8   ALA B H    1 
ATOM   365  H HA   . ALA B 1 8  ? 0.86459   4.85261   -2.81096  1.000 34.35080 ? 8   ALA B HA   1 
ATOM   366  H HB1  . ALA B 1 8  ? -0.59457  5.03268   -1.05655  1.000 37.38593 ? 8   ALA B HB1  1 
ATOM   367  H HB2  . ALA B 1 8  ? -1.18323  6.37744   -1.66369  1.000 37.38593 ? 8   ALA B HB2  1 
ATOM   368  H HB3  . ALA B 1 8  ? -1.41887  4.99724   -2.41405  1.000 37.38593 ? 8   ALA B HB3  1 
HETATM 369  N N    . AIB B 1 9  ? -0.10137  7.65560   -3.93741  1.000 25.78989 ? 9   AIB B N    1 
HETATM 370  C CA   . AIB B 1 9  ? -0.33559  8.39893   -5.13705  1.000 24.42397 ? 9   AIB B CA   1 
HETATM 371  C C    . AIB B 1 9  ? 0.74048   8.14004   -6.17860  1.000 24.81078 ? 9   AIB B C    1 
HETATM 372  O O    . AIB B 1 9  ? 0.53893   7.80447   -7.34775  1.000 28.57707 ? 9   AIB B O    1 
HETATM 373  C CB1  . AIB B 1 9  ? -1.68201  8.03177   -5.74822  1.000 24.54498 ? 9   AIB B CB1  1 
HETATM 374  C CB2  . AIB B 1 9  ? -0.27693  9.90655   -4.85563  1.000 25.56627 ? 9   AIB B CB2  1 
HETATM 375  H H    . AIB B 1 9  ? -0.46873  8.13967   -3.14198  1.000 30.95571 ? 9   AIB B H    1 
HETATM 376  H HB11 . AIB B 1 9  ? -1.88427  8.68265   -6.63191  1.000 29.46182 ? 9   AIB B HB11 1 
HETATM 377  H HB12 . AIB B 1 9  ? -1.66929  6.96422   -6.07320  1.000 29.46182 ? 9   AIB B HB12 1 
HETATM 378  H HB13 . AIB B 1 9  ? -2.49038  8.17636   -4.99250  1.000 29.46182 ? 9   AIB B HB13 1 
HETATM 379  H HB21 . AIB B 1 9  ? 0.64989   10.13343  -4.27494  1.000 30.68736 ? 9   AIB B HB21 1 
HETATM 380  H HB22 . AIB B 1 9  ? -0.26147  10.45852  -5.82660  1.000 30.68736 ? 9   AIB B HB22 1 
HETATM 381  H HB23 . AIB B 1 9  ? -1.17741  10.20262  -4.26471  1.000 30.68736 ? 9   AIB B HB23 1 
ATOM   382  N N    . LEU B 1 10 ? 1.96482   8.30770   -5.69486  1.000 23.43982 ? 10  LEU B N    1 
ATOM   383  C CA   . LEU B 1 10 ? 3.14339   8.14101   -6.52862  1.000 25.99504 ? 10  LEU B CA   1 
ATOM   384  C C    . LEU B 1 10 ? 3.22076   6.73131   -7.05074  1.000 29.85634 ? 10  LEU B C    1 
ATOM   385  O O    . LEU B 1 10 ? 3.31509   6.51244   -8.26379  1.000 28.37440 ? 10  LEU B O    1 
ATOM   386  C CB   . LEU B 1 10 ? 4.38845   8.46743   -5.72810  1.000 25.63736 ? 10  LEU B CB   1 
ATOM   387  C CG   . LEU B 1 10 ? 5.67369   8.31439   -6.51835  1.000 26.95329 ? 10  LEU B CG   1 
ATOM   388  C CD1  . LEU B 1 10 ? 5.63883   9.22846   -7.71266  1.000 25.95043 ? 10  LEU B CD1  1 
ATOM   389  C CD2  . LEU B 1 10 ? 6.88288   8.56681   -5.63268  1.000 32.95641 ? 10  LEU B CD2  1 
ATOM   390  H H    . LEU B 1 10 ? 2.13941   8.51994   -4.87995  1.000 28.13562 ? 10  LEU B H    1 
ATOM   391  H HA   . LEU B 1 10 ? 3.09955   8.74474   -7.28657  1.000 31.20189 ? 10  LEU B HA   1 
ATOM   392  H HB2  . LEU B 1 10 ? 4.33267   9.38736   -5.42559  1.000 30.77267 ? 10  LEU B HB2  1 
ATOM   393  H HB3  . LEU B 1 10 ? 4.43480   7.86967   -4.96557  1.000 30.77267 ? 10  LEU B HB3  1 
ATOM   394  H HG   . LEU B 1 10 ? 5.76065   7.40540   -6.84557  1.000 32.35178 ? 10  LEU B HG   1 
ATOM   395  H HD11 . LEU B 1 10 ? 6.54025   9.33615   -8.05434  1.000 31.14835 ? 10  LEU B HD11 1 
ATOM   396  H HD12 . LEU B 1 10 ? 5.07139   8.83582   -8.39439  1.000 31.14835 ? 10  LEU B HD12 1 
ATOM   397  H HD13 . LEU B 1 10 ? 5.28289   10.08906  -7.44140  1.000 31.14835 ? 10  LEU B HD13 1 
ATOM   398  H HD21 . LEU B 1 10 ? 7.68673   8.51308   -6.17289  1.000 39.55553 ? 10  LEU B HD21 1 
ATOM   399  H HD22 . LEU B 1 10 ? 6.80722   9.45017   -5.23917  1.000 39.55553 ? 10  LEU B HD22 1 
ATOM   400  H HD23 . LEU B 1 10 ? 6.90838   7.89450   -4.93393  1.000 39.55553 ? 10  LEU B HD23 1 
HETATM 401  N N    . AIB B 1 11 ? 3.20632   5.77123   -6.13328  1.000 30.86928 ? 11  AIB B N    1 
HETATM 402  C CA   . AIB B 1 11 ? 3.17238   4.38234   -6.52519  1.000 26.93727 ? 11  AIB B CA   1 
HETATM 403  C C    . AIB B 1 11 ? 2.22871   4.05402   -7.70774  1.000 24.36357 ? 11  AIB B C    1 
HETATM 404  O O    . AIB B 1 11 ? 2.56680   3.41338   -8.72114  1.000 30.66409 ? 11  AIB B O    1 
HETATM 405  C CB1  . AIB B 1 11 ? 4.59395   3.91968   -6.90252  1.000 25.55578 ? 11  AIB B CB1  1 
HETATM 406  C CB2  . AIB B 1 11 ? 2.66409   3.51040   -5.38377  1.000 25.62679 ? 11  AIB B CB2  1 
HETATM 407  H H    . AIB B 1 11 ? 3.54569   5.87178   -5.19694  1.000 37.05097 ? 11  AIB B H    1 
HETATM 408  H HB11 . AIB B 1 11 ? 4.55133   2.89689   -7.34699  1.000 30.67478 ? 11  AIB B HB11 1 
HETATM 409  H HB12 . AIB B 1 11 ? 5.03452   4.62558   -7.64620  1.000 30.67478 ? 11  AIB B HB12 1 
HETATM 410  H HB13 . AIB B 1 11 ? 5.23707   3.89774   -5.99072  1.000 30.67478 ? 11  AIB B HB13 1 
HETATM 411  H HB21 . AIB B 1 11 ? 2.53330   2.46467   -5.75396  1.000 30.75998 ? 11  AIB B HB21 1 
HETATM 412  H HB22 . AIB B 1 11 ? 3.40886   3.52833   -4.55149  1.000 30.75998 ? 11  AIB B HB22 1 
HETATM 413  H HB23 . AIB B 1 11 ? 1.68505   3.91194   -5.02609  1.000 30.75998 ? 11  AIB B HB23 1 
ATOM   414  N N    . GLN B 1 12 ? 0.97678   4.50648   -7.58104  1.000 25.98469 ? 12  GLN B N    1 
ATOM   415  C CA   . GLN B 1 12 ? -0.02008  4.27051   -8.64432  1.000 25.67676 ? 12  GLN B CA   1 
ATOM   416  C C    . GLN B 1 12 ? 0.24996   5.02944   -9.92498  1.000 27.51884 ? 12  GLN B C    1 
ATOM   417  O O    . GLN B 1 12 ? -0.03826  4.52521   -10.99599 1.000 26.66630 ? 12  GLN B O    1 
ATOM   418  C CB   . GLN B 1 12 ? -1.41720  4.66162   -8.18143  1.000 24.39261 ? 12  GLN B CB   1 
ATOM   419  C CG   . GLN B 1 12 ? -1.80665  3.98053   -6.92867  1.000 29.77189 ? 12  GLN B CG   1 
ATOM   420  C CD   . GLN B 1 12 ? -3.26273  4.14801   -6.62370  1.000 37.43074 ? 12  GLN B CD   1 
ATOM   421  O OE1  . GLN B 1 12 ? -4.00420  4.80528   -7.37042  1.000 42.88400 ? 12  GLN B OE1  1 
ATOM   422  N NE2  . GLN B 1 12 ? -3.68552  3.57821   -5.51758  1.000 37.82030 ? 12  GLN B NE2  1 
ATOM   423  H H    . GLN B 1 12 ? 0.68082   4.94526   -6.90318  1.000 31.18946 ? 12  GLN B H    1 
ATOM   424  H HA   . GLN B 1 12 ? 0.02896   3.32122   -8.83756  1.000 30.81995 ? 12  GLN B HA   1 
ATOM   425  H HB2  . GLN B 1 12 ? -1.44321  5.61865   -8.02546  1.000 29.27897 ? 12  GLN B HB2  1 
ATOM   426  H HB3  . GLN B 1 12 ? -2.05804  4.41989   -8.86831  1.000 29.27897 ? 12  GLN B HB3  1 
ATOM   427  H HG2  . GLN B 1 12 ? -1.62217  3.03185   -7.01146  1.000 35.73411 ? 12  GLN B HG2  1 
ATOM   428  H HG3  . GLN B 1 12 ? -1.29840  4.35427   -6.19184  1.000 35.73411 ? 12  GLN B HG3  1 
ATOM   429  H HE21 . GLN B 1 12 ? -3.13505  3.14277   -5.02062  1.000 45.39220 ? 12  GLN B HE21 1 
ATOM   430  H HE22 . GLN B 1 12 ? -4.51270  3.64074   -5.29068  1.000 45.39220 ? 12  GLN B HE22 1 
HETATM 431  N N    . AIB B 1 13 ? 0.73482   6.25969   -9.81046  1.000 24.66888 ? 13  AIB B N    1 
HETATM 432  C CA   . AIB B 1 13 ? 1.11999   6.99657   -10.96588 1.000 27.24794 ? 13  AIB B CA   1 
HETATM 433  C C    . AIB B 1 13 ? 2.12973   6.21978   -11.81160 1.000 26.27953 ? 13  AIB B C    1 
HETATM 434  O O    . AIB B 1 13 ? 2.15127   6.23798   -13.02972 1.000 32.21169 ? 13  AIB B O    1 
HETATM 435  C CB1  . AIB B 1 13 ? -0.11780  7.27413   -11.83642 1.000 29.76932 ? 13  AIB B CB1  1 
HETATM 436  C CB2  . AIB B 1 13 ? 1.86733   8.26876   -10.55861 1.000 28.46653 ? 13  AIB B CB2  1 
HETATM 437  H H    . AIB B 1 13 ? 0.56346   6.87048   -9.03614  1.000 29.61049 ? 13  AIB B H    1 
HETATM 438  H HB11 . AIB B 1 13 ? -1.04394  7.13062   -11.23051 1.000 35.73102 ? 13  AIB B HB11 1 
HETATM 439  H HB12 . AIB B 1 13 ? -0.08462  8.32374   -12.21413 1.000 35.73102 ? 13  AIB B HB12 1 
HETATM 440  H HB13 . AIB B 1 13 ? -0.13330  6.57174   -12.70353 1.000 35.73102 ? 13  AIB B HB13 1 
HETATM 441  H HB21 . AIB B 1 13 ? 1.25708   8.82542   -9.80668  1.000 34.16768 ? 13  AIB B HB21 1 
HETATM 442  H HB22 . AIB B 1 13 ? 2.85258   7.98663   -10.11436 1.000 34.16768 ? 13  AIB B HB22 1 
HETATM 443  H HB23 . AIB B 1 13 ? 2.02664   8.90377   -11.46365 1.000 34.16768 ? 13  AIB B HB23 1 
ATOM   444  N N    . LEU B 1 14 ? 3.01234   5.52689   -11.09220 1.000 27.76384 ? 14  LEU B N    1 
ATOM   445  C CA   . LEU B 1 14 ? 4.00630   4.65503   -11.71547 1.000 25.79014 ? 14  LEU B CA   1 
ATOM   446  C C    . LEU B 1 14 ? 3.60550   3.19900   -11.59945 1.000 27.10577 ? 14  LEU B C    1 
ATOM   447  O O    . LEU B 1 14 ? 4.34708   2.29173   -11.94595 1.000 28.05328 ? 14  LEU B O    1 
ATOM   448  C CB   . LEU B 1 14 ? 5.35846   4.84796   -11.07056 1.000 29.44553 ? 14  LEU B CB   1 
ATOM   449  C CG   . LEU B 1 14 ? 5.76926   6.30133   -10.88225 1.000 31.16166 ? 14  LEU B CG   1 
ATOM   450  C CD1  . LEU B 1 14 ? 7.09367   6.26294   -10.25864 1.000 30.55365 ? 14  LEU B CD1  1 
ATOM   451  C CD2  . LEU B 1 14 ? 5.83048   6.99546   -12.19955 1.000 37.64389 ? 14  LEU B CD2  1 
ATOM   452  H H    . LEU B 1 14 ? 3.05621   5.54501   -10.23352 1.000 33.32444 ? 14  LEU B H    1 
ATOM   453  H HA   . LEU B 1 14 ? 4.07238   4.88499   -12.65550 1.000 30.95601 ? 14  LEU B HA   1 
ATOM   454  H HB2  . LEU B 1 14 ? 5.34395   4.43157   -10.19458 1.000 35.34248 ? 14  LEU B HB2  1 
ATOM   455  H HB3  . LEU B 1 14 ? 6.02899   4.42371   -11.62850 1.000 35.34248 ? 14  LEU B HB3  1 
ATOM   456  H HG   . LEU B 1 14 ? 5.13782   6.79408   -10.33509 1.000 37.40183 ? 14  LEU B HG   1 
ATOM   457  H HD11 . LEU B 1 14 ? 7.35082   7.16395   -10.00771 1.000 36.67222 ? 14  LEU B HD11 1 
ATOM   458  H HD12 . LEU B 1 14 ? 7.05552   5.69833   -9.47082  1.000 36.67222 ? 14  LEU B HD12 1 
ATOM   459  H HD13 . LEU B 1 14 ? 7.73151   5.90171   -10.89391 1.000 36.67222 ? 14  LEU B HD13 1 
ATOM   460  H HD21 . LEU B 1 14 ? 6.22885   7.87131   -12.07678 1.000 45.18050 ? 14  LEU B HD21 1 
ATOM   461  H HD22 . LEU B 1 14 ? 6.37077   6.46883   -12.80919 1.000 45.18050 ? 14  LEU B HD22 1 
ATOM   462  H HD23 . LEU B 1 14 ? 4.93075   7.08749   -12.55013 1.000 45.18050 ? 14  LEU B HD23 1 
HETATM 463  C C11  . I77 B 1 15 ? 0.03854   -0.57012  -12.78044 1.000 25.44253 ? 15  I77 B C11  1 
HETATM 464  C C12  . I77 B 1 15 ? 0.95799   -0.13544  -13.72289 1.000 23.00542 ? 15  I77 B C12  1 
HETATM 465  C C13  . I77 B 1 15 ? 1.64022   1.22109   -13.55471 1.000 23.65021 ? 15  I77 B C13  1 
HETATM 466  C C17  . I77 B 1 15 ? 1.23277   -0.92057  -14.83388 1.000 25.05291 ? 15  I77 B C17  1 
HETATM 467  C C18  . I77 B 1 15 ? 0.59400   -2.12834  -14.97370 1.000 21.32109 ? 15  I77 B C18  1 
HETATM 468  C C02  . I77 B 1 15 ? -3.69233  -7.06991  -14.20905 1.000 31.17739 ? 15  I77 B C02  1 
HETATM 469  C C03  . I77 B 1 15 ? -2.72982  -5.85909  -14.22714 1.000 26.58228 ? 15  I77 B C03  1 
HETATM 470  C C04  . I77 B 1 15 ? -2.54851  -5.22796  -13.02276 1.000 28.16122 ? 15  I77 B C04  1 
HETATM 471  C C05  . I77 B 1 15 ? -1.73095  -4.12771  -12.98911 1.000 27.05319 ? 15  I77 B C05  1 
HETATM 472  C C06  . I77 B 1 15 ? -2.08853  -5.40209  -15.36611 1.000 29.72448 ? 15  I77 B C06  1 
HETATM 473  C C08  . I77 B 1 15 ? -1.09626  -3.74238  -14.12512 1.000 24.92674 ? 15  I77 B C08  1 
HETATM 474  C C09  . I77 B 1 15 ? -0.29490  -2.49360  -14.00270 1.000 24.77659 ? 15  I77 B C09  1 
HETATM 475  N N01  . I77 B 1 15 ? -3.92480  -7.81220  -15.43955 1.000 31.49582 ? 15  I77 B N01  1 
HETATM 476  N N07  . I77 B 1 15 ? -1.29844  -4.33938  -15.28425 1.000 26.35322 ? 15  I77 B N07  1 
HETATM 477  N N10  . I77 B 1 15 ? -0.55932  -1.72568  -12.97180 1.000 27.32685 ? 15  I77 B N10  1 
HETATM 478  N N14  . I77 B 1 15 ? 1.68787   1.84219   -12.25375 1.000 22.01063 ? 15  I77 B N14  1 
HETATM 479  N N15  . I77 B 1 15 ? 2.28593   3.12764   -12.12644 1.000 26.39519 ? 15  I77 B N15  1 
HETATM 480  O O16  . I77 B 1 15 ? 2.08462   1.79996   -14.50227 1.000 26.46626 ? 15  I77 B O16  1 
HETATM 481  O O19  . I77 B 1 15 ? -4.30085  -7.33502  -13.22001 1.000 35.14091 ? 15  I77 B O19  1 
HETATM 482  H H111 . I77 B 1 15 ? -0.18170  0.02672   -11.90895 1.000 30.53887 ? 15  I77 B H111 1 
HETATM 483  H H171 . I77 B 1 15 ? 1.94624   -0.58306  -15.58564 1.000 30.07133 ? 15  I77 B H171 1 
HETATM 484  H H181 . I77 B 1 15 ? 0.78918   -2.77236  -15.82861 1.000 25.59314 ? 15  I77 B H181 1 
HETATM 485  H H041 . I77 B 1 15 ? -3.03245  -5.58499  -12.13293 1.000 33.80130 ? 15  I77 B H041 1 
HETATM 486  H H051 . I77 B 1 15 ? -1.59347  -3.57371  -12.06874 1.000 32.47167 ? 15  I77 B H051 1 
HETATM 487  H H061 . I77 B 1 15 ? -2.23013  -5.90586  -16.31200 1.000 35.67721 ? 15  I77 B H061 1 
HETATM 488  H H011 . I77 B 1 15 ? -3.42708  -7.56715  -16.26846 1.000 37.80282 ? 15  I77 B H011 1 
HETATM 489  H H012 . I77 B 1 15 ? -4.55956  -8.59419  -15.44479 1.000 37.80282 ? 15  I77 B H012 1 
HETATM 490  H H141 . I77 B 1 15 ? 1.30482   1.37481   -11.44947 1.000 26.42060 ? 15  I77 B H141 1 
HETATM 491  H H1   . I77 B 1 15 ? 2.29968   3.59435   -13.01875 1.000 31.68206 ? 15  I77 B H1   1 
HETATM 492  O O1   . Z7Z C 1 1  ? -2.32269  -8.17493  -7.63176  1.000 28.60340 ? 1   Z7Z C O1   1 
HETATM 493  C C1   . Z7Z C 1 1  ? -2.71745  -8.55463  -8.78509  1.000 28.80080 ? 1   Z7Z C C1   1 
HETATM 494  C C2   . Z7Z C 1 1  ? -1.86475  -8.29580  -10.03325 1.000 26.30834 ? 1   Z7Z C C2   1 
HETATM 495  C C3   . Z7Z C 1 1  ? -2.08215  -8.98339  -11.21816 1.000 28.01378 ? 1   Z7Z C C3   1 
HETATM 496  C C4   . Z7Z C 1 1  ? -1.28769  -8.71819  -12.32107 1.000 24.45027 ? 1   Z7Z C C4   1 
HETATM 497  C C5   . Z7Z C 1 1  ? -0.86607  -7.34145  -9.95447  1.000 23.39766 ? 1   Z7Z C C5   1 
HETATM 498  C C6   . Z7Z C 1 1  ? -0.06553  -7.08809  -11.05316 1.000 23.93699 ? 1   Z7Z C C6   1 
HETATM 499  C C7   . Z7Z C 1 1  ? -0.29018  -7.77478  -12.22787 1.000 22.89756 ? 1   Z7Z C C7   1 
HETATM 500  C C8   . Z7Z C 1 1  ? 0.59811   -7.47061  -13.40882 1.000 24.10550 ? 1   Z7Z C C8   1 
HETATM 501  C C9   . Z7Z C 1 1  ? 1.10378   -6.19957  -13.55174 1.000 25.86094 ? 1   Z7Z C C9   1 
HETATM 502  C C10  . Z7Z C 1 1  ? 0.93025   -8.47405  -14.30449 1.000 25.82677 ? 1   Z7Z C C10  1 
HETATM 503  C C11  . Z7Z C 1 1  ? 1.92896   -5.89988  -14.63070 1.000 25.98215 ? 1   Z7Z C C11  1 
HETATM 504  C C12  . Z7Z C 1 1  ? 1.75551   -8.17525  -15.38039 1.000 29.42457 ? 1   Z7Z C C12  1 
HETATM 505  C C13  . Z7Z C 1 1  ? 2.24901   -6.89177  -15.54114 1.000 30.30087 ? 1   Z7Z C C13  1 
HETATM 506  H H31  . Z7Z C 1 1  ? -2.86961  -9.72427  -11.28050 1.000 33.62438 ? 1   Z7Z C H31  1 
HETATM 507  H H41  . Z7Z C 1 1  ? -1.45033  -9.24963  -13.25059 1.000 29.34816 ? 1   Z7Z C H41  1 
HETATM 508  H H51  . Z7Z C 1 1  ? -0.71149  -6.79341  -9.03325  1.000 28.08502 ? 1   Z7Z C H51  1 
HETATM 509  H H61  . Z7Z C 1 1  ? 0.73091   -6.35680  -10.99169 1.000 28.73223 ? 1   Z7Z C H61  1 
HETATM 510  H H91  . Z7Z C 1 1  ? 0.86001   -5.43373  -12.82581 1.000 31.04096 ? 1   Z7Z C H91  1 
HETATM 511  H H101 . Z7Z C 1 1  ? 0.55088   -9.47909  -14.16715 1.000 30.99996 ? 1   Z7Z C H101 1 
HETATM 512  H H111 . Z7Z C 1 1  ? 2.31827   -4.89725  -14.75738 1.000 31.18642 ? 1   Z7Z C H111 1 
HETATM 513  H H121 . Z7Z C 1 1  ? 2.01350   -8.94724  -16.09479 1.000 35.31732 ? 1   Z7Z C H121 1 
HETATM 514  H H131 . Z7Z C 1 1  ? 2.88914   -6.66268  -16.38413 1.000 36.36888 ? 1   Z7Z C H131 1 
ATOM   515  N N    . ALA C 1 2  ? -3.87060  -9.39833  -8.79366  1.000 31.25371 ? 2   ALA C N    1 
ATOM   516  C CA   . ALA C 1 2  ? -4.51507  -9.76373  -7.53008  1.000 31.30113 ? 2   ALA C CA   1 
ATOM   517  C C    . ALA C 1 2  ? -3.50596  -10.32504 -6.53139  1.000 32.58019 ? 2   ALA C C    1 
ATOM   518  O O    . ALA C 1 2  ? -3.61480  -10.09676 -5.31545  1.000 38.67034 ? 2   ALA C O    1 
ATOM   519  C CB   . ALA C 1 2  ? -5.61777  -10.76300 -7.77412  1.000 30.26671 ? 2   ALA C CB   1 
ATOM   520  H H    . ALA C 1 2  ? -3.68389  -10.06863 -9.30201  1.000 37.51229 ? 2   ALA C H    1 
ATOM   521  H HA   . ALA C 1 2  ? -4.90623  -8.96599  -7.14085  1.000 37.56919 ? 2   ALA C HA   1 
ATOM   522  H HB1  . ALA C 1 2  ? -6.03845  -10.98201 -6.92798  1.000 36.32789 ? 2   ALA C HB1  1 
ATOM   523  H HB2  . ALA C 1 2  ? -6.27009  -10.37259 -8.37659  1.000 36.32789 ? 2   ALA C HB2  1 
ATOM   524  H HB3  . ALA C 1 2  ? -5.23755  -11.56220 -8.17114  1.000 36.32789 ? 2   ALA C HB3  1 
HETATM 525  N N    . AIB C 1 3  ? -2.52065  -11.05268 -7.04046  1.000 28.11651 ? 3   AIB C N    1 
HETATM 526  C CA   . AIB C 1 3  ? -1.48622  -11.61531 -6.19361  1.000 26.07700 ? 3   AIB C CA   1 
HETATM 527  C C    . AIB C 1 3  ? -0.77895  -10.56579 -5.33015  1.000 23.71884 ? 3   AIB C C    1 
HETATM 528  O O    . AIB C 1 3  ? -0.58626  -10.65178 -4.12256  1.000 26.47156 ? 3   AIB C O    1 
HETATM 529  C CB1  . AIB C 1 3  ? -2.06797  -12.70030 -5.26003  1.000 28.12429 ? 3   AIB C CB1  1 
HETATM 530  C CB2  . AIB C 1 3  ? -0.32626  -12.22806 -7.00994  1.000 32.05630 ? 3   AIB C CB2  1 
HETATM 531  H H    . AIB C 1 3  ? -2.57202  -11.54764 -7.90900  1.000 33.74765 ? 3   AIB C H    1 
HETATM 532  H HB11 . AIB C 1 3  ? -1.23920  -13.21171 -4.71502  1.000 33.75698 ? 3   AIB C HB11 1 
HETATM 533  H HB12 . AIB C 1 3  ? -2.75878  -12.22965 -4.52061  1.000 33.75698 ? 3   AIB C HB12 1 
HETATM 534  H HB13 . AIB C 1 3  ? -2.63111  -13.45246 -5.86219  1.000 33.75698 ? 3   AIB C HB13 1 
HETATM 535  H HB21 . AIB C 1 3  ? 0.43019   -12.65306 -6.30649  1.000 38.47540 ? 3   AIB C HB21 1 
HETATM 536  H HB22 . AIB C 1 3  ? -0.72978  -13.03601 -7.66727  1.000 38.47540 ? 3   AIB C HB22 1 
HETATM 537  H HB23 . AIB C 1 3  ? 0.14232   -11.42908 -7.63424  1.000 38.47540 ? 3   AIB C HB23 1 
HETATM 538  N N    . DAB C 1 4  ? -0.38627  -9.49715  -6.00323  1.000 30.43508 ? 4   DAB C N    1 
HETATM 539  C CA   . DAB C 1 4  ? 0.38395   -8.43499  -5.36812  1.000 30.49579 ? 4   DAB C CA   1 
HETATM 540  C C    . DAB C 1 4  ? -0.49526  -7.51501  -4.46737  1.000 31.26173 ? 4   DAB C C    1 
HETATM 541  O O    . DAB C 1 4  ? 0.03225   -6.92901  -3.49764  1.000 35.71209 ? 4   DAB C O    1 
HETATM 542  C CB   . DAB C 1 4  ? 1.07820   -7.51622  -6.34970  1.000 31.28533 ? 4   DAB C CB   1 
HETATM 543  C CG   . DAB C 1 4  ? 2.35977   -6.95595  -5.74824  1.000 35.55415 ? 4   DAB C CG   1 
HETATM 544  N ND   . DAB C 1 4  ? 3.46395   -7.91184  -5.69822  1.000 36.41747 ? 4   DAB C ND   1 
HETATM 545  H H    . DAB C 1 4  ? -0.80896  -9.16388  -6.67395  1.000 36.52994 ? 4   DAB C H    1 
HETATM 546  H HB2  . DAB C 1 4  ? 0.45808   -6.80811  -6.58409  1.000 37.55023 ? 4   DAB C HB2  1 
HETATM 547  H HB3  . DAB C 1 4  ? 1.25820   -8.02405  -7.15631  1.000 37.55023 ? 4   DAB C HB3  1 
HETATM 548  H HG2  . DAB C 1 4  ? 2.18737   -6.64957  -4.84419  1.000 42.67281 ? 4   DAB C HG2  1 
HETATM 549  H HG3  . DAB C 1 4  ? 2.65154   -6.18766  -6.26350  1.000 42.67281 ? 4   DAB C HG3  1 
HETATM 550  H HD1  . DAB C 1 4  ? 3.20085   -8.66835  -5.30932  1.000 43.70880 ? 4   DAB C HD1  1 
HETATM 551  H HD2  . DAB C 1 4  ? 4.13782   -7.58272  -5.21708  1.000 43.70880 ? 4   DAB C HD2  1 
HETATM 552  N N    . AIB C 1 5  ? -1.75996  -7.34279  -4.82883  1.000 35.21722 ? 5   AIB C N    1 
HETATM 553  C CA   . AIB C 1 5  ? -2.72924  -6.71934  -3.95142  1.000 29.70880 ? 5   AIB C CA   1 
HETATM 554  C C    . AIB C 1 5  ? -2.66811  -7.32395  -2.53356  1.000 30.00608 ? 5   AIB C C    1 
HETATM 555  O O    . AIB C 1 5  ? -2.58125  -6.67261  -1.48314  1.000 31.62219 ? 5   AIB C O    1 
HETATM 556  C CB1  . AIB C 1 5  ? -2.54840  -5.20604  -3.81422  1.000 28.93768 ? 5   AIB C CB1  1 
HETATM 557  C CB2  . AIB C 1 5  ? -4.15552  -6.94343  -4.46357  1.000 25.08991 ? 5   AIB C CB2  1 
HETATM 558  H H    . AIB C 1 5  ? -2.07187  -7.29124  -5.77860  1.000 42.26850 ? 5   AIB C H    1 
HETATM 559  H HB11 . AIB C 1 5  ? -1.57357  -4.98703  -3.31702  1.000 34.73305 ? 5   AIB C HB11 1 
HETATM 560  H HB12 . AIB C 1 5  ? -3.37790  -4.78203  -3.19974  1.000 34.73305 ? 5   AIB C HB12 1 
HETATM 561  H HB13 . AIB C 1 5  ? -2.56027  -4.73242  -4.82467  1.000 34.73305 ? 5   AIB C HB13 1 
HETATM 562  H HB21 . AIB C 1 5  ? -4.37537  -8.03859  -4.46316  1.000 30.11573 ? 5   AIB C HB21 1 
HETATM 563  H HB22 . AIB C 1 5  ? -4.23788  -6.53988  -5.50185  1.000 30.11573 ? 5   AIB C HB22 1 
HETATM 564  H HB23 . AIB C 1 5  ? -4.87212  -6.41193  -3.79151  1.000 30.11573 ? 5   AIB C HB23 1 
ATOM   565  N N    . LEU C 1 6  ? -2.69479  -8.65001  -2.51889  1.000 25.54524 ? 6   LEU C N    1 
ATOM   566  C CA   . LEU C 1 6  ? -2.70894  -9.37991  -1.26071  1.000 23.98473 ? 6   LEU C CA   1 
ATOM   567  C C    . LEU C 1 6  ? -1.36827  -9.24760  -0.54511  1.000 29.79824 ? 6   LEU C C    1 
ATOM   568  O O    . LEU C 1 6  ? -1.30769  -9.15242  0.68733   1.000 32.61439 ? 6   LEU C O    1 
ATOM   569  C CB   . LEU C 1 6  ? -3.04438  -10.84301 -1.50285  1.000 27.59005 ? 6   LEU C CB   1 
ATOM   570  C CG   . LEU C 1 6  ? -4.42355  -11.12523 -2.07271  1.000 28.57190 ? 6   LEU C CG   1 
ATOM   571  C CD1  . LEU C 1 6  ? -4.72422  -12.59899 -2.04642  1.000 33.63029 ? 6   LEU C CD1  1 
ATOM   572  C CD2  . LEU C 1 6  ? -5.47185  -10.35806 -1.30142  1.000 30.99572 ? 6   LEU C CD2  1 
ATOM   573  H H    . LEU C 1 6  ? -2.70508  -9.14695  -3.22071  1.000 30.66212 ? 6   LEU C H    1 
ATOM   574  H HA   . LEU C 1 6  ? -3.39345  -9.01193  -0.68026  1.000 28.78951 ? 6   LEU C HA   1 
ATOM   575  H HB2  . LEU C 1 6  ? -2.39618  -11.20214 -2.12876  1.000 33.11590 ? 6   LEU C HB2  1 
ATOM   576  H HB3  . LEU C 1 6  ? -2.98245  -11.31150 -0.65575  1.000 33.11590 ? 6   LEU C HB3  1 
ATOM   577  H HG   . LEU C 1 6  ? -4.44762  -10.83537 -2.99808  1.000 34.29412 ? 6   LEU C HG   1 
ATOM   578  H HD11 . LEU C 1 6  ? -5.68453  -12.72445 -1.99198  1.000 40.36418 ? 6   LEU C HD11 1 
ATOM   579  H HD12 . LEU C 1 6  ? -4.38303  -13.00544 -2.85838  1.000 40.36418 ? 6   LEU C HD12 1 
ATOM   580  H HD13 . LEU C 1 6  ? -4.29446  -12.99521 -1.27234  1.000 40.36418 ? 6   LEU C HD13 1 
ATOM   581  H HD21 . LEU C 1 6  ? -6.34486  -10.73335 -1.49612  1.000 37.20270 ? 6   LEU C HD21 1 
ATOM   582  H HD22 . LEU C 1 6  ? -5.28374  -10.43283 -0.35279  1.000 37.20270 ? 6   LEU C HD22 1 
ATOM   583  H HD23 . LEU C 1 6  ? -5.44436  -9.42687  -1.57170  1.000 37.20270 ? 6   LEU C HD23 1 
HETATM 584  N N    . AIB C 1 7  ? -0.29884  -9.19554  -1.32231  1.000 28.93503 ? 7   AIB C N    1 
HETATM 585  C CA   . AIB C 1 7  ? 1.02831   -8.98930  -0.75163  1.000 32.31969 ? 7   AIB C CA   1 
HETATM 586  C C    . AIB C 1 7  ? 1.07776   -7.68027  0.06901   1.000 31.56448 ? 7   AIB C C    1 
HETATM 587  O O    . AIB C 1 7  ? 1.56876   -7.56449  1.19726   1.000 37.13844 ? 7   AIB C O    1 
HETATM 588  C CB1  . AIB C 1 7  ? 1.46625   -10.11763 0.20772   1.000 32.62231 ? 7   AIB C CB1  1 
HETATM 589  C CB2  . AIB C 1 7  ? 2.09471   -8.86636  -1.86722  1.000 36.77530 ? 7   AIB C CB2  1 
HETATM 590  H H    . AIB C 1 7  ? -0.31175  -8.95227  -2.29321  1.000 34.72987 ? 7   AIB C H    1 
HETATM 591  H HB11 . AIB C 1 7  ? 2.50992   -9.93135  0.55630   1.000 39.15461 ? 7   AIB C HB11 1 
HETATM 592  H HB12 . AIB C 1 7  ? 0.78375   -10.14741 1.09020   1.000 39.15461 ? 7   AIB C HB12 1 
HETATM 593  H HB13 . AIB C 1 7  ? 1.42527   -11.09908 -0.32195  1.000 39.15461 ? 7   AIB C HB13 1 
HETATM 594  H HB21 . AIB C 1 7  ? 1.93410   -7.91002  -2.42157  1.000 44.13819 ? 7   AIB C HB21 1 
HETATM 595  H HB22 . AIB C 1 7  ? 3.11056   -8.87016  -1.40277  1.000 44.13819 ? 7   AIB C HB22 1 
HETATM 596  H HB23 . AIB C 1 7  ? 1.99323   -9.73199  -2.56583  1.000 44.13819 ? 7   AIB C HB23 1 
ATOM   597  N N    . ALA C 1 8  ? 0.53003   -6.64388  -0.55878  1.000 31.86164 ? 8   ALA C N    1 
ATOM   598  C CA   . ALA C 1 8  ? 0.41851   -5.32448  0.06653   1.000 30.23526 ? 8   ALA C CA   1 
ATOM   599  C C    . ALA C 1 8  ? -0.46927  -5.37445  1.30807   1.000 30.78545 ? 8   ALA C C    1 
ATOM   600  O O    . ALA C 1 8  ? -0.07084  -4.93200  2.38598   1.000 36.85428 ? 8   ALA C O    1 
ATOM   601  C CB   . ALA C 1 8  ? -0.12506  -4.33121  -0.90853  1.000 31.24053 ? 8   ALA C CB   1 
ATOM   602  H H    . ALA C 1 8  ? 0.21108   -6.67678  -1.35677  1.000 38.24180 ? 8   ALA C H    1 
ATOM   603  H HA   . ALA C 1 8  ? 1.30366   -5.03555  0.33845   1.000 36.29015 ? 8   ALA C HA   1 
ATOM   604  H HB1  . ALA C 1 8  ? 0.43668   -4.32498  -1.69929  1.000 37.49648 ? 8   ALA C HB1  1 
ATOM   605  H HB2  . ALA C 1 8  ? -1.02995  -4.58600  -1.14759  1.000 37.49648 ? 8   ALA C HB2  1 
ATOM   606  H HB3  . ALA C 1 8  ? -0.12654  -3.45288  -0.49691  1.000 37.49648 ? 8   ALA C HB3  1 
HETATM 607  N N    . AIB C 1 9  ? -1.68889  -5.87555  1.13663   1.000 32.77748 ? 9   AIB C N    1 
HETATM 608  C CA   . AIB C 1 9  ? -2.57448  -6.14167  2.25255   1.000 30.63006 ? 9   AIB C CA   1 
HETATM 609  C C    . AIB C 1 9  ? -1.89240  -6.63926  3.53551   1.000 32.95399 ? 9   AIB C C    1 
HETATM 610  O O    . AIB C 1 9  ? -2.14384  -6.21781  4.66892   1.000 35.57781 ? 9   AIB C O    1 
HETATM 611  C CB1  . AIB C 1 9  ? -3.29793  -4.84960  2.63913   1.000 30.09834 ? 9   AIB C CB1  1 
HETATM 612  C CB2  . AIB C 1 9  ? -3.57417  -7.26701  1.94322   1.000 31.30895 ? 9   AIB C CB2  1 
HETATM 613  H H    . AIB C 1 9  ? -2.21808  -5.79023  0.29125   1.000 39.34081 ? 9   AIB C H    1 
HETATM 614  H HB11 . AIB C 1 9  ? -3.92998  -4.50279  1.78725   1.000 36.12584 ? 9   AIB C HB11 1 
HETATM 615  H HB12 . AIB C 1 9  ? -3.94749  -5.03337  3.52782   1.000 36.12584 ? 9   AIB C HB12 1 
HETATM 616  H HB13 . AIB C 1 9  ? -2.55008  -4.05937  2.88754   1.000 36.12584 ? 9   AIB C HB13 1 
HETATM 617  H HB21 . AIB C 1 9  ? -3.03540  -8.24546  1.94959   1.000 37.57858 ? 9   AIB C HB21 1 
HETATM 618  H HB22 . AIB C 1 9  ? -4.37411  -7.26880  2.72282   1.000 37.57858 ? 9   AIB C HB22 1 
HETATM 619  H HB23 . AIB C 1 9  ? -4.02489  -7.08813  0.93696   1.000 37.57858 ? 9   AIB C HB23 1 
ATOM   620  N N    . LEU C 1 10 ? -0.98986  -7.58665  3.31253   1.000 32.64871 ? 10  LEU C N    1 
ATOM   621  C CA   . LEU C 1 10 ? -0.25255  -8.24889  4.38264   1.000 34.81202 ? 10  LEU C CA   1 
ATOM   622  C C    . LEU C 1 10 ? 0.79684   -7.31553  4.97970   1.000 38.60723 ? 10  LEU C C    1 
ATOM   623  O O    . LEU C 1 10 ? 0.86851   -7.15857  6.20272   1.000 40.54423 ? 10  LEU C O    1 
ATOM   624  C CB   . LEU C 1 10 ? 0.39450   -9.52116  3.83271   1.000 33.15128 ? 10  LEU C CB   1 
ATOM   625  C CG   . LEU C 1 10 ? 0.58998   -10.75353 4.69991   1.000 29.99580 ? 10  LEU C CG   1 
ATOM   626  C CD1  . LEU C 1 10 ? -0.63514  -11.13635 5.44878   1.000 33.23551 ? 10  LEU C CD1  1 
ATOM   627  C CD2  . LEU C 1 10 ? 1.05383   -11.89315 3.77125   1.000 30.88263 ? 10  LEU C CD2  1 
ATOM   628  H H    . LEU C 1 10 ? -0.77987  -7.87234  2.52901   1.000 39.18629 ? 10  LEU C H    1 
ATOM   629  H HA   . LEU C 1 10 ? -0.85381  -8.49784  5.10195   1.000 41.78226 ? 10  LEU C HA   1 
ATOM   630  H HB2  . LEU C 1 10 ? -0.14928  -9.81072  3.08348   1.000 39.78937 ? 10  LEU C HB2  1 
ATOM   631  H HB3  . LEU C 1 10 ? 1.28022   -9.27407  3.52390   1.000 39.78937 ? 10  LEU C HB3  1 
ATOM   632  H HG   . LEU C 1 10 ? 1.25294   -10.57336 5.38469   1.000 36.00279 ? 10  LEU C HG   1 
ATOM   633  H HD11 . LEU C 1 10 ? -0.55331  -12.05864 5.73785   1.000 39.89044 ? 10  LEU C HD11 1 
ATOM   634  H HD12 . LEU C 1 10 ? -0.72857  -10.55511 6.21971   1.000 39.89044 ? 10  LEU C HD12 1 
ATOM   635  H HD13 . LEU C 1 10 ? -1.40462  -11.03933 4.86619   1.000 39.89044 ? 10  LEU C HD13 1 
ATOM   636  H HD21 . LEU C 1 10 ? 1.33498   -12.64719 4.31281   1.000 37.06699 ? 10  LEU C HD21 1 
ATOM   637  H HD22 . LEU C 1 10 ? 0.31567   -12.15413 3.19861   1.000 37.06699 ? 10  LEU C HD22 1 
ATOM   638  H HD23 . LEU C 1 10 ? 1.79592   -11.57852 3.23160   1.000 37.06699 ? 10  LEU C HD23 1 
HETATM 639  N N    . AIB C 1 11 ? 1.60681   -6.70550  4.11428   1.000 39.94680 ? 11  AIB C N    1 
HETATM 640  C CA   . AIB C 1 11 ? 2.49680   -5.61677  4.50796   1.000 39.05978 ? 11  AIB C CA   1 
HETATM 641  C C    . AIB C 1 11 ? 1.91158   -4.65775  5.57693   1.000 37.61237 ? 11  AIB C C    1 
HETATM 642  O O    . AIB C 1 11 ? 2.47922   -4.22209  6.57771   1.000 40.58111 ? 11  AIB C O    1 
HETATM 643  C CB1  . AIB C 1 11 ? 3.85207   -6.09341  5.05875   1.000 38.57039 ? 11  AIB C CB1  1 
HETATM 644  C CB2  . AIB C 1 11 ? 2.82426   -4.73743  3.28328   1.000 36.75447 ? 11  AIB C CB2  1 
HETATM 645  H H    . AIB C 1 11 ? 1.93618   -7.12252  3.26598   1.000 47.94400 ? 11  AIB C H    1 
HETATM 646  H HB11 . AIB C 1 11 ? 4.37243   -5.24513  5.56383   1.000 46.29230 ? 11  AIB C HB11 1 
HETATM 647  H HB12 . AIB C 1 11 ? 3.69070   -6.91641  5.79502   1.000 46.29230 ? 11  AIB C HB12 1 
HETATM 648  H HB13 . AIB C 1 11 ? 4.48767   -6.46848  4.22163   1.000 46.29230 ? 11  AIB C HB13 1 
HETATM 649  H HB21 . AIB C 1 11 ? 3.79849   -4.21916  3.45637   1.000 44.11320 ? 11  AIB C HB21 1 
HETATM 650  H HB22 . AIB C 1 11 ? 2.89499   -5.38625  2.37679   1.000 44.11320 ? 11  AIB C HB22 1 
HETATM 651  H HB23 . AIB C 1 11 ? 2.01156   -3.98317  3.14803   1.000 44.11320 ? 11  AIB C HB23 1 
ATOM   652  N N    . GLN C 1 12 ? 0.67105   -4.29574  5.32400   1.000 33.51198 ? 12  GLN C N    1 
ATOM   653  C CA   . GLN C 1 12 ? 0.05504   -3.28223  6.14238   1.000 30.13003 ? 12  GLN C CA   1 
ATOM   654  C C    . GLN C 1 12 ? -0.55978  -3.91250  7.37524   1.000 28.29575 ? 12  GLN C C    1 
ATOM   655  O O    . GLN C 1 12 ? -0.42817  -3.39539  8.46539   1.000 30.01664 ? 12  GLN C O    1 
ATOM   656  C CB   . GLN C 1 12 ? -0.96651  -2.53100  5.31280   1.000 35.20683 ? 12  GLN C CB   1 
ATOM   657  C CG   . GLN C 1 12 ? -0.32306  -1.57200  4.36140   1.000 35.66999 ? 12  GLN C CG   1 
ATOM   658  C CD   . GLN C 1 12 ? -1.31236  -0.61013  3.83174   1.000 34.07248 ? 12  GLN C CD   1 
ATOM   659  O OE1  . GLN C 1 12 ? -1.70900  0.32628   4.51078   1.000 30.06936 ? 12  GLN C OE1  1 
ATOM   660  N NE2  . GLN C 1 12 ? -1.69705  -0.80202  2.59623   1.000 35.81214 ? 12  GLN C NE2  1 
ATOM   661  H H    . GLN C 1 12 ? 0.17750   -4.61656  4.69704   1.000 40.22221 ? 12  GLN C H    1 
ATOM   662  H HA   . GLN C 1 12 ? 0.70647   -2.63473  6.45428   1.000 36.16388 ? 12  GLN C HA   1 
ATOM   663  H HB2  . GLN C 1 12 ? -1.48707  -3.16652  4.79702   1.000 42.25603 ? 12  GLN C HB2  1 
ATOM   664  H HB3  . GLN C 1 12 ? -1.54824  -2.02765  5.90365   1.000 42.25603 ? 12  GLN C HB3  1 
ATOM   665  H HG2  . GLN C 1 12 ? 0.37155   -1.07634  4.82265   1.000 42.81183 ? 12  GLN C HG2  1 
ATOM   666  H HG3  . GLN C 1 12 ? 0.05833   -2.06262  3.61661   1.000 42.81183 ? 12  GLN C HG3  1 
ATOM   667  H HE21 . GLN C 1 12 ? -1.37566  -1.45831  2.14281   1.000 42.98240 ? 12  GLN C HE21 1 
ATOM   668  H HE22 . GLN C 1 12 ? -2.27133  -0.27189  2.23741   1.000 42.98240 ? 12  GLN C HE22 1 
HETATM 669  N N    . AIB C 1 13 ? -1.20202  -5.05503  7.19961   1.000 32.06684 ? 13  AIB C N    1 
HETATM 670  C CA   . AIB C 1 13 ? -1.84525  -5.71236  8.30745   1.000 31.68542 ? 13  AIB C CA   1 
HETATM 671  C C    . AIB C 1 13 ? -0.85032  -6.07457  9.41676   1.000 35.45414 ? 13  AIB C C    1 
HETATM 672  O O    . AIB C 1 13 ? -1.10756  -5.92310  10.61156  1.000 33.12503 ? 13  AIB C O    1 
HETATM 673  C CB1  . AIB C 1 13 ? -2.91585  -4.80015  8.91786   1.000 31.29063 ? 13  AIB C CB1  1 
HETATM 674  C CB2  . AIB C 1 13 ? -2.46793  -7.06437  7.94415   1.000 35.53045 ? 13  AIB C CB2  1 
HETATM 675  H H    . AIB C 1 13 ? -1.02595  -5.69924  6.45397   1.000 38.48804 ? 13  AIB C H    1 
HETATM 676  H HB11 . AIB C 1 13 ? -3.47417  -4.27848  8.10447   1.000 37.55659 ? 13  AIB C HB11 1 
HETATM 677  H HB12 . AIB C 1 13 ? -3.62985  -5.40943  9.52154   1.000 37.55659 ? 13  AIB C HB12 1 
HETATM 678  H HB13 . AIB C 1 13 ? -2.43196  -4.04074  9.57711   1.000 37.55659 ? 13  AIB C HB13 1 
HETATM 679  H HB21 . AIB C 1 13 ? -3.07084  -6.94931  7.01091   1.000 42.64438 ? 13  AIB C HB21 1 
HETATM 680  H HB22 . AIB C 1 13 ? -1.65204  -7.80936  7.77983   1.000 42.64438 ? 13  AIB C HB22 1 
HETATM 681  H HB23 . AIB C 1 13 ? -3.12563  -7.40004  8.78228   1.000 42.64438 ? 13  AIB C HB23 1 
ATOM   682  N N    . LEU C 1 14 ? 0.30905   -6.58548  8.98436   1.000 35.62011 ? 14  LEU C N    1 
ATOM   683  C CA   . LEU C 1 14 ? 1.33333   -7.05528  9.90496   1.000 38.84418 ? 14  LEU C CA   1 
ATOM   684  C C    . LEU C 1 14 ? 2.33293   -5.94188  10.19538  1.000 40.90492 ? 14  LEU C C    1 
ATOM   685  O O    . LEU C 1 14 ? 2.64898   -5.67940  11.35661  1.000 46.71603 ? 14  LEU C O    1 
ATOM   686  C CB   . LEU C 1 14 ? 2.04362   -8.28908  9.32981   1.000 40.63908 ? 14  LEU C CB   1 
ATOM   687  C CG   . LEU C 1 14 ? 1.15724   -9.54361  9.35356   1.000 46.11076 ? 14  LEU C CG   1 
ATOM   688  C CD1  . LEU C 1 14 ? 1.87264   -10.75310 8.77929   1.000 50.27434 ? 14  LEU C CD1  1 
ATOM   689  C CD2  . LEU C 1 14 ? 0.63235   -9.81509  10.76507  1.000 45.76598 ? 14  LEU C CD2  1 
ATOM   690  H H    . LEU C 1 14 ? 0.52164   -6.66856  8.15521   1.000 42.75197 ? 14  LEU C H    1 
ATOM   691  H HA   . LEU C 1 14 ? 0.92547   -7.31983  10.74434  1.000 46.62086 ? 14  LEU C HA   1 
ATOM   692  H HB2  . LEU C 1 14 ? 2.29001   -8.11091  8.40870   1.000 48.77474 ? 14  LEU C HB2  1 
ATOM   693  H HB3  . LEU C 1 14 ? 2.83773   -8.47050  9.85650   1.000 48.77474 ? 14  LEU C HB3  1 
ATOM   694  H HG   . LEU C 1 14 ? 0.38954   -9.38250  8.78298   1.000 55.34075 ? 14  LEU C HG   1 
ATOM   695  H HD11 . LEU C 1 14 ? 1.39804   -11.55629 9.04488   1.000 60.33705 ? 14  LEU C HD11 1 
ATOM   696  H HD12 . LEU C 1 14 ? 1.88677   -10.68184 7.81201   1.000 60.33705 ? 14  LEU C HD12 1 
ATOM   697  H HD13 . LEU C 1 14 ? 2.77958   -10.77601 9.12255   1.000 60.33705 ? 14  LEU C HD13 1 
ATOM   698  H HD21 . LEU C 1 14 ? 0.32017   -10.73212 10.81496  1.000 54.92701 ? 14  LEU C HD21 1 
ATOM   699  H HD22 . LEU C 1 14 ? 1.35086   -9.67518  11.40153  1.000 54.92701 ? 14  LEU C HD22 1 
ATOM   700  H HD23 . LEU C 1 14 ? -0.09894  -9.20605  10.95263  1.000 54.92701 ? 14  LEU C HD23 1 
HETATM 701  C C11  . I77 C 1 15 ? 3.71261   -0.85888  10.76127  1.000 31.34062 ? 15  I77 C C11  1 
HETATM 702  C C12  . I77 C 1 15 ? 3.10762   -1.55402  11.79303  1.000 28.69036 ? 15  I77 C C12  1 
HETATM 703  C C13  . I77 C 1 15 ? 2.27268   -2.79724  11.49542  1.000 31.14059 ? 15  I77 C C13  1 
HETATM 704  C C17  . I77 C 1 15 ? 3.26159   -1.10718  13.09937  1.000 30.96147 ? 15  I77 C C17  1 
HETATM 705  C C18  . I77 C 1 15 ? 4.01324   0.02601   13.32288  1.000 28.69296 ? 15  I77 C C18  1 
HETATM 706  C C02  . I77 C 1 15 ? 7.61297   5.53654   12.88363  1.000 49.92185 ? 15  I77 C C02  1 
HETATM 707  C C03  . I77 C 1 15 ? 6.83756   4.23965   12.72180  1.000 43.14471 ? 15  I77 C C03  1 
HETATM 708  C C04  . I77 C 1 15 ? 6.70242   3.70918   11.45498  1.000 41.74447 ? 15  I77 C C04  1 
HETATM 709  C C05  . I77 C 1 15 ? 5.97824   2.53986   11.35734  1.000 43.41556 ? 15  I77 C C05  1 
HETATM 710  C C06  . I77 C 1 15 ? 6.25781   3.63740   13.82201  1.000 41.79707 ? 15  I77 C C06  1 
HETATM 711  C C08  . I77 C 1 15 ? 5.42131   1.95415   12.47672  1.000 33.92521 ? 15  I77 C C08  1 
HETATM 712  C C09  . I77 C 1 15 ? 4.60945   0.68016   12.26270  1.000 28.98267 ? 15  I77 C C09  1 
HETATM 713  N N01  . I77 C 1 15 ? 7.88529   6.34995   11.70243  1.000 55.11440 ? 15  I77 C N01  1 
HETATM 714  N N07  . I77 C 1 15 ? 5.56442   2.51840   13.66235  1.000 40.24938 ? 15  I77 C N07  1 
HETATM 715  N N10  . I77 C 1 15 ? 4.43046   0.21961   11.03488  1.000 33.64329 ? 15  I77 C N10  1 
HETATM 716  N N14  . I77 C 1 15 ? 2.46363   -3.50404  10.22846  1.000 32.88036 ? 15  I77 C N14  1 
HETATM 717  N N15  . I77 C 1 15 ? 1.72376   -4.67435  9.91085   1.000 42.61282 ? 15  I77 C N15  1 
HETATM 718  O O16  . I77 C 1 15 ? 1.46091   -3.17298  12.26534  1.000 33.61983 ? 15  I77 C O16  1 
HETATM 719  O O19  . I77 C 1 15 ? 7.93638   5.84871   13.96885  1.000 61.67565 ? 15  I77 C O19  1 
HETATM 720  H H111 . I77 C 1 15 ? 3.60044   -1.19288  9.74141   1.000 37.61658 ? 15  I77 C H111 1 
HETATM 721  H H171 . I77 C 1 15 ? 2.79820   -1.64100  13.92906  1.000 37.16160 ? 15  I77 C H171 1 
HETATM 722  H H181 . I77 C 1 15 ? 4.13708   0.40561   14.33497  1.000 34.43939 ? 15  I77 C H181 1 
HETATM 723  H H041 . I77 C 1 15 ? 7.13700   4.18078   10.59346  1.000 50.10120 ? 15  I77 C H041 1 
HETATM 724  H H051 . I77 C 1 15 ? 5.84428   2.07408   10.38885  1.000 52.10651 ? 15  I77 C H051 1 
HETATM 725  H H061 . I77 C 1 15 ? 6.36856   4.07466   14.80441  1.000 50.16432 ? 15  I77 C H061 1 
HETATM 726  H H011 . I77 C 1 15 ? 7.58004   6.04650   10.80331  1.000 66.14511 ? 15  I77 C H011 1 
HETATM 727  H H012 . I77 C 1 15 ? 8.38999   7.21780   11.78876  1.000 66.14511 ? 15  I77 C H012 1 
HETATM 728  H H141 . I77 C 1 15 ? 3.13481   -3.15298  9.56642   1.000 39.46427 ? 15  I77 C H141 1 
HETATM 729  H H1   . I77 C 1 15 ? 1.80009   -4.80837  8.91373   1.000 51.14322 ? 15  I77 C H1   1 
HETATM 730  O O1   . Z7Z D 1 1  ? 5.25366   6.12636   8.12697   1.000 29.76133 ? 1   Z7Z D O1   1 
HETATM 731  C C1   . Z7Z D 1 1  ? 5.23044   6.85613   9.15304   1.000 27.34285 ? 1   Z7Z D C1   1 
HETATM 732  C C2   . Z7Z D 1 1  ? 4.48490   6.40537   10.40009  1.000 28.56900 ? 1   Z7Z D C2   1 
HETATM 733  C C3   . Z7Z D 1 1  ? 3.77796   5.21426   10.36751  1.000 25.85574 ? 1   Z7Z D C3   1 
HETATM 734  C C4   . Z7Z D 1 1  ? 3.11565   4.78217   11.50077  1.000 23.91872 ? 1   Z7Z D C4   1 
HETATM 735  C C5   . Z7Z D 1 1  ? 4.53872   7.15271   11.56986  1.000 27.30321 ? 1   Z7Z D C5   1 
HETATM 736  C C6   . Z7Z D 1 1  ? 3.88477   6.72136   12.70161  1.000 24.18189 ? 1   Z7Z D C6   1 
HETATM 737  C C7   . Z7Z D 1 1  ? 3.17275   5.53761   12.66110  1.000 23.63966 ? 1   Z7Z D C7   1 
HETATM 738  C C8   . Z7Z D 1 1  ? 2.45205   5.01743   13.88155  1.000 25.93747 ? 1   Z7Z D C8   1 
HETATM 739  C C9   . Z7Z D 1 1  ? 1.32092   4.24504   13.70032  1.000 32.93018 ? 1   Z7Z D C9   1 
HETATM 740  C C10  . Z7Z D 1 1  ? 2.93278   5.27051   15.16168  1.000 26.22687 ? 1   Z7Z D C10  1 
HETATM 741  C C11  . Z7Z D 1 1  ? 0.64052   3.75385   14.78890  1.000 35.87788 ? 1   Z7Z D C11  1 
HETATM 742  C C12  . Z7Z D 1 1  ? 2.23294   4.74501   16.25025  1.000 31.69319 ? 1   Z7Z D C12  1 
HETATM 743  C C13  . Z7Z D 1 1  ? 1.09259   4.00288   16.06374  1.000 34.73045 ? 1   Z7Z D C13  1 
HETATM 744  H H31  . Z7Z D 1 1  ? 3.74461   4.62531   9.45927   1.000 31.03472 ? 1   Z7Z D H31  1 
HETATM 745  H H41  . Z7Z D 1 1  ? 2.55396   3.85640   11.48216  1.000 28.71030 ? 1   Z7Z D H41  1 
HETATM 746  H H51  . Z7Z D 1 1  ? 5.09823   8.07973   11.59146  1.000 32.77169 ? 1   Z7Z D H51  1 
HETATM 747  H H61  . Z7Z D 1 1  ? 3.92774   7.30333   13.61395  1.000 29.02611 ? 1   Z7Z D H61  1 
HETATM 748  H H91  . Z7Z D 1 1  ? 0.96998   4.02636   12.69936  1.000 39.52405 ? 1   Z7Z D H91  1 
HETATM 749  H H101 . Z7Z D 1 1  ? 3.82835   5.86092   15.31099  1.000 31.48008 ? 1   Z7Z D H101 1 
HETATM 750  H H111 . Z7Z D 1 1  ? -0.25759  3.16680   14.64178  1.000 43.06129 ? 1   Z7Z D H111 1 
HETATM 751  H H121 . Z7Z D 1 1  ? 2.59453   4.92526   17.25507  1.000 38.03966 ? 1   Z7Z D H121 1 
HETATM 752  H H131 . Z7Z D 1 1  ? 0.55106   3.61501   16.91768  1.000 41.68437 ? 1   Z7Z D H131 1 
ATOM   753  N N    . ALA D 1 2  ? 5.72346   8.13663   8.75947   1.000 28.70330 ? 2   ALA D N    1 
ATOM   754  C CA   . ALA D 1 2  ? 6.28371   8.55329   7.50954   1.000 25.58754 ? 2   ALA D CA   1 
ATOM   755  C C    . ALA D 1 2  ? 7.37267   7.57931   7.13980   1.000 26.61370 ? 2   ALA D C    1 
ATOM   756  O O    . ALA D 1 2  ? 7.49077   7.17186   6.00125   1.000 27.56381 ? 2   ALA D O    1 
ATOM   757  C CB   . ALA D 1 2  ? 6.82241   9.94027   7.61472   1.000 31.11934 ? 2   ALA D CB   1 
ATOM   758  H H    . ALA D 1 2  ? 6.12370   8.45587   9.44787   1.000 34.45179 ? 2   ALA D H    1 
ATOM   759  H HA   . ALA D 1 2  ? 5.60788   8.57011   6.81394   1.000 30.71288 ? 2   ALA D HA   1 
ATOM   760  H HB1  . ALA D 1 2  ? 7.23089   10.18532  6.76974   1.000 37.35104 ? 2   ALA D HB1  1 
ATOM   761  H HB2  . ALA D 1 2  ? 6.09384   10.54744  7.81830   1.000 37.35104 ? 2   ALA D HB2  1 
ATOM   762  H HB3  . ALA D 1 2  ? 7.48463   9.96900   8.32290   1.000 37.35104 ? 2   ALA D HB3  1 
HETATM 763  N N    . AIB D 1 3  ? 8.16237   7.20201   8.13240   1.000 30.20615 ? 3   AIB D N    1 
HETATM 764  C CA   . AIB D 1 3  ? 9.23011   6.26465   7.92299   1.000 33.20919 ? 3   AIB D CA   1 
HETATM 765  C C    . AIB D 1 3  ? 8.87488   4.98960   7.14426   1.000 30.16148 ? 3   AIB D C    1 
HETATM 766  O O    . AIB D 1 3  ? 9.55168   4.54733   6.22163   1.000 30.82214 ? 3   AIB D O    1 
HETATM 767  C CB1  . AIB D 1 3  ? 10.31007  6.93579   7.07811   1.000 36.22267 ? 3   AIB D CB1  1 
HETATM 768  C CB2  . AIB D 1 3  ? 9.84521   5.81736   9.26303   1.000 35.62790 ? 3   AIB D CB2  1 
HETATM 769  H H    . AIB D 1 3  ? 8.32465   7.73848   8.96178   1.000 36.25522 ? 3   AIB D H    1 
HETATM 770  H HB11 . AIB D 1 3  ? 11.25267  6.34058   7.13007   1.000 43.47504 ? 3   AIB D HB11 1 
HETATM 771  H HB12 . AIB D 1 3  ? 9.97267   6.99798   6.01615   1.000 43.47504 ? 3   AIB D HB12 1 
HETATM 772  H HB13 . AIB D 1 3  ? 10.50365  7.96520   7.46319   1.000 43.47504 ? 3   AIB D HB13 1 
HETATM 773  H HB21 . AIB D 1 3  ? 10.77437  5.23147   9.06039   1.000 42.76132 ? 3   AIB D HB21 1 
HETATM 774  H HB22 . AIB D 1 3  ? 10.09126  6.72136   9.87125   1.000 42.76132 ? 3   AIB D HB22 1 
HETATM 775  H HB23 . AIB D 1 3  ? 9.10681   5.18159   9.80916   1.000 42.76132 ? 3   AIB D HB23 1 
HETATM 776  N N    . DAB D 1 4  ? 7.78217   4.36372   7.55458   1.000 25.39001 ? 4   DAB D N    1 
HETATM 777  C CA   . DAB D 1 4  ? 7.35384   3.13403   6.95713   1.000 30.13506 ? 4   DAB D CA   1 
HETATM 778  C C    . DAB D 1 4  ? 6.55294   3.39453   5.66712   1.000 28.42447 ? 4   DAB D C    1 
HETATM 779  O O    . DAB D 1 4  ? 6.57353   2.56187   4.72686   1.000 28.76392 ? 4   DAB D O    1 
HETATM 780  C CB   . DAB D 1 4  ? 6.47746   2.30595   7.85210   1.000 33.38040 ? 4   DAB D CB   1 
HETATM 781  C CG   . DAB D 1 4  ? 7.07688   0.92605   8.06085   1.000 43.90770 ? 4   DAB D CG   1 
HETATM 782  N ND   . DAB D 1 4  ? 8.23582   0.95476   8.91756   1.000 43.46835 ? 4   DAB D ND   1 
HETATM 783  H H    . DAB D 1 4  ? 7.47477   4.39930   8.35697   1.000 30.47584 ? 4   DAB D H    1 
HETATM 784  H HB2  . DAB D 1 4  ? 5.59970   2.25256   7.44269   1.000 40.06431 ? 4   DAB D HB2  1 
HETATM 785  H HB3  . DAB D 1 4  ? 6.37803   2.77976   8.69264   1.000 40.06431 ? 4   DAB D HB3  1 
HETATM 786  H HG2  . DAB D 1 4  ? 7.33471   0.54401   7.20735   1.000 52.69707 ? 4   DAB D HG2  1 
HETATM 787  H HG3  . DAB D 1 4  ? 6.41731   0.33429   8.45542   1.000 52.69707 ? 4   DAB D HG3  1 
HETATM 788  H HD1  . DAB D 1 4  ? 8.71205   1.68476   8.73963   1.000 52.16986 ? 4   DAB D HD1  1 
HETATM 789  H HD2  . DAB D 1 4  ? 8.75441   0.25110   8.74824   1.000 52.16986 ? 4   DAB D HD2  1 
HETATM 790  N N    . AIB D 1 5  ? 5.80427   4.48395   5.64927   1.000 26.02951 ? 5   AIB D N    1 
HETATM 791  C CA   . AIB D 1 5  ? 5.20156   4.92076   4.41679   1.000 28.66117 ? 5   AIB D CA   1 
HETATM 792  C C    . AIB D 1 5  ? 6.22253   4.92690   3.28172   1.000 25.04773 ? 5   AIB D C    1 
HETATM 793  O O    . AIB D 1 5  ? 6.07780   4.36264   2.20971   1.000 25.93727 ? 5   AIB D O    1 
HETATM 794  C CB1  . AIB D 1 5  ? 4.01335   4.04549   4.00456   1.000 27.68233 ? 5   AIB D CB1  1 
HETATM 795  C CB2  . AIB D 1 5  ? 4.72238   6.36271   4.54037   1.000 28.77186 ? 5   AIB D CB2  1 
HETATM 796  H H    . AIB D 1 5  ? 5.33265   4.86943   6.44362   1.000 31.24325 ? 5   AIB D H    1 
HETATM 797  H HB11 . AIB D 1 5  ? 4.36788   3.01170   3.77863   1.000 33.22663 ? 5   AIB D HB11 1 
HETATM 798  H HB12 . AIB D 1 5  ? 3.52737   4.47422   3.09599   1.000 33.22663 ? 5   AIB D HB12 1 
HETATM 799  H HB13 . AIB D 1 5  ? 3.26919   4.00556   4.83527   1.000 33.22663 ? 5   AIB D HB13 1 
HETATM 800  H HB21 . AIB D 1 5  ? 5.54544   6.98524   4.96782   1.000 34.53407 ? 5   AIB D HB21 1 
HETATM 801  H HB22 . AIB D 1 5  ? 3.83244   6.39482   5.21467   1.000 34.53407 ? 5   AIB D HB22 1 
HETATM 802  H HB23 . AIB D 1 5  ? 4.44529   6.74311   3.52736   1.000 34.53407 ? 5   AIB D HB23 1 
ATOM   803  N N    . LEU D 1 6  ? 7.30695   5.63503   3.54743   1.000 24.97147 ? 6   LEU D N    1 
ATOM   804  C CA   . LEU D 1 6  ? 8.38006   5.77549   2.56480   1.000 24.68188 ? 6   LEU D CA   1 
ATOM   805  C C    . LEU D 1 6  ? 9.13529   4.46085   2.30576   1.000 25.22142 ? 6   LEU D C    1 
ATOM   806  O O    . LEU D 1 6  ? 9.55267   4.19934   1.16847   1.000 26.63214 ? 6   LEU D O    1 
ATOM   807  C CB   . LEU D 1 6  ? 9.34683   6.87062   3.01807   1.000 26.50311 ? 6   LEU D CB   1 
ATOM   808  C CG   . LEU D 1 6  ? 8.68538   8.25510   3.20223   1.000 25.85322 ? 6   LEU D CG   1 
ATOM   809  C CD1  . LEU D 1 6  ? 9.67554   9.32078   3.65432   1.000 28.39287 ? 6   LEU D CD1  1 
ATOM   810  C CD2  . LEU D 1 6  ? 7.99012   8.71616   1.91294   1.000 33.20907 ? 6   LEU D CD2  1 
ATOM   811  H H    . LEU D 1 6  ? 7.45032   6.04640   4.28894   1.000 29.97360 ? 6   LEU D H    1 
ATOM   812  H HA   . LEU D 1 6  ? 7.98747   6.02849   1.71465   1.000 29.62609 ? 6   LEU D HA   1 
ATOM   813  H HB2  . LEU D 1 6  ? 9.73238   6.61128   3.86953   1.000 31.81157 ? 6   LEU D HB2  1 
ATOM   814  H HB3  . LEU D 1 6  ? 10.04570  6.96287   2.35177   1.000 31.81157 ? 6   LEU D HB3  1 
ATOM   815  H HG   . LEU D 1 6  ? 8.02106   8.15506   3.90193   1.000 31.03170 ? 6   LEU D HG   1 
ATOM   816  H HD11 . LEU D 1 6  ? 9.18650   10.11965  3.90640   1.000 34.07927 ? 6   LEU D HD11 1 
ATOM   817  H HD12 . LEU D 1 6  ? 10.17537  8.98514   4.41485   1.000 34.07927 ? 6   LEU D HD12 1 
ATOM   818  H HD13 . LEU D 1 6  ? 10.28057  9.52033   2.92288   1.000 34.07927 ? 6   LEU D HD13 1 
ATOM   819  H HD21 . LEU D 1 6  ? 7.75779   9.65413   1.99751   1.000 39.85872 ? 6   LEU D HD21 1 
ATOM   820  H HD22 . LEU D 1 6  ? 8.59580   8.59150   1.16561   1.000 39.85872 ? 6   LEU D HD22 1 
ATOM   821  H HD23 . LEU D 1 6  ? 7.18786   8.18732   1.78030   1.000 39.85872 ? 6   LEU D HD23 1 
HETATM 822  N N    . AIB D 1 7  ? 9.29415   3.62625   3.32732   1.000 25.37411 ? 7   AIB D N    1 
HETATM 823  C CA   . AIB D 1 7  ? 9.91662   2.31874   3.15730   1.000 28.10046 ? 7   AIB D CA   1 
HETATM 824  C C    . AIB D 1 7  ? 9.22286   1.49821   2.04678   1.000 26.41115 ? 7   AIB D C    1 
HETATM 825  O O    . AIB D 1 7  ? 9.76621   0.91427   1.11842   1.000 28.79548 ? 7   AIB D O    1 
HETATM 826  C CB1  . AIB D 1 7  ? 11.43667  2.41992   2.88662   1.000 27.71652 ? 7   AIB D CB1  1 
HETATM 827  C CB2  . AIB D 1 7  ? 9.78893   1.43684   4.41841   1.000 23.87660 ? 7   AIB D CB2  1 
HETATM 828  H H    . AIB D 1 7  ? 8.73827   3.64074   4.15966   1.000 30.45677 ? 7   AIB D H    1 
HETATM 829  H HB11 . AIB D 1 7  ? 11.81127  1.45178   2.47693   1.000 33.26766 ? 7   AIB D HB11 1 
HETATM 830  H HB12 . AIB D 1 7  ? 11.63413  3.23270   2.14782   1.000 33.26766 ? 7   AIB D HB12 1 
HETATM 831  H HB13 . AIB D 1 7  ? 11.97387  2.64909   3.83759   1.000 33.26766 ? 7   AIB D HB13 1 
HETATM 832  H HB21 . AIB D 1 7  ? 8.75009   1.52259   4.81983   1.000 28.65975 ? 7   AIB D HB21 1 
HETATM 833  H HB22 . AIB D 1 7  ? 10.00392  0.37548   4.14460   1.000 28.65975 ? 7   AIB D HB22 1 
HETATM 834  H HB23 . AIB D 1 7  ? 10.52230  1.78749   5.18452   1.000 28.65975 ? 7   AIB D HB23 1 
ATOM   835  N N    . ALA D 1 8  ? 7.90353   1.47783   2.19451   1.000 26.83205 ? 8   ALA D N    1 
ATOM   836  C CA   . ALA D 1 8  ? 7.02421   0.77080   1.27992   1.000 26.18743 ? 8   ALA D CA   1 
ATOM   837  C C    . ALA D 1 8  ? 7.04259   1.41885   -0.08682  1.000 23.84766 ? 8   ALA D C    1 
ATOM   838  O O    . ALA D 1 8  ? 7.03787   0.74670   -1.12175  1.000 24.56607 ? 8   ALA D O    1 
ATOM   839  C CB   . ALA D 1 8  ? 5.60259   0.74160   1.83569   1.000 31.58001 ? 8   ALA D CB   1 
ATOM   840  H H    . ALA D 1 8  ? 7.48556   1.87578   2.83211   1.000 32.20630 ? 8   ALA D H    1 
ATOM   841  H HA   . ALA D 1 8  ? 7.33010   -0.14478  1.18476   1.000 31.43275 ? 8   ALA D HA   1 
ATOM   842  H HB1  . ALA D 1 8  ? 5.59761   0.23669   2.66391   1.000 37.90385 ? 8   ALA D HB1  1 
ATOM   843  H HB2  . ALA D 1 8  ? 5.30944   1.65133   2.00113   1.000 37.90385 ? 8   ALA D HB2  1 
ATOM   844  H HB3  . ALA D 1 8  ? 5.01850   0.31867   1.18695   1.000 37.90385 ? 8   ALA D HB3  1 
HETATM 845  N N    . AIB D 1 9  ? 7.02797   2.73940   -0.07973  1.000 25.71358 ? 9   AIB D N    1 
HETATM 846  C CA   . AIB D 1 9  ? 7.12728   3.50868   -1.28518  1.000 26.95576 ? 9   AIB D CA   1 
HETATM 847  C C    . AIB D 1 9  ? 8.32622   3.10015   -2.12525  1.000 26.31903 ? 9   AIB D C    1 
HETATM 848  O O    . AIB D 1 9  ? 8.27388   2.79151   -3.31694  1.000 27.79009 ? 9   AIB D O    1 
HETATM 849  C CB1  . AIB D 1 9  ? 5.91653   3.33617   -2.19835  1.000 28.52701 ? 9   AIB D CB1  1 
HETATM 850  C CB2  . AIB D 1 9  ? 7.30619   5.00532   -0.96869  1.000 25.18727 ? 9   AIB D CB2  1 
HETATM 851  H H    . AIB D 1 9  ? 7.29014   3.30002   0.70701   1.000 30.86413 ? 9   AIB D H    1 
HETATM 852  H HB11 . AIB D 1 9  ? 5.00173   3.71970   -1.68697  1.000 34.24024 ? 9   AIB D HB11 1 
HETATM 853  H HB12 . AIB D 1 9  ? 6.07475   3.90589   -3.14484  1.000 34.24024 ? 9   AIB D HB12 1 
HETATM 854  H HB13 . AIB D 1 9  ? 5.77741   2.25529   -2.43879  1.000 34.24024 ? 9   AIB D HB13 1 
HETATM 855  H HB21 . AIB D 1 9  ? 8.33282   5.17183   -0.56127  1.000 30.23256 ? 9   AIB D HB21 1 
HETATM 856  H HB22 . AIB D 1 9  ? 7.16966   5.59549   -1.90718  1.000 30.23256 ? 9   AIB D HB22 1 
HETATM 857  H HB23 . AIB D 1 9  ? 6.54319   5.31204   -0.21274  1.000 30.23256 ? 9   AIB D HB23 1 
ATOM   858  N N    . LEU D 1 10 ? 9.46066   3.10083   -1.45220  1.000 26.86122 ? 10  LEU D N    1 
ATOM   859  C CA   . LEU D 1 10 ? 10.73172  2.75716   -2.09214  1.000 30.48504 ? 10  LEU D CA   1 
ATOM   860  C C    . LEU D 1 10 ? 10.74336  1.30572   -2.55891  1.000 29.68785 ? 10  LEU D C    1 
ATOM   861  O O    . LEU D 1 10 ? 11.18515  1.01610   -3.66691  1.000 31.84840 ? 10  LEU D O    1 
ATOM   862  C CB   . LEU D 1 10 ? 11.91422  2.97933   -1.14031  1.000 33.59087 ? 10  LEU D CB   1 
ATOM   863  C CG   . LEU D 1 10 ? 12.70948  4.26235   -1.25426  1.000 35.64624 ? 10  LEU D CG   1 
ATOM   864  C CD1  . LEU D 1 10 ? 13.81422  4.24410   -0.21545  1.000 37.82024 ? 10  LEU D CD1  1 
ATOM   865  C CD2  . LEU D 1 10 ? 13.25777  4.39685   -2.65583  1.000 30.69062 ? 10  LEU D CD2  1 
ATOM   866  H H    . LEU D 1 10 ? 9.52970   3.29693   -0.61770  1.000 32.24130 ? 10  LEU D H    1 
ATOM   867  H HA   . LEU D 1 10 ? 10.84206  3.33781   -2.86128  1.000 36.58989 ? 10  LEU D HA   1 
ATOM   868  H HB2  . LEU D 1 10 ? 11.56891  2.94907   -0.23437  1.000 40.31688 ? 10  LEU D HB2  1 
ATOM   869  H HB3  . LEU D 1 10 ? 12.54180  2.25313   -1.28058  1.000 40.31688 ? 10  LEU D HB3  1 
ATOM   870  H HG   . LEU D 1 10 ? 12.15131  5.03814   -1.08846  1.000 42.78333 ? 10  LEU D HG   1 
ATOM   871  H HD11 . LEU D 1 10 ? 14.33292  5.06022   -0.29169  1.000 45.39212 ? 10  LEU D HD11 1 
ATOM   872  H HD12 . LEU D 1 10 ? 13.41661  4.18613   0.66742   1.000 45.39212 ? 10  LEU D HD12 1 
ATOM   873  H HD13 . LEU D 1 10 ? 14.38328  3.47455   -0.37312  1.000 45.39212 ? 10  LEU D HD13 1 
ATOM   874  H HD21 . LEU D 1 10 ? 14.01846  4.99854   -2.64097  1.000 36.83658 ? 10  LEU D HD21 1 
ATOM   875  H HD22 . LEU D 1 10 ? 13.53383  3.52243   -2.97220  1.000 36.83658 ? 10  LEU D HD22 1 
ATOM   876  H HD23 . LEU D 1 10 ? 12.56483  4.75388   -3.23311  1.000 36.83658 ? 10  LEU D HD23 1 
HETATM 877  N N    . AIB D 1 11 ? 10.30692  0.38952   -1.70155  1.000 28.01400 ? 11  AIB D N    1 
HETATM 878  C CA   . AIB D 1 11 ? 10.26922  -0.99289  -2.07004  1.000 31.56165 ? 11  AIB D CA   1 
HETATM 879  C C    . AIB D 1 11 ? 9.56044   -1.25876  -3.39662  1.000 34.20676 ? 11  AIB D C    1 
HETATM 880  O O    . AIB D 1 11 ? 9.84340   -2.18443  -4.16321  1.000 38.73084 ? 11  AIB D O    1 
HETATM 881  C CB1  . AIB D 1 11 ? 11.68084  -1.58258  -2.26628  1.000 33.03559 ? 11  AIB D CB1  1 
HETATM 882  C CB2  . AIB D 1 11 ? 9.56163   -1.79424  -0.98564  1.000 31.18267 ? 11  AIB D CB2  1 
HETATM 883  H H    . AIB D 1 11 ? 10.30341  0.49562   -0.70620  1.000 33.62464 ? 11  AIB D H    1 
HETATM 884  H HB11 . AIB D 1 11 ? 11.61947  -2.69551  -2.32173  1.000 39.65054 ? 11  AIB D HB11 1 
HETATM 885  H HB12 . AIB D 1 11 ? 12.12397  -1.19125  -3.21284  1.000 39.65054 ? 11  AIB D HB12 1 
HETATM 886  H HB13 . AIB D 1 11 ? 12.33252  -1.29267  -1.40795  1.000 39.65054 ? 11  AIB D HB13 1 
HETATM 887  H HB21 . AIB D 1 11 ? 9.57350   -2.87571  -1.26486  1.000 37.42704 ? 11  AIB D HB21 1 
HETATM 888  H HB22 . AIB D 1 11 ? 10.09566  -1.64649  -0.01576  1.000 37.42704 ? 11  AIB D HB22 1 
HETATM 889  H HB23 . AIB D 1 11 ? 8.50721   -1.43639  -0.89701  1.000 37.42704 ? 11  AIB D HB23 1 
ATOM   890  N N    . GLN D 1 12 ? 8.59192   -0.39253  -3.66967  1.000 37.51222 ? 12  GLN D N    1 
ATOM   891  C CA   . GLN D 1 12 ? 7.75427   -0.57060  -4.83159  1.000 34.85965 ? 12  GLN D CA   1 
ATOM   892  C C    . GLN D 1 12 ? 8.26303   0.23524   -6.00219  1.000 33.99367 ? 12  GLN D C    1 
ATOM   893  O O    . GLN D 1 12 ? 8.22985   -0.22193  -7.13504  1.000 36.71476 ? 12  GLN D O    1 
ATOM   894  C CB   . GLN D 1 12 ? 6.34530   -0.15134  -4.49403  1.000 43.15515 ? 12  GLN D CB   1 
ATOM   895  C CG   . GLN D 1 12 ? 5.36233   -1.11126  -4.98173  1.000 53.96695 ? 12  GLN D CG   1 
ATOM   896  C CD   . GLN D 1 12 ? 4.16077   -1.12543  -4.09335  1.000 63.92078 ? 12  GLN D CD   1 
ATOM   897  O OE1  . GLN D 1 12 ? 4.12552   -0.48458  -3.04459  1.000 67.22114 ? 12  GLN D OE1  1 
ATOM   898  N NE2  . GLN D 1 12 ? 3.20644   -1.93579  -4.45425  1.000 68.95553 ? 12  GLN D NE2  1 
ATOM   899  H H    . GLN D 1 12 ? 8.40621   0.30067   -3.19577  1.000 45.02250 ? 12  GLN D H    1 
ATOM   900  H HA   . GLN D 1 12 ? 7.75616   -1.50399  -5.09559  1.000 41.83941 ? 12  GLN D HA   1 
ATOM   901  H HB2  . GLN D 1 12 ? 6.25408   -0.08528  -3.53060  1.000 51.79401 ? 12  GLN D HB2  1 
ATOM   902  H HB3  . GLN D 1 12 ? 6.16100   0.70802   -4.90444  1.000 51.79401 ? 12  GLN D HB3  1 
ATOM   903  H HG2  . GLN D 1 12 ? 5.08265   -0.86352  -5.87688  1.000 64.76817 ? 12  GLN D HG2  1 
ATOM   904  H HG3  . GLN D 1 12 ? 5.75192   -1.99955  -4.98980  1.000 64.76817 ? 12  GLN D HG3  1 
ATOM   905  H HE21 . GLN D 1 12 ? 3.29492   -2.41612  -5.16210  1.000 82.75447 ? 12  GLN D HE21 1 
ATOM   906  H HE22 . GLN D 1 12 ? 2.48807   -1.99034  -3.98460  1.000 82.75447 ? 12  GLN D HE22 1 
HETATM 907  N N    . AIB D 1 13 ? 8.71624   1.44986   -5.72359  1.000 30.53274 ? 13  AIB D N    1 
HETATM 908  C CA   . AIB D 1 13 ? 9.37048   2.28257   -6.70970  1.000 34.59335 ? 13  AIB D CA   1 
HETATM 909  C C    . AIB D 1 13 ? 10.38972  1.53150   -7.58743  1.000 30.52204 ? 13  AIB D C    1 
HETATM 910  O O    . AIB D 1 13 ? 10.42330  1.66644   -8.81806  1.000 31.59055 ? 13  AIB D O    1 
HETATM 911  C CB1  . AIB D 1 13 ? 8.34568   2.85996   -7.69498  1.000 38.90721 ? 13  AIB D CB1  1 
HETATM 912  C CB2  . AIB D 1 13 ? 10.12684  3.47809   -6.10318  1.000 34.79367 ? 13  AIB D CB2  1 
HETATM 913  H H    . AIB D 1 13 ? 8.36639   2.02013   -4.97901  1.000 36.64712 ? 13  AIB D H    1 
HETATM 914  H HB11 . AIB D 1 13 ? 7.60716   3.48962   -7.14401  1.000 46.69649 ? 13  AIB D HB11 1 
HETATM 915  H HB12 . AIB D 1 13 ? 8.86758   3.48696   -8.45653  1.000 46.69649 ? 13  AIB D HB12 1 
HETATM 916  H HB13 . AIB D 1 13 ? 7.80816   2.02820   -8.20948  1.000 46.69649 ? 13  AIB D HB13 1 
HETATM 917  H HB21 . AIB D 1 13 ? 9.49469   4.39438   -6.19527  1.000 41.76024 ? 13  AIB D HB21 1 
HETATM 918  H HB22 . AIB D 1 13 ? 10.33715  3.26838   -5.02639  1.000 41.76024 ? 13  AIB D HB22 1 
HETATM 919  H HB23 . AIB D 1 13 ? 11.08641  3.62145   -6.65669  1.000 41.76024 ? 13  AIB D HB23 1 
ATOM   920  N N    . LEU D 1 14 ? 11.22342  0.72897   -6.92950  1.000 28.32196 ? 14  LEU D N    1 
ATOM   921  C CA   . LEU D 1 14 ? 12.28637  -0.03668  -7.59660  1.000 31.59846 ? 14  LEU D CA   1 
ATOM   922  C C    . LEU D 1 14 ? 12.20612  -1.54476  -7.37405  1.000 32.29867 ? 14  LEU D C    1 
ATOM   923  O O    . LEU D 1 14 ? 13.03526  -2.31516  -7.85592  1.000 34.85150 ? 14  LEU D O    1 
ATOM   924  C CB   . LEU D 1 14 ? 13.64970  0.43555   -7.11252  1.000 35.16737 ? 14  LEU D CB   1 
ATOM   925  C CG   . LEU D 1 14 ? 13.84249  1.93804   -7.15732  1.000 37.43603 ? 14  LEU D CG   1 
ATOM   926  C CD1  . LEU D 1 14 ? 15.20634  2.32122   -6.62523  1.000 36.50964 ? 14  LEU D CD1  1 
ATOM   927  C CD2  . LEU D 1 14 ? 13.67819  2.38683   -8.57736  1.000 43.08665 ? 14  LEU D CD2  1 
ATOM   928  H H    . LEU D 1 14 ? 11.19752  0.60494   -6.07888  1.000 33.99419 ? 14  LEU D H    1 
ATOM   929  H HA   . LEU D 1 14 ? 12.17986  0.11851   -8.54816  1.000 37.92599 ? 14  LEU D HA   1 
ATOM   930  H HB2  . LEU D 1 14 ? 13.76632  0.15118   -6.19250  1.000 42.20868 ? 14  LEU D HB2  1 
ATOM   931  H HB3  . LEU D 1 14 ? 14.33238  0.03441   -7.67282  1.000 42.20868 ? 14  LEU D HB3  1 
ATOM   932  H HG   . LEU D 1 14 ? 13.18665  2.38193   -6.59719  1.000 44.93108 ? 14  LEU D HG   1 
ATOM   933  H HD11 . LEU D 1 14 ? 15.27431  3.28845   -6.59786  1.000 43.81941 ? 14  LEU D HD11 1 
ATOM   934  H HD12 . LEU D 1 14 ? 15.31076  1.95689   -5.73234  1.000 43.81941 ? 14  LEU D HD12 1 
ATOM   935  H HD13 . LEU D 1 14 ? 15.88780  1.95822   -7.21238  1.000 43.81941 ? 14  LEU D HD13 1 
ATOM   936  H HD21 . LEU D 1 14 ? 14.26748  3.13977   -8.74080  1.000 51.71181 ? 14  LEU D HD21 1 
ATOM   937  H HD22 . LEU D 1 14 ? 13.90723  1.65304   -9.16897  1.000 51.71181 ? 14  LEU D HD22 1 
ATOM   938  H HD23 . LEU D 1 14 ? 12.75599  2.65144   -8.72025  1.000 51.71181 ? 14  LEU D HD23 1 
HETATM 939  C C11  . I77 D 1 15 ? 8.94205   -5.46630  -8.20310  1.000 47.72939 ? 15  I77 D C11  1 
HETATM 940  C C12  . I77 D 1 15 ? 9.51841   -4.82089  -9.26343  1.000 45.75534 ? 15  I77 D C12  1 
HETATM 941  C C13  . I77 D 1 15 ? 10.19419  -3.49866  -9.04159  1.000 33.72012 ? 15  I77 D C13  1 
HETATM 942  C C17  . I77 D 1 15 ? 9.43131   -5.31855  -10.55068 1.000 46.96610 ? 15  I77 D C17  1 
HETATM 943  C C18  . I77 D 1 15 ? 8.77891   -6.50494  -10.72973 1.000 46.16337 ? 15  I77 D C18  1 
HETATM 944  C C02  . I77 D 1 15 ? 5.14715   -11.90046 -10.18554 1.000 60.46242 ? 15  I77 D C02  1 
HETATM 945  C C03  . I77 D 1 15 ? 5.98442   -10.63477 -9.96593  1.000 50.76414 ? 15  I77 D C03  1 
HETATM 946  C C04  . I77 D 1 15 ? 6.08493   -10.05126 -8.70598  1.000 53.45893 ? 15  I77 D C04  1 
HETATM 947  C C05  . I77 D 1 15 ? 6.83938   -8.89657  -8.61309  1.000 49.38746 ? 15  I77 D C05  1 
HETATM 948  C C06  . I77 D 1 15 ? 6.61257   -10.07695 -11.06603 1.000 50.10599 ? 15  I77 D C06  1 
HETATM 949  C C08  . I77 D 1 15 ? 7.45987   -8.40738  -9.74709  1.000 45.75028 ? 15  I77 D C08  1 
HETATM 950  C C09  . I77 D 1 15 ? 8.23865   -7.13347  -9.61957  1.000 43.79747 ? 15  I77 D C09  1 
HETATM 951  N N01  . I77 D 1 15 ? 5.13052   -12.49846 -11.51193 1.000 60.65986 ? 15  I77 D N01  1 
HETATM 952  N N07  . I77 D 1 15 ? 7.31341   -8.97642  -10.92437 1.000 49.11631 ? 15  I77 D N07  1 
HETATM 953  N N10  . I77 D 1 15 ? 8.30885   -6.59256  -8.41717  1.000 49.02945 ? 15  I77 D N10  1 
HETATM 954  N N14  . I77 D 1 15 ? 10.21666  -2.95051  -7.69599  1.000 33.04866 ? 15  I77 D N14  1 
HETATM 955  N N15  . I77 D 1 15 ? 10.79277  -1.68248  -7.47023  1.000 33.80663 ? 15  I77 D N15  1 
HETATM 956  O O16  . I77 D 1 15 ? 10.61264  -2.90343  -9.96379  1.000 36.20681 ? 15  I77 D O16  1 
HETATM 957  O O19  . I77 D 1 15 ? 4.48982   -12.35038 -9.31019  1.000 62.56005 ? 15  I77 D O19  1 
HETATM 958  H H111 . I77 D 1 15 ? 9.00813   -5.05447  -7.20799  1.000 57.28310 ? 15  I77 D H111 1 
HETATM 959  H H171 . I77 D 1 15 ? 9.86822   -4.78253  -11.39324 1.000 56.36715 ? 15  I77 D H171 1 
HETATM 960  H H181 . I77 D 1 15 ? 8.68568   -6.94582  -11.72002 1.000 55.40388 ? 15  I77 D H181 1 
HETATM 961  H H041 . I77 D 1 15 ? 5.59984   -10.47755 -7.84782  1.000 64.15855 ? 15  I77 D H041 1 
HETATM 962  H H051 . I77 D 1 15 ? 6.94284   -8.38259  -7.66546  1.000 59.27279 ? 15  I77 D H051 1 
HETATM 963  H H061 . I77 D 1 15 ? 6.52636   -10.54523 -12.03651 1.000 60.13502 ? 15  I77 D H061 1 
HETATM 964  H H011 . I77 D 1 15 ? 5.67796   -12.11197 -12.24985 1.000 72.79967 ? 15  I77 D H011 1 
HETATM 965  H H012 . I77 D 1 15 ? 4.58709   -13.32813 -11.67473 1.000 72.79967 ? 15  I77 D H012 1 
HETATM 966  H H141 . I77 D 1 15 ? 9.82406   -3.47155  -6.93021  1.000 39.66623 ? 15  I77 D H141 1 
HETATM 967  H H1   . I77 D 1 15 ? 10.68353  -1.47654  -6.48626  1.000 40.57580 ? 15  I77 D H1   1 
HETATM 968  C C1   . 5Z8 E 2 .  ? -2.81790  -0.75511  -1.59986  1.000 48.71370 ? 101 5Z8 A C1   1 
HETATM 969  C C2   . 5Z8 E 2 .  ? -3.85461  -1.51544  -2.10185  1.000 46.60023 ? 101 5Z8 A C2   1 
HETATM 970  O O3   . 5Z8 E 2 .  ? -0.87264  2.11414   -2.06747  1.000 57.20421 ? 101 5Z8 A O3   1 
HETATM 971  C C4   . 5Z8 E 2 .  ? -3.87778  -0.16317  -4.12060  1.000 44.97637 ? 101 5Z8 A C4   1 
HETATM 972  C C5   . 5Z8 E 2 .  ? -2.82474  0.59975   -3.61242  1.000 50.55864 ? 101 5Z8 A C5   1 
HETATM 973  C C6   . 5Z8 E 2 .  ? -2.29093  0.31798   -2.35188  1.000 52.92208 ? 101 5Z8 A C6   1 
HETATM 974  N N1   . 5Z8 E 2 .  ? -4.15442  -2.45613  -1.18376  1.000 46.81081 ? 101 5Z8 A N1   1 
HETATM 975  O O1   . 5Z8 E 2 .  ? -3.33184  -2.29831  -0.12374  1.000 44.17636 ? 101 5Z8 A O1   1 
HETATM 976  N N2   . 5Z8 E 2 .  ? -2.50728  -1.23982  -0.38502  1.000 46.10289 ? 101 5Z8 A N2   1 
HETATM 977  N N3   . 5Z8 E 2 .  ? -1.18594  1.03335   -1.70553  1.000 56.40669 ? 101 5Z8 A N3   1 
HETATM 978  O O2   . 5Z8 E 2 .  ? -0.45725  0.42637   -0.66887  1.000 56.67517 ? 101 5Z8 A O2   1 
HETATM 979  C C3   . 5Z8 E 2 .  ? -4.39402  -1.22526  -3.37744  1.000 39.26273 ? 101 5Z8 A C3   1 
HETATM 980  H H4   . 5Z8 E 2 .  ? -4.29442  0.06966   -5.09276  1.000 53.97948 ? 101 5Z8 A H4   1 
HETATM 981  H H5   . 5Z8 E 2 .  ? -2.41900  1.41498   -4.19865  1.000 60.67820 ? 101 5Z8 A H5   1 
HETATM 982  C C1   . 5Z8 F 2 .  ? 1.83193   1.64342   1.42965   1.000 41.95227 ? 101 5Z8 B C1   1 
HETATM 983  C C2   . 5Z8 F 2 .  ? 1.26735   2.91459   1.45551   1.000 37.30974 ? 101 5Z8 B C2   1 
HETATM 984  O O3   . 5Z8 F 2 .  ? 2.52193   -1.14621  3.43698   1.000 45.83964 ? 101 5Z8 B O3   1 
HETATM 985  C C4   . 5Z8 F 2 .  ? 0.70167   2.65172   3.80443   1.000 36.84117 ? 101 5Z8 B C4   1 
HETATM 986  C C5   . 5Z8 F 2 .  ? 1.26272   1.37368   3.77675   1.000 38.72830 ? 101 5Z8 B C5   1 
HETATM 987  C C6   . 5Z8 F 2 .  ? 1.82594   0.85756   2.60813   1.000 41.41288 ? 101 5Z8 B C6   1 
HETATM 988  N N1   . 5Z8 F 2 .  ? 1.40987   3.43518   0.21870   1.000 38.29140 ? 101 5Z8 B N1   1 
HETATM 989  O O1   . 5Z8 F 2 .  ? 2.05392   2.51640   -0.57592  1.000 38.60995 ? 101 5Z8 B O1   1 
HETATM 990  N N2   . 5Z8 F 2 .  ? 2.30506   1.40829   0.18377   1.000 41.02589 ? 101 5Z8 B N2   1 
HETATM 991  N N3   . 5Z8 F 2 .  ? 2.42802   -0.46358  2.49077   1.000 43.59991 ? 101 5Z8 B N3   1 
HETATM 992  O O2   . 5Z8 F 2 .  ? 2.88556   -0.95758  1.25651   1.000 41.80238 ? 101 5Z8 B O2   1 
HETATM 993  C C3   . 5Z8 F 2 .  ? 0.71410   3.43107   2.65446   1.000 32.81199 ? 101 5Z8 B C3   1 
HETATM 994  H H4   . 5Z8 F 2 .  ? 0.25958   3.03318   4.71653   1.000 44.21725 ? 101 5Z8 B H4   1 
HETATM 995  H H5   . 5Z8 F 2 .  ? 1.26105   0.77217   4.67734   1.000 46.48179 ? 101 5Z8 B H5   1 
HETATM 996  N N    . CCN G 3 .  ? -3.39614  6.30208   -13.20772 1.000 43.39716 ? 102 CCN B N    1 
HETATM 997  C C1   . CCN G 3 .  ? -3.30080  6.03132   -14.32166 1.000 41.03657 ? 102 CCN B C1   1 
HETATM 998  C C2   . CCN G 3 .  ? -3.18508  5.72984   -15.73117 1.000 41.45498 ? 102 CCN B C2   1 
HETATM 999  H H21  . CCN G 3 .  ? -3.40893  4.79966   -15.89111 1.000 49.75381 ? 102 CCN B H21  1 
HETATM 1000 H H22  . CCN G 3 .  ? -3.78963  6.29116   -16.24139 1.000 49.75381 ? 102 CCN B H22  1 
HETATM 1001 H H23  . CCN G 3 .  ? -2.27699  5.89107   -16.03162 1.000 49.75381 ? 102 CCN B H23  1 
HETATM 1002 N N    . CCN H 3 .  ? 11.04910  1.81428   8.51592   1.000 40.89970 ? 101 CCN D N    1 
HETATM 1003 C C1   . CCN H 3 .  ? 11.72660  2.48277   7.87031   1.000 48.36103 ? 101 CCN D C1   1 
HETATM 1004 C C2   . CCN H 3 .  ? 12.62637  3.26642   7.04512   1.000 56.14084 ? 101 CCN D C2   1 
HETATM 1005 H H21  . CCN H 3 .  ? 12.47657  4.21269   7.19689   1.000 67.37685 ? 101 CCN D H21  1 
HETATM 1006 H H22  . CCN H 3 .  ? 13.54719  3.05450   7.26437   1.000 67.37685 ? 101 CCN D H22  1 
HETATM 1007 H H23  . CCN H 3 .  ? 12.47293  3.06994   6.10770   1.000 67.37685 ? 101 CCN D H23  1 
HETATM 1008 O O    . HOH I 4 .  ? -8.73842  -0.30224  13.29684  1.000 36.13326 ? 201 HOH A O    1 
HETATM 1009 O O    . HOH I 4 .  ? -8.29253  0.02236   -7.14254  1.000 43.36570 ? 202 HOH A O    1 
HETATM 1010 O O    . HOH J 4 .  ? 3.28303   12.45272  6.89638   1.000 34.98576 ? 201 HOH B O    1 
HETATM 1011 O O    . HOH J 4 .  ? -7.42153  3.88269   -7.62687  1.000 41.62338 ? 202 HOH B O    1 
HETATM 1012 O O    . HOH J 4 .  ? -4.62366  -0.55966  -18.19059 1.000 43.44729 ? 203 HOH B O    1 
HETATM 1013 O O    . HOH K 4 .  ? 3.23003   -10.52538 -5.56860  1.000 47.02930 ? 101 HOH C O    1 
HETATM 1014 O O    . HOH K 4 .  ? -1.17934  -3.87100  12.42421  1.000 31.02737 ? 102 HOH C O    1 
HETATM 1015 O O    . HOH K 4 .  ? 5.81499   -5.76712  -4.92075  1.000 62.28639 ? 103 HOH C O    1 
HETATM 1016 O O    . HOH L 4 .  ? 2.34562   -14.43228 -8.60029  1.000 48.73477 ? 201 HOH D O    1 
# 
loop_
_atom_site_anisotrop.id 
_atom_site_anisotrop.type_symbol 
_atom_site_anisotrop.pdbx_label_atom_id 
_atom_site_anisotrop.pdbx_label_alt_id 
_atom_site_anisotrop.pdbx_label_comp_id 
_atom_site_anisotrop.pdbx_label_asym_id 
_atom_site_anisotrop.pdbx_label_seq_id 
_atom_site_anisotrop.pdbx_PDB_ins_code 
_atom_site_anisotrop.U[1][1] 
_atom_site_anisotrop.U[2][2] 
_atom_site_anisotrop.U[3][3] 
_atom_site_anisotrop.U[1][2] 
_atom_site_anisotrop.U[1][3] 
_atom_site_anisotrop.U[2][3] 
_atom_site_anisotrop.pdbx_auth_seq_id 
_atom_site_anisotrop.pdbx_auth_comp_id 
_atom_site_anisotrop.pdbx_auth_asym_id 
_atom_site_anisotrop.pdbx_auth_atom_id 
1    O O1  . Z7Z A 1  ? 0.50166 0.39385 0.52779 0.09232  -0.01290 -0.15374 1   Z7Z A O1  
2    C C1  . Z7Z A 1  ? 0.38494 0.40804 0.44443 0.13399  0.07061  -0.16444 1   Z7Z A C1  
3    C C2  . Z7Z A 1  ? 0.35436 0.34834 0.38861 0.20326  -0.02610 -0.04807 1   Z7Z A C2  
4    C C3  . Z7Z A 1  ? 0.38989 0.40037 0.46673 0.22958  -0.03191 -0.02770 1   Z7Z A C3  
5    C C4  . Z7Z A 1  ? 0.39198 0.41529 0.44003 0.23020  -0.04895 0.01708  1   Z7Z A C4  
6    C C5  . Z7Z A 1  ? 0.44556 0.34637 0.42557 0.22462  -0.03511 -0.02121 1   Z7Z A C5  
7    C C6  . Z7Z A 1  ? 0.42513 0.41672 0.38745 0.22998  -0.06128 0.03429  1   Z7Z A C6  
8    C C7  . Z7Z A 1  ? 0.37403 0.42442 0.42825 0.22396  -0.05700 0.02151  1   Z7Z A C7  
9    C C8  . Z7Z A 1  ? 0.48479 0.47324 0.49877 0.19893  -0.06412 -0.00881 1   Z7Z A C8  
10   C C9  . Z7Z A 1  ? 0.46398 0.52261 0.47142 0.16552  -0.08776 -0.01833 1   Z7Z A C9  
11   C C10 . Z7Z A 1  ? 0.46192 0.43278 0.55060 0.25932  0.00395  -0.02361 1   Z7Z A C10 
12   C C11 . Z7Z A 1  ? 0.40119 0.55535 0.52456 0.15713  -0.02747 -0.04192 1   Z7Z A C11 
13   C C12 . Z7Z A 1  ? 0.38651 0.46726 0.59543 0.24781  0.00607  -0.01329 1   Z7Z A C12 
14   C C13 . Z7Z A 1  ? 0.33598 0.50297 0.56654 0.21255  0.00573  -0.06614 1   Z7Z A C13 
24   N N   . ALA A 2  ? 0.28630 0.51208 0.40532 0.07256  0.01531  -0.15229 2   ALA A N   
25   C CA  . ALA A 2  ? 0.35120 0.55856 0.38724 0.00425  0.04673  -0.16144 2   ALA A CA  
26   C C   . ALA A 2  ? 0.31627 0.60393 0.29090 -0.01486 0.08735  -0.16205 2   ALA A C   
27   O O   . ALA A 2  ? 0.37704 0.61058 0.31588 -0.03260 0.07129  -0.18810 2   ALA A O   
28   C CB  . ALA A 2  ? 0.39544 0.54144 0.52643 -0.01806 0.07518  -0.17140 2   ALA A CB  
34   N N   . AIB A 3  ? 0.30234 0.60220 0.20766 -0.01246 0.03505  -0.12056 3   AIB A N   
35   C CA  . AIB A 3  ? 0.29952 0.58359 0.27209 0.02294  0.02535  -0.08622 3   AIB A CA  
36   C C   . AIB A 3  ? 0.38343 0.50121 0.23366 0.08161  0.06425  -0.07633 3   AIB A C   
37   O O   . AIB A 3  ? 0.30785 0.52507 0.25468 0.10293  0.05439  -0.06276 3   AIB A O   
38   C CB1 . AIB A 3  ? 0.28627 0.63998 0.19116 0.03910  -0.04233 -0.05490 3   AIB A CB1 
39   C CB2 . AIB A 3  ? 0.31615 0.49721 0.35424 0.07111  0.05819  -0.12539 3   AIB A CB2 
47   N N   . DAB A 4  ? 0.30771 0.42690 0.21180 0.14754  0.03466  -0.02580 4   DAB A N   
48   C CA  . DAB A 4  ? 0.20421 0.46910 0.28370 0.08450  0.05953  -0.07160 4   DAB A CA  
49   C C   . DAB A 4  ? 0.26515 0.47401 0.35504 0.09020  0.03511  -0.00438 4   DAB A C   
50   O O   . DAB A 4  ? 0.36345 0.47112 0.25622 0.11081  0.00773  -0.00371 4   DAB A O   
51   C CB  . DAB A 4  ? 0.24800 0.50589 0.34270 0.10643  -0.00057 -0.05132 4   DAB A CB  
52   C CG  . DAB A 4  ? 0.31562 0.47661 0.30049 0.04344  -0.16942 0.03727  4   DAB A CG  
53   N ND  . DAB A 4  ? 0.34904 0.59712 0.36264 0.00577  -0.19905 -0.00189 4   DAB A ND  
60   N N   . AIB A 5  ? 0.30020 0.42930 0.39770 0.13880  0.01210  0.05383  5   AIB A N   
61   C CA  . AIB A 5  ? 0.28917 0.43037 0.44055 0.16414  0.05050  0.02033  5   AIB A CA  
62   C C   . AIB A 5  ? 0.27585 0.46290 0.44005 0.15269  0.05173  -0.03315 5   AIB A C   
63   O O   . AIB A 5  ? 0.37756 0.40983 0.52872 0.17076  0.14002  -0.06455 5   AIB A O   
64   C CB1 . AIB A 5  ? 0.38213 0.42321 0.52656 0.10309  0.10463  0.00386  5   AIB A CB1 
65   C CB2 . AIB A 5  ? 0.22764 0.45073 0.45793 0.14731  0.07354  0.00314  5   AIB A CB2 
73   N N   . LEU A 6  ? 0.21099 0.50836 0.34145 0.11230  -0.07641 0.00584  6   LEU A N   
74   C CA  . LEU A 6  ? 0.26626 0.47984 0.32340 0.12428  -0.11207 0.00899  6   LEU A CA  
75   C C   . LEU A 6  ? 0.24595 0.42081 0.36404 0.12633  0.01842  -0.12704 6   LEU A C   
76   O O   . LEU A 6  ? 0.25013 0.52930 0.42727 0.00486  0.09082  -0.11445 6   LEU A O   
77   C CB  . LEU A 6  ? 0.31753 0.57658 0.31719 0.13041  -0.06283 -0.03266 6   LEU A CB  
78   C CG  . LEU A 6  ? 0.26253 0.58697 0.40050 0.17876  0.00649  -0.05117 6   LEU A CG  
79   C CD1 . LEU A 6  ? 0.36261 0.61008 0.45691 0.16550  0.09922  -0.08944 6   LEU A CD1 
80   C CD2 . LEU A 6  ? 0.43575 0.61639 0.41346 0.11196  -0.01711 -0.05255 6   LEU A CD2 
92   N N   . AIB A 7  ? 0.29425 0.45098 0.36437 0.12139  0.00567  -0.12813 7   AIB A N   
93   C CA  . AIB A 7  ? 0.27275 0.45887 0.29777 0.17821  -0.00690 -0.06261 7   AIB A CA  
94   C C   . AIB A 7  ? 0.25130 0.56392 0.34777 0.10744  -0.10712 0.00024  7   AIB A C   
95   O O   . AIB A 7  ? 0.20666 0.58608 0.38926 0.06656  -0.08768 0.05249  7   AIB A O   
96   C CB1 . AIB A 7  ? 0.24877 0.44206 0.34467 0.12739  -0.10724 0.02091  7   AIB A CB1 
97   C CB2 . AIB A 7  ? 0.29851 0.47479 0.19271 0.19013  0.00649  -0.04046 7   AIB A CB2 
105  N N   . ALA A 8  ? 0.20326 0.49605 0.36839 0.12704  -0.05317 -0.08554 8   ALA A N   
106  C CA  . ALA A 8  ? 0.29375 0.47357 0.36588 0.15312  -0.07063 -0.05390 8   ALA A CA  
107  C C   . ALA A 8  ? 0.30879 0.42018 0.24373 0.19828  -0.03173 -0.00587 8   ALA A C   
108  O O   . ALA A 8  ? 0.52835 0.35269 0.32116 0.16433  0.00384  -0.00313 8   ALA A O   
109  C CB  . ALA A 8  ? 0.37527 0.43341 0.39142 0.18337  -0.03603 -0.07589 8   ALA A CB  
115  N N   . AIB A 9  ? 0.27425 0.50876 0.25029 0.15741  -0.00795 -0.02093 9   AIB A N   
116  C CA  . AIB A 9  ? 0.27608 0.52687 0.33035 0.12309  0.02011  -0.01736 9   AIB A CA  
117  C C   . AIB A 9  ? 0.23238 0.56364 0.29668 0.05960  -0.00328 -0.01070 9   AIB A C   
118  O O   . AIB A 9  ? 0.31030 0.57059 0.37941 0.02522  -0.00526 -0.00768 9   AIB A O   
119  C CB1 . AIB A 9  ? 0.40207 0.45075 0.30799 0.17990  -0.03250 0.05946  9   AIB A CB1 
120  C CB2 . AIB A 9  ? 0.25042 0.56558 0.36630 0.12266  -0.03315 -0.00740 9   AIB A CB2 
128  N N   . LEU A 10 ? 0.19659 0.56160 0.29201 0.03681  -0.06825 0.00836  10  LEU A N   
129  C CA  . LEU A 10 ? 0.31808 0.51598 0.35375 0.05461  -0.04418 0.01115  10  LEU A CA  
130  C C   . LEU A 10 ? 0.31097 0.44215 0.27208 0.09721  -0.00184 0.00835  10  LEU A C   
131  O O   . LEU A 10 ? 0.28407 0.39106 0.36087 0.10664  0.08363  -0.06984 10  LEU A O   
132  C CB  . LEU A 10 ? 0.23301 0.50547 0.38693 0.14812  -0.01791 0.08039  10  LEU A CB  
133  C CG  . LEU A 10 ? 0.34946 0.54176 0.38588 0.16489  0.09505  0.13729  10  LEU A CG  
134  C CD1 . LEU A 10 ? 0.37240 0.51983 0.44447 0.17145  0.12869  0.14134  10  LEU A CD1 
135  C CD2 . LEU A 10 ? 0.61533 0.55392 0.40115 0.08471  0.04498  0.17690  10  LEU A CD2 
147  N N   . AIB A 11 ? 0.21034 0.37840 0.37946 0.14768  -0.00998 -0.01498 11  AIB A N   
148  C CA  . AIB A 11 ? 0.19305 0.40263 0.37971 0.13588  -0.00860 0.01606  11  AIB A CA  
149  C C   . AIB A 11 ? 0.23918 0.49484 0.41499 0.04977  0.01823  0.03712  11  AIB A C   
150  O O   . AIB A 11 ? 0.28646 0.49759 0.44436 0.03325  0.01626  0.04037  11  AIB A O   
151  C CB1 . AIB A 11 ? 0.23318 0.45460 0.46812 0.12509  0.08385  -0.01751 11  AIB A CB1 
152  C CB2 . AIB A 11 ? 0.23606 0.39963 0.28351 0.11544  -0.08921 0.03341  11  AIB A CB2 
160  N N   A GLN A 12 ? 0.26118 0.48383 0.39029 0.04331  -0.01465 0.02723  12  GLN A N   
161  N N   B GLN A 12 ? 0.21780 0.49399 0.44062 0.03780  -0.04479 0.06761  12  GLN A N   
162  C CA  A GLN A 12 ? 0.28729 0.46629 0.37102 0.05841  0.01898  -0.01250 12  GLN A CA  
163  C CA  B GLN A 12 ? 0.21861 0.46740 0.45889 0.09260  0.01780  0.05424  12  GLN A CA  
164  C C   A GLN A 12 ? 0.34414 0.41386 0.41180 0.07122  0.04279  -0.06351 12  GLN A C   
165  C C   B GLN A 12 ? 0.32443 0.36989 0.45768 0.12739  0.03828  -0.03115 12  GLN A C   
166  O O   A GLN A 12 ? 0.31972 0.41265 0.43853 0.05517  0.03697  -0.09715 12  GLN A O   
167  O O   B GLN A 12 ? 0.28506 0.32383 0.50381 0.14100  0.04604  -0.08005 12  GLN A O   
168  C CB  A GLN A 12 ? 0.34220 0.49259 0.32971 0.04611  0.01018  0.00356  12  GLN A CB  
169  C CB  B GLN A 12 ? 0.23511 0.50960 0.55079 0.10471  0.03172  0.12732  12  GLN A CB  
170  C CG  A GLN A 12 ? 0.40503 0.54106 0.31012 0.01143  -0.00887 0.02139  12  GLN A CG  
171  C CG  B GLN A 12 ? 0.33060 0.64481 0.63099 0.01650  0.05221  0.19342  12  GLN A CG  
172  C CD  A GLN A 12 ? 0.42617 0.56382 0.23040 0.00786  -0.02187 0.04518  12  GLN A CD  
173  C CD  B GLN A 12 ? 0.31031 0.69095 0.67474 0.01989  0.03327  0.29933  12  GLN A CD  
174  O OE1 A GLN A 12 ? 0.52390 0.59032 0.28298 -0.02455 -0.00619 0.05372  12  GLN A OE1 
175  O OE1 B GLN A 12 ? 0.31799 0.69302 0.71459 0.00392  0.05121  0.30382  12  GLN A OE1 
176  N NE2 A GLN A 12 ? 0.37211 0.53315 0.23225 0.06009  0.10386  -0.02583 12  GLN A NE2 
177  N NE2 B GLN A 12 ? 0.39020 0.76290 0.70769 -0.03985 0.13160  0.28389  12  GLN A NE2 
194  N N   . AIB A 13 ? 0.40037 0.37457 0.42107 0.09315  0.08991  -0.09241 13  AIB A N   
195  C CA  . AIB A 13 ? 0.38255 0.40335 0.37920 0.12263  0.16062  -0.05791 13  AIB A CA  
196  C C   . AIB A 13 ? 0.22371 0.49818 0.39440 0.08699  0.07978  -0.07876 13  AIB A C   
197  O O   . AIB A 13 ? 0.21129 0.57158 0.38293 0.04550  -0.03022 -0.01381 13  AIB A O   
198  C CB1 . AIB A 13 ? 0.45436 0.42051 0.40342 0.08685  0.15390  -0.01892 13  AIB A CB1 
199  C CB2 . AIB A 13 ? 0.45092 0.39921 0.36717 0.11505  0.10398  0.03172  13  AIB A CB2 
207  N N   . LEU A 14 ? 0.16621 0.46433 0.38987 0.09124  0.02999  -0.05789 14  LEU A N   
208  C CA  . LEU A 14 ? 0.18422 0.52473 0.35235 0.07218  -0.07519 -0.01104 14  LEU A CA  
209  C C   . LEU A 14 ? 0.21405 0.62356 0.28729 0.01110  -0.04810 0.02698  14  LEU A C   
210  O O   . LEU A 14 ? 0.21830 0.69405 0.21584 -0.05141 -0.01037 -0.00871 14  LEU A O   
211  C CB  . LEU A 14 ? 0.32348 0.59258 0.39414 0.04449  -0.00487 -0.06942 14  LEU A CB  
212  C CG  . LEU A 14 ? 0.32735 0.62069 0.36645 0.05996  -0.04113 -0.04428 14  LEU A CG  
213  C CD1 . LEU A 14 ? 0.34758 0.60405 0.43257 0.06120  -0.09496 -0.05176 14  LEU A CD1 
214  C CD2 . LEU A 14 ? 0.37046 0.65284 0.52650 0.01867  -0.03836 -0.03789 14  LEU A CD2 
226  C C11 . I77 A 15 ? 0.19196 0.45116 0.43888 0.07932  -0.10939 0.03774  15  I77 A C11 
227  C C12 . I77 A 15 ? 0.22988 0.41608 0.36125 0.08031  -0.10773 0.08468  15  I77 A C12 
228  C C13 . I77 A 15 ? 0.25104 0.42717 0.31578 0.08472  -0.06439 0.08751  15  I77 A C13 
229  C C17 . I77 A 15 ? 0.26149 0.43710 0.29831 0.05837  -0.12845 0.07338  15  I77 A C17 
230  C C18 . I77 A 15 ? 0.32571 0.45691 0.41198 0.06245  -0.11385 0.07589  15  I77 A C18 
231  C C02 . I77 A 15 ? 0.52179 0.44715 0.98246 -0.00630 -0.10112 -0.21900 15  I77 A C02 
232  C C03 . I77 A 15 ? 0.49080 0.34251 0.87069 0.09797  -0.18405 -0.11135 15  I77 A C03 
233  C C04 . I77 A 15 ? 0.49591 0.33824 0.82445 0.12656  -0.23467 -0.02554 15  I77 A C04 
234  C C05 . I77 A 15 ? 0.58886 0.36473 0.76821 0.06264  -0.20211 -0.00914 15  I77 A C05 
235  C C06 . I77 A 15 ? 0.55792 0.29379 0.80939 0.13195  -0.17765 -0.05464 15  I77 A C06 
236  C C08 . I77 A 15 ? 0.52345 0.34681 0.69565 0.09836  -0.18280 -0.00738 15  I77 A C08 
237  C C09 . I77 A 15 ? 0.33985 0.40930 0.54115 0.08680  -0.15133 0.02166  15  I77 A C09 
238  N N01 . I77 A 15 ? 0.50526 0.46132 0.95862 -0.01297 -0.15012 -0.23254 15  I77 A N01 
239  N N07 . I77 A 15 ? 0.57132 0.30210 0.78988 0.14477  -0.18011 -0.02498 15  I77 A N07 
240  N N10 . I77 A 15 ? 0.21352 0.44652 0.56635 0.07970  -0.11201 0.02641  15  I77 A N10 
241  N N14 . I77 A 15 ? 0.29044 0.46702 0.20014 0.04632  -0.01163 0.04478  15  I77 A N14 
242  N N15 . I77 A 15 ? 0.40015 0.55889 0.26747 -0.00650 -0.04472 0.06130  15  I77 A N15 
243  O O16 . I77 A 15 ? 0.33827 0.46393 0.30640 0.01869  0.03531  0.03283  15  I77 A O16 
244  O O19 . I77 A 15 ? 0.54693 0.48367 1.01220 -0.01320 0.01195  -0.26193 15  I77 A O19 
255  O O1  . Z7Z B 1  ? 0.22664 0.56726 0.27540 0.05893  -0.09158 -0.03892 1   Z7Z B O1  
256  C C1  . Z7Z B 1  ? 0.17124 0.46163 0.23244 0.11246  0.00859  -0.03168 1   Z7Z B C1  
257  C C2  . Z7Z B 1  ? 0.18619 0.49797 0.26293 0.10681  -0.03710 -0.01652 1   Z7Z B C2  
258  C C3  . Z7Z B 1  ? 0.30538 0.51311 0.36591 0.04917  -0.01929 -0.02271 1   Z7Z B C3  
259  C C4  . Z7Z B 1  ? 0.22984 0.49415 0.29381 0.02099  -0.12051 0.02964  1   Z7Z B C4  
260  C C5  . Z7Z B 1  ? 0.20926 0.39783 0.17612 0.14995  -0.00435 0.01225  1   Z7Z B C5  
261  C C6  . Z7Z B 1  ? 0.24387 0.41362 0.27181 0.14378  -0.00024 -0.00168 1   Z7Z B C6  
262  C C7  . Z7Z B 1  ? 0.18767 0.45859 0.25864 0.08388  -0.04414 0.02513  1   Z7Z B C7  
263  C C8  . Z7Z B 1  ? 0.18946 0.43863 0.35150 0.07366  -0.09361 0.03847  1   Z7Z B C8  
264  C C9  . Z7Z B 1  ? 0.19113 0.42963 0.41044 0.06072  -0.01046 -0.01519 1   Z7Z B C9  
265  C C10 . Z7Z B 1  ? 0.20258 0.52075 0.44757 0.05045  0.03796  0.03759  1   Z7Z B C10 
266  C C11 . Z7Z B 1  ? 0.30985 0.47888 0.24167 0.03521  0.00009  -0.01879 1   Z7Z B C11 
267  C C12 . Z7Z B 1  ? 0.20947 0.52470 0.42581 0.06969  0.05355  0.02260  1   Z7Z B C12 
268  C C13 . Z7Z B 1  ? 0.24119 0.43573 0.29629 0.06815  0.11813  -0.05530 1   Z7Z B C13 
278  N N   . ALA B 2  ? 0.21060 0.49609 0.36070 0.10048  0.04965  -0.06156 2   ALA B N   
279  C CA  . ALA B 2  ? 0.21089 0.41170 0.33881 0.14590  0.02687  -0.00164 2   ALA B CA  
280  C C   . ALA B 2  ? 0.16854 0.37865 0.40322 0.10149  -0.05363 -0.00425 2   ALA B C   
281  O O   . ALA B 2  ? 0.23136 0.43321 0.36643 0.03963  -0.01037 0.09883  2   ALA B O   
282  C CB  . ALA B 2  ? 0.31369 0.39519 0.39031 0.11509  -0.04242 0.00078  2   ALA B CB  
288  N N   . AIB B 3  ? 0.17665 0.38483 0.39762 0.09460  -0.07916 -0.00612 3   AIB B N   
289  C CA  . AIB B 3  ? 0.19645 0.34863 0.35302 0.13094  0.00111  0.04818  3   AIB B CA  
290  C C   . AIB B 3  ? 0.16319 0.40258 0.31324 0.07442  0.07048  0.03221  3   AIB B C   
291  O O   . AIB B 3  ? 0.24125 0.44443 0.28682 0.05729  0.11750  0.10297  3   AIB B O   
292  C CB1 . AIB B 3  ? 0.25683 0.38420 0.31207 0.14045  0.11010  0.06505  3   AIB B CB1 
293  C CB2 . AIB B 3  ? 0.16043 0.36798 0.35650 0.10787  -0.00148 0.04014  3   AIB B CB2 
301  N N   . DAB B 4  ? 0.22968 0.39274 0.35498 0.09604  -0.10646 0.06712  4   DAB B N   
302  C CA  . DAB B 4  ? 0.29869 0.46936 0.38945 0.10577  -0.02254 0.10219  4   DAB B CA  
303  C C   . DAB B 4  ? 0.24614 0.49312 0.37144 0.08263  0.00543  0.07256  4   DAB B C   
304  O O   . DAB B 4  ? 0.17735 0.48434 0.23560 0.09497  -0.02602 0.04655  4   DAB B O   
305  C CB  . DAB B 4  ? 0.23942 0.50228 0.37581 0.12490  -0.05875 0.08897  4   DAB B CB  
306  C CG  . DAB B 4  ? 0.23856 0.42909 0.41795 0.16607  -0.01686 0.03964  4   DAB B CG  
307  N ND  . DAB B 4  ? 0.25247 0.44696 0.55197 0.16189  -0.03509 0.01454  4   DAB B ND  
314  N N   . AIB B 5  ? 0.24341 0.40383 0.37297 0.15948  0.04494  0.08123  5   AIB B N   
315  C CA  . AIB B 5  ? 0.28135 0.41024 0.30611 0.17395  0.00467  0.08441  5   AIB B CA  
316  C C   . AIB B 5  ? 0.21736 0.40392 0.27852 0.15075  0.03040  0.01413  5   AIB B C   
317  O O   . AIB B 5  ? 0.24696 0.38132 0.26272 0.12947  -0.01698 -0.02274 5   AIB B O   
318  C CB1 . AIB B 5  ? 0.31436 0.43573 0.31081 0.15142  0.04449  0.06688  5   AIB B CB1 
319  C CB2 . AIB B 5  ? 0.31342 0.40249 0.34280 0.18848  0.01456  0.09481  5   AIB B CB2 
327  N N   . LEU B 6  ? 0.25252 0.46338 0.26470 0.08958  0.06763  0.03293  6   LEU B N   
328  C CA  . LEU B 6  ? 0.29758 0.42143 0.29109 0.10081  -0.00550 0.07802  6   LEU B CA  
329  C C   . LEU B 6  ? 0.30156 0.41515 0.29119 0.07434  -0.13385 0.04435  6   LEU B C   
330  O O   . LEU B 6  ? 0.25679 0.39332 0.23089 0.12783  -0.04752 0.02479  6   LEU B O   
331  C CB  . LEU B 6  ? 0.36305 0.46822 0.22894 0.07920  -0.03170 0.07791  6   LEU B CB  
332  C CG  . LEU B 6  ? 0.33784 0.35982 0.29584 0.17658  -0.01873 0.07041  6   LEU B CG  
333  C CD1 . LEU B 6  ? 0.38213 0.38662 0.36276 0.11012  -0.05562 0.09274  6   LEU B CD1 
334  C CD2 . LEU B 6  ? 0.32658 0.34277 0.34906 0.12740  -0.10314 0.09738  6   LEU B CD2 
346  N N   . AIB B 7  ? 0.36989 0.35799 0.30452 0.11484  -0.01284 -0.05370 7   AIB B N   
347  C CA  . AIB B 7  ? 0.33127 0.39272 0.31871 0.13577  -0.04660 -0.00519 7   AIB B CA  
348  C C   . AIB B 7  ? 0.28856 0.45339 0.22375 0.15056  0.05366  -0.00240 7   AIB B C   
349  O O   . AIB B 7  ? 0.32485 0.44939 0.29806 0.15843  0.05205  0.05024  7   AIB B O   
350  C CB1 . AIB B 7  ? 0.22574 0.33548 0.30017 0.13969  0.02513  -0.05551 7   AIB B CB1 
351  C CB2 . AIB B 7  ? 0.24089 0.43613 0.27007 0.14976  -0.06816 -0.01913 7   AIB B CB2 
359  N N   . ALA B 8  ? 0.31595 0.55801 0.20024 0.04128  -0.06843 0.03433  8   ALA B N   
360  C CA  . ALA B 8  ? 0.18672 0.52776 0.37291 0.06376  0.07266  -0.04242 8   ALA B CA  
361  C C   . ALA B 8  ? 0.17869 0.46755 0.27225 0.09698  0.03692  -0.02690 8   ALA B C   
362  O O   . ALA B 8  ? 0.32214 0.45921 0.27634 0.01290  0.03663  -0.05462 8   ALA B O   
363  C CB  . ALA B 8  ? 0.16078 0.51629 0.50642 0.06961  0.05821  -0.01423 8   ALA B CB  
369  N N   . AIB B 9  ? 0.30383 0.40377 0.27230 0.11992  0.06303  -0.04053 9   AIB B N   
370  C CA  . AIB B 9  ? 0.26261 0.44874 0.21665 0.10109  -0.02228 0.00196  9   AIB B CA  
371  C C   . AIB B 9  ? 0.24986 0.44292 0.24992 0.10329  -0.06627 -0.01049 9   AIB B C   
372  O O   . AIB B 9  ? 0.30196 0.41738 0.36646 0.04545  -0.04020 -0.07974 9   AIB B O   
373  C CB1 . AIB B 9  ? 0.25412 0.38774 0.29074 0.16985  -0.04099 -0.03004 9   AIB B CB1 
374  C CB2 . AIB B 9  ? 0.34428 0.42486 0.20226 0.07232  0.01194  0.05257  9   AIB B CB2 
382  N N   . LEU B 10 ? 0.20212 0.38027 0.30822 0.12999  -0.06360 -0.00086 10  LEU B N   
383  C CA  . LEU B 10 ? 0.28854 0.42223 0.27692 0.18555  -0.01587 0.03484  10  LEU B CA  
384  C C   . LEU B 10 ? 0.39706 0.45785 0.27950 0.07954  -0.13924 0.10057  10  LEU B C   
385  O O   . LEU B 10 ? 0.27644 0.56669 0.23497 0.07368  -0.07257 0.07179  10  LEU B O   
386  C CB  . LEU B 10 ? 0.29744 0.41177 0.26489 0.19097  0.00355  0.06129  10  LEU B CB  
387  C CG  . LEU B 10 ? 0.38222 0.43888 0.20300 0.20323  -0.00437 0.05592  10  LEU B CG  
388  C CD1 . LEU B 10 ? 0.36313 0.40368 0.21920 0.22039  -0.03862 -0.01838 10  LEU B CD1 
389  C CD2 . LEU B 10 ? 0.48712 0.46005 0.30503 0.20870  -0.02686 0.11156  10  LEU B CD2 
401  N N   . AIB B 11 ? 0.35909 0.53029 0.28351 0.08391  -0.07882 0.02547  11  AIB B N   
402  C CA  . AIB B 11 ? 0.27205 0.46331 0.28813 0.14357  -0.00060 -0.01571 11  AIB B CA  
403  C C   . AIB B 11 ? 0.19989 0.49834 0.22747 0.11887  -0.03831 -0.02868 11  AIB B C   
404  O O   . AIB B 11 ? 0.33947 0.58144 0.24419 -0.00601 0.02906  -0.13950 11  AIB B O   
405  C CB1 . AIB B 11 ? 0.35339 0.33721 0.28040 0.16267  0.08251  -0.03455 11  AIB B CB1 
406  C CB2 . AIB B 11 ? 0.17802 0.47041 0.32527 0.10492  -0.05145 -0.00612 11  AIB B CB2 
414  N N   . GLN B 12 ? 0.23949 0.50549 0.24232 0.10948  0.05788  -0.05442 12  GLN B N   
415  C CA  . GLN B 12 ? 0.19400 0.53729 0.24431 0.12372  -0.01142 -0.00074 12  GLN B CA  
416  C C   . GLN B 12 ? 0.26108 0.55713 0.22738 0.15576  0.01565  -0.05783 12  GLN B C   
417  O O   . GLN B 12 ? 0.26465 0.55642 0.19213 0.18655  -0.02004 -0.05726 12  GLN B O   
418  C CB  . GLN B 12 ? 0.18841 0.48212 0.25629 0.11869  -0.04617 -0.01955 12  GLN B CB  
419  C CG  . GLN B 12 ? 0.25061 0.61459 0.26599 0.08081  -0.05914 0.01217  12  GLN B CG  
420  C CD  . GLN B 12 ? 0.34016 0.63407 0.44798 0.08404  0.14089  0.06061  12  GLN B CD  
421  O OE1 . GLN B 12 ? 0.40822 0.63299 0.58819 0.05921  0.12786  0.11072  12  GLN B OE1 
422  N NE2 . GLN B 12 ? 0.50038 0.60224 0.33438 0.12397  0.09565  0.19281  12  GLN B NE2 
431  N N   . AIB B 13 ? 0.22221 0.54519 0.16990 0.11323  0.01911  -0.02196 13  AIB B N   
432  C CA  . AIB B 13 ? 0.24036 0.51923 0.27571 0.12682  0.04368  0.04549  13  AIB B CA  
433  C C   . AIB B 13 ? 0.31461 0.42754 0.25635 0.18076  0.04305  0.11332  13  AIB B C   
434  O O   . AIB B 13 ? 0.55125 0.41852 0.25414 0.10867  0.05045  0.08843  13  AIB B O   
435  C CB1 . AIB B 13 ? 0.31430 0.53579 0.28101 0.10013  0.03412  0.10716  13  AIB B CB1 
436  C CB2 . AIB B 13 ? 0.22293 0.50832 0.35035 0.12660  0.08503  0.01584  13  AIB B CB2 
444  N N   . LEU B 14 ? 0.28572 0.36368 0.40550 0.15137  -0.02632 0.10798  14  LEU B N   
445  C CA  . LEU B 14 ? 0.23066 0.34984 0.39941 0.13693  -0.07195 0.04677  14  LEU B CA  
446  C C   . LEU B 14 ? 0.25531 0.38920 0.38539 0.15467  -0.00245 -0.01670 14  LEU B C   
447  O O   . LEU B 14 ? 0.27809 0.50163 0.28618 0.09501  -0.01364 -0.03695 14  LEU B O   
448  C CB  . LEU B 14 ? 0.23236 0.44077 0.44567 0.11379  -0.06551 0.07304  14  LEU B CB  
449  C CG  . LEU B 14 ? 0.24707 0.51563 0.42130 0.03169  -0.13857 0.08244  14  LEU B CG  
450  C CD1 . LEU B 14 ? 0.17338 0.53037 0.45716 0.02020  -0.09724 0.02559  14  LEU B CD1 
451  C CD2 . LEU B 14 ? 0.44435 0.60919 0.37676 -0.09215 -0.19594 0.11881  14  LEU B CD2 
463  C C11 . I77 B 15 ? 0.27499 0.33232 0.35939 0.04660  -0.09289 -0.07067 15  I77 B C11 
464  C C12 . I77 B 15 ? 0.19439 0.36388 0.31583 0.08380  -0.04361 -0.01018 15  I77 B C12 
465  C C13 . I77 B 15 ? 0.16726 0.35180 0.37953 0.10967  -0.04372 0.02014  15  I77 B C13 
466  C C17 . I77 B 15 ? 0.36770 0.36150 0.22270 0.06385  0.00332  -0.01846 15  I77 B C17 
467  C C18 . I77 B 15 ? 0.25453 0.38650 0.16906 0.08198  -0.03025 0.03911  15  I77 B C18 
468  C C02 . I77 B 15 ? 0.34410 0.46706 0.37343 0.12780  -0.06896 0.04333  15  I77 B C02 
469  C C03 . I77 B 15 ? 0.42757 0.31397 0.26846 0.16422  -0.01257 -0.02683 15  I77 B C03 
470  C C04 . I77 B 15 ? 0.42929 0.35884 0.28187 0.09300  0.04388  -0.08427 15  I77 B C04 
471  C C05 . I77 B 15 ? 0.34029 0.33465 0.35296 0.09959  -0.00635 -0.06150 15  I77 B C05 
472  C C06 . I77 B 15 ? 0.48301 0.28606 0.36033 0.12349  -0.10170 0.00311  15  I77 B C06 
473  C C08 . I77 B 15 ? 0.29442 0.32649 0.32618 0.08801  -0.03068 -0.04308 15  I77 B C08 
474  C C09 . I77 B 15 ? 0.29550 0.28459 0.36131 0.13534  0.01564  -0.04838 15  I77 B C09 
475  N N01 . I77 B 15 ? 0.33885 0.52654 0.33131 0.08463  -0.16084 0.05529  15  I77 B N01 
476  N N07 . I77 B 15 ? 0.38970 0.29955 0.31205 0.08810  -0.16240 0.03037  15  I77 B N07 
477  N N10 . I77 B 15 ? 0.30547 0.28759 0.44524 0.12206  -0.02345 -0.01664 15  I77 B N10 
478  N N14 . I77 B 15 ? 0.19309 0.39694 0.24627 0.11959  0.04704  0.01304  15  I77 B N14 
479  N N15 . I77 B 15 ? 0.23257 0.41947 0.35086 0.07439  -0.12224 -0.00781 15  I77 B N15 
480  O O16 . I77 B 15 ? 0.24408 0.37523 0.38629 0.10599  -0.02799 0.05850  15  I77 B O16 
481  O O19 . I77 B 15 ? 0.30409 0.50510 0.52601 0.15202  -0.08950 0.10163  15  I77 B O19 
492  O O1  . Z7Z C 1  ? 0.37872 0.52910 0.17899 0.02956  0.01049  -0.02939 1   Z7Z C O1  
493  C C1  . Z7Z C 1  ? 0.33462 0.48681 0.27287 0.07913  0.05004  -0.01153 1   Z7Z C C1  
494  C C2  . Z7Z C 1  ? 0.23522 0.49013 0.27425 0.10361  -0.02402 0.06324  1   Z7Z C C2  
495  C C3  . Z7Z C 1  ? 0.35545 0.44542 0.26353 0.13253  0.05189  0.05538  1   Z7Z C C3  
496  C C4  . Z7Z C 1  ? 0.24366 0.40626 0.27908 0.16826  0.03072  0.03785  1   Z7Z C C4  
497  C C5  . Z7Z C 1  ? 0.17126 0.43289 0.28485 0.11747  0.00962  0.04096  1   Z7Z C C5  
498  C C6  . Z7Z C 1  ? 0.19092 0.48224 0.23634 0.11595  0.04660  0.05996  1   Z7Z C C6  
499  C C7  . Z7Z C 1  ? 0.19350 0.43067 0.24583 0.13485  0.01749  0.05861  1   Z7Z C C7  
500  C C8  . Z7Z C 1  ? 0.25795 0.37647 0.28148 0.16805  0.05805  0.06697  1   Z7Z C C8  
501  C C9  . Z7Z C 1  ? 0.25234 0.37456 0.35570 0.15616  0.07523  0.09263  1   Z7Z C C9  
502  C C10 . Z7Z C 1  ? 0.26657 0.35712 0.35761 0.14698  0.10024  0.00689  1   Z7Z C C10 
503  C C11 . Z7Z C 1  ? 0.26715 0.37298 0.34707 0.11779  0.13972  0.03350  1   Z7Z C C11 
504  C C12 . Z7Z C 1  ? 0.34432 0.38256 0.39112 0.09507  0.16032  0.00867  1   Z7Z C C12 
505  C C13 . Z7Z C 1  ? 0.41280 0.41517 0.32333 0.10175  0.19388  0.05103  1   Z7Z C C13 
515  N N   . ALA C 2  ? 0.33773 0.47944 0.37033 0.09551  0.06920  0.02308  2   ALA C N   
516  C CA  . ALA C 2  ? 0.29789 0.50390 0.38751 0.11606  0.15223  0.01900  2   ALA C CA  
517  C C   . ALA C 2  ? 0.37187 0.42950 0.43653 0.14703  0.13866  0.01113  2   ALA C C   
518  O O   . ALA C 2  ? 0.54359 0.40397 0.52174 0.11040  0.14899  0.03073  2   ALA C O   
519  C CB  . ALA C 2  ? 0.23570 0.47685 0.43745 0.16356  0.04846  0.01136  2   ALA C CB  
525  N N   . AIB C 3  ? 0.34153 0.39884 0.32794 0.17460  0.03552  -0.00118 3   AIB C N   
526  C CA  . AIB C 3  ? 0.23407 0.41945 0.33728 0.16657  0.01463  0.02784  3   AIB C CA  
527  C C   . AIB C 3  ? 0.29309 0.40703 0.20108 0.15987  0.00453  0.07361  3   AIB C C   
528  O O   . AIB C 3  ? 0.39980 0.38960 0.21640 0.12668  0.02361  0.02979  3   AIB C O   
529  C CB1 . AIB C 3  ? 0.25213 0.49552 0.32096 0.16399  0.05720  -0.00678 3   AIB C CB1 
530  C CB2 . AIB C 3  ? 0.24562 0.45075 0.52164 0.15320  0.08281  -0.03254 3   AIB C CB2 
538  N N   . DAB C 4  ? 0.37816 0.48618 0.29206 0.12452  0.12633  0.03700  4   DAB C N   
539  C CA  . DAB C 4  ? 0.37005 0.47463 0.31401 0.13643  0.08761  0.02573  4   DAB C CA  
540  C C   . DAB C 4  ? 0.41996 0.50523 0.26260 0.06380  -0.10487 0.10619  4   DAB C C   
541  O O   . DAB C 4  ? 0.54001 0.54625 0.27065 -0.04955 -0.09740 -0.01857 4   DAB C O   
542  C CB  . DAB C 4  ? 0.31906 0.51623 0.35341 0.18130  0.00357  0.09076  4   DAB C CB  
543  C CG  . DAB C 4  ? 0.32347 0.54547 0.48196 0.19169  0.02392  0.07852  4   DAB C CG  
544  N ND  . DAB C 4  ? 0.28444 0.56332 0.53593 0.18687  0.08861  0.02473  4   DAB C ND  
552  N N   . AIB C 5  ? 0.50551 0.44382 0.38878 0.08460  0.00486  0.08986  5   AIB C N   
553  C CA  . AIB C 5  ? 0.36515 0.42151 0.34214 0.12851  0.06076  0.08630  5   AIB C CA  
554  C C   . AIB C 5  ? 0.35668 0.39816 0.38526 0.13479  0.01528  0.08267  5   AIB C C   
555  O O   . AIB C 5  ? 0.49452 0.40114 0.30584 0.11421  0.06257  0.08726  5   AIB C O   
556  C CB1 . AIB C 5  ? 0.31174 0.35151 0.43625 0.15406  0.11531  -0.01828 5   AIB C CB1 
557  C CB2 . AIB C 5  ? 0.23148 0.41195 0.30987 0.15028  0.06097  0.10583  5   AIB C CB2 
565  N N   . LEU C 6  ? 0.29214 0.32639 0.35207 0.16260  -0.00293 0.07857  6   LEU C N   
566  C CA  . LEU C 6  ? 0.27823 0.39541 0.23767 0.13323  -0.00514 0.11341  6   LEU C CA  
567  C C   . LEU C 6  ? 0.41396 0.47324 0.24500 0.11264  0.00345  0.12290  6   LEU C C   
568  O O   . LEU C 6  ? 0.47174 0.47677 0.29069 0.09259  0.17956  0.04152  6   LEU C O   
569  C CB  . LEU C 6  ? 0.30264 0.39428 0.35138 0.15082  -0.02760 0.10417  6   LEU C CB  
570  C CG  . LEU C 6  ? 0.24104 0.37488 0.46969 0.15469  0.05453  -0.01657 6   LEU C CG  
571  C CD1 . LEU C 6  ? 0.32422 0.31112 0.64246 0.13282  0.06970  -0.04504 6   LEU C CD1 
572  C CD2 . LEU C 6  ? 0.26197 0.44464 0.47109 0.13168  0.12390  -0.05442 6   LEU C CD2 
584  N N   . AIB C 7  ? 0.33386 0.45116 0.31438 0.18302  0.02330  0.00220  7   AIB C N   
585  C CA  . AIB C 7  ? 0.36378 0.42297 0.44125 0.22194  0.04225  -0.01344 7   AIB C CA  
586  C C   . AIB C 7  ? 0.31690 0.45676 0.42564 0.21179  -0.02882 0.02640  7   AIB C C   
587  O O   . AIB C 7  ? 0.30522 0.55517 0.55070 0.21703  -0.01258 0.03259  7   AIB C O   
588  C CB1 . AIB C 7  ? 0.35793 0.44254 0.43903 0.19865  0.09886  -0.04553 7   AIB C CB1 
589  C CB2 . AIB C 7  ? 0.47879 0.45504 0.46346 0.22493  -0.01171 0.00760  7   AIB C CB2 
597  N N   . ALA C 8  ? 0.26238 0.48904 0.45918 0.17587  0.04822  -0.04033 8   ALA C N   
598  C CA  . ALA C 8  ? 0.23659 0.46049 0.45173 0.16872  -0.03048 -0.00674 8   ALA C CA  
599  C C   . ALA C 8  ? 0.24608 0.45484 0.46878 0.17302  0.03890  -0.01018 8   ALA C C   
600  O O   . ALA C 8  ? 0.32972 0.49276 0.57783 0.13436  0.12508  -0.05651 8   ALA C O   
601  C CB  . ALA C 8  ? 0.22297 0.48481 0.47922 0.14536  0.01075  -0.07403 8   ALA C CB  
607  N N   . AIB C 9  ? 0.23306 0.53756 0.47479 0.15965  -0.01719 0.04498  9   AIB C N   
608  C CA  . AIB C 9  ? 0.26971 0.52250 0.37159 0.19176  0.04151  0.03149  9   AIB C CA  
609  C C   . AIB C 9  ? 0.31518 0.50702 0.42990 0.19693  0.09217  -0.01036 9   AIB C C   
610  O O   . AIB C 9  ? 0.42646 0.50762 0.41772 0.23855  0.08990  -0.01551 9   AIB C O   
611  C CB1 . AIB C 9  ? 0.26748 0.52001 0.35611 0.18532  0.05341  0.01589  9   AIB C CB1 
612  C CB2 . AIB C 9  ? 0.29295 0.52977 0.36688 0.20528  0.00239  0.05984  9   AIB C CB2 
620  N N   . LEU C 10 ? 0.25099 0.52350 0.46602 0.17867  0.04155  0.01489  10  LEU C N   
621  C CA  . LEU C 10 ? 0.31108 0.53203 0.47959 0.19417  0.09932  -0.01296 10  LEU C CA  
622  C C   . LEU C 10 ? 0.32771 0.56137 0.57782 0.17716  0.14586  -0.06212 10  LEU C C   
623  O O   . LEU C 10 ? 0.35197 0.56508 0.62344 0.22160  0.11287  0.00903  10  LEU C O   
624  C CB  . LEU C 10 ? 0.38042 0.48988 0.38930 0.20425  0.11408  -0.02584 10  LEU C CB  
625  C CG  . LEU C 10 ? 0.31105 0.45559 0.37305 0.20527  0.04781  0.00030  10  LEU C CG  
626  C CD1 . LEU C 10 ? 0.33051 0.54527 0.38702 0.10641  0.06421  -0.02194 10  LEU C CD1 
627  C CD2 . LEU C 10 ? 0.37088 0.41292 0.38960 0.21598  0.07245  -0.00740 10  LEU C CD2 
639  N N   . AIB C 11 ? 0.33463 0.58489 0.59828 0.14400  0.17395  -0.08719 11  AIB C N   
640  C CA  . AIB C 11 ? 0.26386 0.55237 0.66787 0.15112  0.09537  -0.02918 11  AIB C CA  
641  C C   . AIB C 11 ? 0.25910 0.49621 0.67379 0.13694  0.02697  0.01754  11  AIB C C   
642  O O   . AIB C 11 ? 0.34516 0.52238 0.67435 0.10573  -0.02121 0.07058  11  AIB C O   
643  C CB1 . AIB C 11 ? 0.27474 0.51530 0.67546 0.17564  0.05267  -0.02500 11  AIB C CB1 
644  C CB2 . AIB C 11 ? 0.20768 0.59967 0.58915 0.09342  0.10014  -0.01877 11  AIB C CB2 
652  N N   . GLN C 12 ? 0.23886 0.45379 0.58064 0.10863  0.11044  -0.04070 12  GLN C N   
653  C CA  . GLN C 12 ? 0.27232 0.40517 0.46731 0.14681  0.10305  -0.04577 12  GLN C CA  
654  C C   . GLN C 12 ? 0.34376 0.37663 0.35473 0.19001  0.08168  -0.00654 12  GLN C C   
655  O O   . GLN C 12 ? 0.42283 0.44378 0.27389 0.16320  0.03873  -0.04819 12  GLN C O   
656  C CB  . GLN C 12 ? 0.37801 0.51753 0.44216 0.03167  0.04956  -0.02876 12  GLN C CB  
657  C CG  . GLN C 12 ? 0.43272 0.54852 0.37406 0.05137  -0.02503 -0.01903 12  GLN C CG  
658  C CD  . GLN C 12 ? 0.39103 0.56833 0.33523 0.07898  -0.08213 -0.01922 12  GLN C CD  
659  O OE1 . GLN C 12 ? 0.30788 0.52934 0.30528 0.17088  -0.02112 -0.08230 12  GLN C OE1 
660  N NE2 . GLN C 12 ? 0.27569 0.63392 0.45109 0.02185  -0.09580 -0.04647 12  GLN C NE2 
669  N N   . AIB C 13 ? 0.36038 0.44371 0.41431 0.19666  0.00490  0.01351  13  AIB C N   
670  C CA  . AIB C 13 ? 0.27839 0.47920 0.44630 0.19350  0.00158  0.00226  13  AIB C CA  
671  C C   . AIB C 13 ? 0.45931 0.46227 0.42552 0.12702  -0.06472 -0.03425 13  AIB C C   
672  O O   . AIB C 13 ? 0.45767 0.43368 0.36725 0.18364  0.04677  -0.04737 13  AIB C O   
673  C CB1 . AIB C 13 ? 0.23836 0.49563 0.45491 0.16455  0.05396  0.01248  13  AIB C CB1 
674  C CB2 . AIB C 13 ? 0.25997 0.61040 0.47963 0.12099  -0.04186 0.03315  13  AIB C CB2 
682  N N   . LEU C 14 ? 0.38641 0.41425 0.55275 0.11479  -0.14823 -0.05865 14  LEU C N   
683  C CA  . LEU C 14 ? 0.37961 0.39108 0.70521 0.11001  -0.11119 -0.09653 14  LEU C CA  
684  C C   . LEU C 14 ? 0.53716 0.33868 0.67836 0.18468  0.06632  -0.10146 14  LEU C C   
685  O O   . LEU C 14 ? 0.64056 0.43321 0.70122 0.08089  0.05901  -0.09212 14  LEU C O   
686  C CB  . LEU C 14 ? 0.31046 0.46351 0.77013 0.10563  -0.17453 -0.03437 14  LEU C CB  
687  C CG  . LEU C 14 ? 0.37654 0.54762 0.82785 0.03549  -0.18637 -0.03072 14  LEU C CG  
688  C CD1 . LEU C 14 ? 0.48952 0.54979 0.87089 0.02898  -0.19786 -0.01876 14  LEU C CD1 
689  C CD2 . LEU C 14 ? 0.35177 0.60196 0.78517 0.02471  -0.25176 0.03859  14  LEU C CD2 
701  C C11 . I77 C 15 ? 0.23840 0.53691 0.41550 0.13697  -0.08841 0.02657  15  I77 C C11 
702  C C12 . I77 C 15 ? 0.22898 0.57999 0.28113 0.11249  -0.03113 0.02586  15  I77 C C12 
703  C C13 . I77 C 15 ? 0.29476 0.53231 0.35614 0.08168  -0.01623 0.03883  15  I77 C C13 
704  C C17 . I77 C 15 ? 0.30892 0.61272 0.25476 0.08881  0.04748  -0.07733 15  I77 C C17 
705  C C18 . I77 C 15 ? 0.23222 0.59015 0.26783 0.09652  0.02526  -0.11386 15  I77 C C18 
706  C C02 . I77 C 15 ? 0.36187 0.63696 0.89797 0.08609  -0.10802 -0.17447 15  I77 C C02 
707  C C03 . I77 C 15 ? 0.27575 0.65518 0.70837 0.10316  -0.13335 -0.14739 15  I77 C C03 
708  C C04 . I77 C 15 ? 0.36099 0.68205 0.54306 0.08878  -0.08148 -0.15913 15  I77 C C04 
709  C C05 . I77 C 15 ? 0.47613 0.62989 0.54358 0.08015  -0.09495 -0.15729 15  I77 C C05 
710  C C06 . I77 C 15 ? 0.27364 0.64367 0.67079 0.13159  -0.07197 -0.19282 15  I77 C C06 
711  C C08 . I77 C 15 ? 0.29489 0.55844 0.43567 0.19202  -0.06927 -0.13022 15  I77 C C08 
712  C C09 . I77 C 15 ? 0.25660 0.51519 0.32941 0.16215  -0.08581 -0.05556 15  I77 C C09 
713  N N01 . I77 C 15 ? 0.47213 0.66120 0.96077 0.03059  -0.18848 -0.13576 15  I77 C N01 
714  N N07 . I77 C 15 ? 0.31698 0.59647 0.61586 0.17784  -0.10561 -0.15441 15  I77 C N07 
715  N N10 . I77 C 15 ? 0.29035 0.56270 0.42525 0.14340  -0.09284 -0.00507 15  I77 C N10 
716  N N14 . I77 C 15 ? 0.33365 0.48969 0.42596 0.13290  0.05373  0.03785  15  I77 C N14 
717  N N15 . I77 C 15 ? 0.57636 0.52150 0.52123 0.04886  0.05826  -0.01678 15  I77 C N15 
718  O O16 . I77 C 15 ? 0.37945 0.54380 0.35415 -0.00484 0.02839  0.01420  15  I77 C O16 
719  O O19 . I77 C 15 ? 0.72467 0.65680 0.96193 -0.01457 0.08339  -0.25331 15  I77 C O19 
730  O O1  . Z7Z D 1  ? 0.22932 0.57806 0.32342 0.16038  -0.00509 0.00486  1   Z7Z D O1  
731  C C1  . Z7Z D 1  ? 0.23476 0.51529 0.28885 0.16474  -0.02511 0.01085  1   Z7Z D C1  
732  C C2  . Z7Z D 1  ? 0.30335 0.48696 0.29518 0.17813  0.00904  0.02644  1   Z7Z D C2  
733  C C3  . Z7Z D 1  ? 0.26596 0.46854 0.24790 0.16368  0.06827  0.02372  1   Z7Z D C3  
734  C C4  . Z7Z D 1  ? 0.25079 0.46491 0.19310 0.12021  0.06767  0.01250  1   Z7Z D C4  
735  C C5  . Z7Z D 1  ? 0.29055 0.50551 0.24135 0.14361  0.05037  0.02553  1   Z7Z D C5  
736  C C6  . Z7Z D 1  ? 0.27974 0.42319 0.21588 0.15901  0.06051  -0.00968 1   Z7Z D C6  
737  C C7  . Z7Z D 1  ? 0.27821 0.45313 0.16686 0.13036  0.05385  0.01683  1   Z7Z D C7  
738  C C8  . Z7Z D 1  ? 0.24470 0.44215 0.29865 0.08455  0.12450  -0.01894 1   Z7Z D C8  
739  C C9  . Z7Z D 1  ? 0.39540 0.50482 0.35098 0.02022  0.12063  0.01057  1   Z7Z D C9  
740  C C10 . Z7Z D 1  ? 0.21967 0.50315 0.27368 0.08175  0.09536  0.05284  1   Z7Z D C10 
741  C C11 . Z7Z D 1  ? 0.38926 0.57003 0.40392 -0.03611 0.06500  0.01043  1   Z7Z D C11 
742  C C12 . Z7Z D 1  ? 0.32522 0.53833 0.34065 0.04643  0.17152  0.03274  1   Z7Z D C12 
743  C C13 . Z7Z D 1  ? 0.36659 0.55173 0.40128 -0.01073 0.09393  0.02009  1   Z7Z D C13 
753  N N   . ALA D 2  ? 0.23951 0.49049 0.36061 0.17002  0.01243  -0.02903 2   ALA D N   
754  C CA  . ALA D 2  ? 0.23451 0.49921 0.23849 0.14698  0.03380  -0.02463 2   ALA D CA  
755  C C   . ALA D 2  ? 0.22037 0.48387 0.30696 0.15149  -0.03530 -0.05554 2   ALA D C   
756  O O   . ALA D 2  ? 0.25982 0.51443 0.27305 0.08762  -0.03398 -0.06902 2   ALA D O   
757  C CB  . ALA D 2  ? 0.29659 0.52163 0.36418 0.13934  -0.05370 -0.02395 2   ALA D CB  
763  N N   . AIB D 3  ? 0.30496 0.47442 0.36832 0.18273  0.05113  -0.06247 3   AIB D N   
764  C CA  . AIB D 3  ? 0.35335 0.55803 0.35042 0.09635  -0.02797 0.04625  3   AIB D CA  
765  C C   . AIB D 3  ? 0.35151 0.53582 0.25868 0.09331  0.06594  0.03983  3   AIB D C   
766  O O   . AIB D 3  ? 0.32666 0.58604 0.25840 0.01682  0.01733  0.07466  3   AIB D O   
767  C CB1 . AIB D 3  ? 0.33555 0.61711 0.42365 0.02937  -0.14601 0.05073  3   AIB D CB1 
768  C CB2 . AIB D 3  ? 0.40710 0.63390 0.31271 0.06513  0.06288  0.11378  3   AIB D CB2 
776  N N   . DAB D 4  ? 0.27287 0.51686 0.17498 0.13888  0.03512  0.06328  4   DAB D N   
777  C CA  . DAB D 4  ? 0.30838 0.54065 0.29597 0.10763  0.03031  0.06707  4   DAB D CA  
778  C C   . DAB D 4  ? 0.24529 0.41828 0.41643 0.15022  0.08909  0.00696  4   DAB D C   
779  O O   . DAB D 4  ? 0.26830 0.43722 0.38738 0.15730  0.09890  -0.00422 4   DAB D O   
780  C CB  . DAB D 4  ? 0.31877 0.56197 0.38755 0.10635  0.04175  0.08803  4   DAB D CB  
781  C CG  . DAB D 4  ? 0.49065 0.62802 0.54962 0.00719  -0.01169 0.10345  4   DAB D CG  
782  N ND  . DAB D 4  ? 0.53257 0.59918 0.51985 0.00815  -0.13740 0.13509  4   DAB D ND  
790  N N   . AIB D 5  ? 0.21084 0.45267 0.32549 0.13172  0.05873  0.11003  5   AIB D N   
791  C CA  . AIB D 5  ? 0.31770 0.48398 0.28732 0.07298  0.02380  0.12481  5   AIB D CA  
792  C C   . AIB D 5  ? 0.19687 0.48473 0.27009 0.08530  0.00040  0.06247  5   AIB D C   
793  O O   . AIB D 5  ? 0.24859 0.44257 0.29434 0.09411  -0.07612 0.07742  5   AIB D O   
794  C CB1 . AIB D 5  ? 0.34410 0.45792 0.24978 0.06247  0.12448  0.11235  5   AIB D CB1 
795  C CB2 . AIB D 5  ? 0.31791 0.45420 0.32109 0.08475  0.04418  0.12025  5   AIB D CB2 
803  N N   . LEU D 6  ? 0.14661 0.43913 0.36306 0.08550  0.01090  0.02129  6   LEU D N   
804  C CA  . LEU D 6  ? 0.23207 0.41016 0.29557 0.15239  0.03553  -0.00151 6   LEU D CA  
805  C C   . LEU D 6  ? 0.27624 0.39535 0.28672 0.14954  -0.04054 0.03044  6   LEU D C   
806  O O   . LEU D 6  ? 0.20126 0.39708 0.41355 0.10453  0.02324  -0.02445 6   LEU D O   
807  C CB  . LEU D 6  ? 0.23189 0.45094 0.32417 0.11384  -0.05791 0.01184  6   LEU D CB  
808  C CG  . LEU D 6  ? 0.23805 0.38589 0.35835 0.16065  -0.01574 -0.01730 6   LEU D CG  
809  C CD1 . LEU D 6  ? 0.36237 0.39893 0.31750 0.09099  -0.00564 -0.02866 6   LEU D CD1 
810  C CD2 . LEU D 6  ? 0.42172 0.45586 0.38422 0.09989  -0.04390 0.01909  6   LEU D CD2 
822  N N   . AIB D 7  ? 0.28028 0.36792 0.31590 0.18226  0.00969  -0.00390 7   AIB D N   
823  C CA  . AIB D 7  ? 0.29359 0.43312 0.34098 0.13761  -0.07861 0.03738  7   AIB D CA  
824  C C   . AIB D 7  ? 0.19998 0.43055 0.37297 0.14162  0.01615  -0.01181 7   AIB D C   
825  O O   . AIB D 7  ? 0.19854 0.41220 0.48336 0.14136  0.01936  -0.00766 7   AIB D O   
826  C CB1 . AIB D 7  ? 0.32031 0.40339 0.32940 0.14087  -0.08273 0.09542  7   AIB D CB1 
827  C CB2 . AIB D 7  ? 0.25574 0.42501 0.22645 0.15186  -0.04803 0.02740  7   AIB D CB2 
835  N N   . ALA D 8  ? 0.23731 0.49366 0.28853 0.11827  0.01746  0.01812  8   ALA D N   
836  C CA  . ALA D 8  ? 0.28468 0.41095 0.29937 0.13412  0.05139  -0.02806 8   ALA D CA  
837  C C   . ALA D 8  ? 0.20407 0.49439 0.20765 0.08104  -0.01626 -0.04740 8   ALA D C   
838  O O   . ALA D 8  ? 0.24611 0.44934 0.23795 0.10546  -0.02894 -0.06964 8   ALA D O   
839  C CB  . ALA D 8  ? 0.41164 0.43238 0.35589 0.07086  0.00335  -0.00120 8   ALA D CB  
845  N N   . AIB D 9  ? 0.22835 0.45878 0.28987 0.12160  -0.02048 -0.03227 9   AIB D N   
846  C CA  . AIB D 9  ? 0.26323 0.45916 0.30181 0.14679  -0.07488 0.02769  9   AIB D CA  
847  C C   . AIB D 9  ? 0.24336 0.45552 0.30112 0.13608  -0.07401 0.03597  9   AIB D C   
848  O O   . AIB D 9  ? 0.20591 0.46618 0.38382 0.14415  -0.01310 -0.03630 9   AIB D O   
849  C CB1 . AIB D 9  ? 0.25756 0.45845 0.36790 0.16674  -0.04107 -0.04536 9   AIB D CB1 
850  C CB2 . AIB D 9  ? 0.22504 0.42694 0.30502 0.16144  0.01260  0.00105  9   AIB D CB2 
858  N N   . LEU D 10 ? 0.26031 0.46677 0.29352 0.12649  -0.09252 0.03976  10  LEU D N   
859  C CA  . LEU D 10 ? 0.33588 0.50984 0.31257 0.14505  -0.08476 0.03756  10  LEU D CA  
860  C C   . LEU D 10 ? 0.41363 0.47661 0.23776 0.13641  -0.09445 0.05966  10  LEU D C   
861  O O   . LEU D 10 ? 0.50167 0.49623 0.21219 0.17035  -0.09877 -0.02217 10  LEU D O   
862  C CB  . LEU D 10 ? 0.40369 0.55860 0.31401 0.07464  -0.16548 0.08828  10  LEU D CB  
863  C CG  . LEU D 10 ? 0.35210 0.66033 0.34197 0.04518  -0.08873 0.11048  10  LEU D CG  
864  C CD1 . LEU D 10 ? 0.24742 0.70859 0.48099 0.01744  -0.09591 0.06850  10  LEU D CD1 
865  C CD2 . LEU D 10 ? 0.30029 0.62901 0.23680 0.10188  0.04554  0.14240  10  LEU D CD2 
877  N N   . AIB D 11 ? 0.29946 0.41147 0.35347 0.14204  -0.09236 0.08041  11  AIB D N   
878  C CA  . AIB D 11 ? 0.22529 0.50108 0.47284 0.07408  -0.03241 0.08065  11  AIB D CA  
879  C C   . AIB D 11 ? 0.23238 0.49953 0.56779 0.12698  0.09366  -0.03729 11  AIB D C   
880  O O   . AIB D 11 ? 0.36592 0.52603 0.57965 0.10404  0.19809  -0.11212 11  AIB D O   
881  C CB1 . AIB D 11 ? 0.24394 0.48218 0.52908 0.03752  0.07042  0.09791  11  AIB D CB1 
882  C CB2 . AIB D 11 ? 0.16559 0.51290 0.50632 0.07223  0.01679  0.05822  11  AIB D CB2 
890  N N   . GLN D 12 ? 0.29706 0.54972 0.57852 0.11310  0.16875  -0.07238 12  GLN D N   
891  C CA  . GLN D 12 ? 0.24784 0.53883 0.53784 0.11746  0.11975  -0.06403 12  GLN D CA  
892  C C   . GLN D 12 ? 0.29869 0.50084 0.49208 0.14449  0.13916  -0.07852 12  GLN D C   
893  O O   . GLN D 12 ? 0.34354 0.53324 0.51821 0.16298  0.10911  -0.13101 12  GLN D O   
894  C CB  . GLN D 12 ? 0.39490 0.58171 0.66310 0.06441  0.06411  -0.11715 12  GLN D CB  
895  C CG  . GLN D 12 ? 0.58055 0.67462 0.79532 -0.03063 0.12401  -0.14389 12  GLN D CG  
896  C CD  . GLN D 12 ? 0.83302 0.73108 0.86460 -0.11419 0.21087  -0.19393 12  GLN D CD  
897  O OE1 . GLN D 12 ? 0.95456 0.71088 0.88866 -0.13173 0.16234  -0.20001 12  GLN D OE1 
898  N NE2 . GLN D 12 ? 0.89596 0.79774 0.92629 -0.15838 0.25532  -0.17881 12  GLN D NE2 
907  N N   . AIB D 13 ? 0.28758 0.50565 0.36687 0.18284  0.04625  -0.06264 13  AIB D N   
908  C CA  . AIB D 13 ? 0.33953 0.66718 0.30769 0.12262  -0.06969 -0.02669 13  AIB D CA  
909  C C   . AIB D 13 ? 0.26243 0.59883 0.29844 0.18148  -0.02170 -0.07338 13  AIB D C   
910  O O   . AIB D 13 ? 0.26545 0.62614 0.30871 0.17864  -0.05753 -0.07864 13  AIB D O   
911  C CB1 . AIB D 13 ? 0.42067 0.72889 0.32874 0.06953  -0.11044 0.03344  13  AIB D CB1 
912  C CB2 . AIB D 13 ? 0.32440 0.68144 0.31617 0.05764  -0.13812 0.00688  13  AIB D CB2 
920  N N   . LEU D 14 ? 0.29083 0.47033 0.31495 0.19690  -0.05971 -0.04797 14  LEU D N   
921  C CA  . LEU D 14 ? 0.25246 0.54524 0.40290 0.12615  0.05349  -0.11652 14  LEU D CA  
922  C C   . LEU D 14 ? 0.26014 0.53190 0.43516 0.11134  0.09640  -0.09833 14  LEU D C   
923  O O   . LEU D 14 ? 0.30878 0.40034 0.61508 0.17089  -0.00429 -0.04697 14  LEU D O   
924  C CB  . LEU D 14 ? 0.26324 0.58155 0.49141 0.05751  0.02450  -0.14336 14  LEU D CB  
925  C CG  . LEU D 14 ? 0.33369 0.54441 0.54429 0.08265  0.02990  -0.16579 14  LEU D CG  
926  C CD1 . LEU D 14 ? 0.21602 0.58443 0.58676 0.06038  0.03906  -0.15783 14  LEU D CD1 
927  C CD2 . LEU D 14 ? 0.54859 0.53290 0.55561 0.05034  0.02344  -0.15058 14  LEU D CD2 
939  C C11 . I77 D 15 ? 0.42627 0.47188 0.91535 0.03059  0.03014  -0.17109 15  I77 D C11 
940  C C12 . I77 D 15 ? 0.42628 0.52631 0.78591 0.00504  0.07566  -0.19019 15  I77 D C12 
941  C C13 . I77 D 15 ? 0.19699 0.56187 0.52235 0.05613  0.02244  -0.13445 15  I77 D C13 
942  C C17 . I77 D 15 ? 0.44621 0.48827 0.85002 0.04891  0.09369  -0.17365 15  I77 D C17 
943  C C18 . I77 D 15 ? 0.45679 0.40264 0.89457 0.11965  -0.00585 -0.11689 15  I77 D C18 
944  C C02 . I77 D 15 ? 0.60629 0.42349 1.26752 0.00247  -0.18173 -0.08036 15  I77 D C02 
945  C C03 . I77 D 15 ? 0.39618 0.39791 1.13471 0.08816  -0.15553 -0.07497 15  I77 D C03 
946  C C04 . I77 D 15 ? 0.45671 0.44407 1.13043 0.05098  -0.05035 -0.10822 15  I77 D C04 
947  C C05 . I77 D 15 ? 0.37357 0.41566 1.08727 0.10001  -0.05404 -0.11962 15  I77 D C05 
948  C C06 . I77 D 15 ? 0.41167 0.39728 1.09484 0.10672  -0.15714 -0.05415 15  I77 D C06 
949  C C08 . I77 D 15 ? 0.37591 0.40467 0.95771 0.12824  -0.13178 -0.05843 15  I77 D C08 
950  C C09 . I77 D 15 ? 0.38852 0.38357 0.89201 0.13825  -0.12787 -0.06599 15  I77 D C09 
951  N N01 . I77 D 15 ? 0.63084 0.48774 1.18621 -0.04068 -0.28326 -0.02564 15  I77 D N01 
952  N N07 . I77 D 15 ? 0.34830 0.45763 1.06028 0.11014  -0.10042 -0.03834 15  I77 D N07 
953  N N10 . I77 D 15 ? 0.42891 0.43615 0.99783 0.06877  0.03420  -0.15808 15  I77 D N10 
954  N N14 . I77 D 15 ? 0.24343 0.62497 0.38731 0.02053  -0.10382 -0.06166 15  I77 D N14 
955  N N15 . I77 D 15 ? 0.28717 0.65610 0.34123 0.00110  -0.07550 -0.03587 15  I77 D N15 
956  O O16 . I77 D 15 ? 0.26080 0.59900 0.51589 0.07165  -0.04908 -0.13701 15  I77 D O16 
957  O O19 . I77 D 15 ? 0.55957 0.47057 1.34686 -0.01607 -0.16022 -0.10769 15  I77 D O19 
968  C C1  . 5Z8 E .  ? 0.55537 0.74712 0.54841 -0.07505 -0.17735 0.01848  101 5Z8 A C1  
969  C C2  . 5Z8 E .  ? 0.49873 0.74137 0.53050 -0.07399 -0.15806 0.00200  101 5Z8 A C2  
970  O O3  . 5Z8 E .  ? 0.63131 0.75080 0.79140 -0.09254 -0.02080 -0.02149 101 5Z8 A O3  
971  C C4  . 5Z8 E .  ? 0.44184 0.73900 0.52806 -0.08485 -0.23240 -0.01688 101 5Z8 A C4  
972  C C5  . 5Z8 E .  ? 0.57266 0.75957 0.58877 -0.12853 -0.22136 -0.01346 101 5Z8 A C5  
973  C C6  . 5Z8 E .  ? 0.60709 0.78347 0.62024 -0.13120 -0.18994 0.01304  101 5Z8 A C6  
974  N N1  . 5Z8 E .  ? 0.51596 0.73836 0.52427 -0.04375 -0.15356 0.02595  101 5Z8 A N1  
975  O O1  . 5Z8 E .  ? 0.46328 0.72467 0.49054 0.00497  -0.10362 0.00783  101 5Z8 A O1  
976  N N2  . 5Z8 E .  ? 0.54885 0.73014 0.47270 -0.03093 -0.15482 0.02746  101 5Z8 A N2  
977  N N3  . 5Z8 E .  ? 0.64644 0.82171 0.67505 -0.13014 -0.11693 0.03424  101 5Z8 A N3  
978  O O2  . 5Z8 E .  ? 0.68994 0.90657 0.55689 -0.15050 -0.13289 0.11668  101 5Z8 A O2  
979  C C3  . 5Z8 E .  ? 0.36439 0.67140 0.45601 -0.03846 -0.22302 -0.01331 101 5Z8 A C3  
982  C C1  . 5Z8 F .  ? 0.46164 0.52535 0.60701 0.12436  0.00041  0.14208  101 5Z8 B C1  
983  C C2  . 5Z8 F .  ? 0.40435 0.40853 0.60472 0.21443  0.07849  0.08094  101 5Z8 B C2  
984  O O3  . 5Z8 F .  ? 0.53776 0.61064 0.59331 0.10071  -0.03617 0.24513  101 5Z8 B O3  
985  C C4  . 5Z8 F .  ? 0.41992 0.48499 0.49489 0.19334  0.06379  0.11898  101 5Z8 B C4  
986  C C5  . 5Z8 F .  ? 0.45462 0.50172 0.51515 0.18231  0.12422  0.10028  101 5Z8 B C5  
987  C C6  . 5Z8 F .  ? 0.50867 0.52921 0.53561 0.14157  0.05113  0.16570  101 5Z8 B C6  
988  N N1  . 5Z8 F .  ? 0.47840 0.37725 0.59924 0.22416  0.04835  0.10391  101 5Z8 B N1  
989  O O1  . 5Z8 F .  ? 0.48089 0.40062 0.58549 0.19522  -0.02828 0.16130  101 5Z8 B O1  
990  N N2  . 5Z8 F .  ? 0.41069 0.52229 0.62583 0.12963  -0.08603 0.18771  101 5Z8 B N2  
991  N N3  . 5Z8 F .  ? 0.46674 0.60285 0.58700 0.11079  0.04623  0.18658  101 5Z8 B N3  
992  O O2  . 5Z8 F .  ? 0.34960 0.61169 0.62702 0.13358  0.17872  0.10808  101 5Z8 B O2  
993  C C3  . 5Z8 F .  ? 0.30989 0.41259 0.52422 0.19876  -0.00090 0.05214  101 5Z8 B C3  
996  N N   . CCN G .  ? 0.40522 0.78409 0.45958 0.23784  0.08294  -0.02629 102 CCN B N   
997  C C1  . CCN G .  ? 0.41083 0.65364 0.49474 0.26391  0.09320  -0.02933 102 CCN B C1  
998  C C2  . CCN G .  ? 0.44584 0.61003 0.51923 0.26882  0.11757  -0.01974 102 CCN B C2  
1002 N N   . CCN H .  ? 0.39809 0.48097 0.67494 0.21742  0.10706  -0.07104 101 CCN D N   
1003 C C1  . CCN H .  ? 0.53789 0.49056 0.80905 0.16665  0.13638  -0.03377 101 CCN D C1  
1004 C C2  . CCN H .  ? 0.74366 0.55789 0.83155 0.05858  0.18928  -0.01216 101 CCN D C2  
1008 O O   . HOH I .  ? 0.56631 0.33165 0.47494 -0.15810 0.22121  -0.08883 201 HOH A O   
1009 O O   . HOH I .  ? 0.46162 0.84837 0.33771 0.12275  -0.04285 0.19694  202 HOH A O   
1010 O O   . HOH J .  ? 0.54030 0.47853 0.31047 -0.11967 0.14109  0.03590  201 HOH B O   
1011 O O   . HOH J .  ? 0.59292 0.73487 0.25371 0.11560  0.07956  -0.10079 202 HOH B O   
1012 O O   . HOH J .  ? 0.68710 0.64214 0.32156 -0.03698 -0.02111 0.03204  203 HOH B O   
1013 O O   . HOH K .  ? 0.58751 0.76778 0.43161 -0.05729 -0.06466 0.29941  101 HOH C O   
1014 O O   . HOH K .  ? 0.30300 0.52728 0.34862 0.03213  -0.05916 -0.00802 102 HOH C O   
1015 O O   . HOH K .  ? 0.39721 1.28330 0.68608 0.03448  -0.15829 0.00449  103 HOH C O   
1016 O O   . HOH L .  ? 0.74484 0.48566 0.62120 0.16964  0.14483  -0.21621 201 HOH D O   
# 
